data_7IBD
# 
_entry.id   7IBD 
# 
_audit_conform.dict_name       mmcif_pdbx.dic 
_audit_conform.dict_version    5.408 
_audit_conform.dict_location   http://mmcif.pdb.org/dictionaries/ascii/mmcif_pdbx.dic 
# 
loop_
_database_2.database_id 
_database_2.database_code 
_database_2.pdbx_database_accession 
_database_2.pdbx_DOI 
PDB   7IBD         pdb_00007ibd 10.2210/pdb7ibd/pdb 
WWPDB D_1001408552 ?            ?                   
# 
loop_
_pdbx_audit_revision_history.ordinal 
_pdbx_audit_revision_history.data_content_type 
_pdbx_audit_revision_history.major_revision 
_pdbx_audit_revision_history.minor_revision 
_pdbx_audit_revision_history.revision_date 
_pdbx_audit_revision_history.part_number 
1 'Structure model' 1 0 2025-10-22 ? 
2 'Structure model' 1 1 2025-12-10 ? 
# 
_pdbx_audit_revision_details.ordinal             1 
_pdbx_audit_revision_details.revision_ordinal    1 
_pdbx_audit_revision_details.data_content_type   'Structure model' 
_pdbx_audit_revision_details.provider            repository 
_pdbx_audit_revision_details.type                'Initial release' 
_pdbx_audit_revision_details.description         ? 
_pdbx_audit_revision_details.details             ? 
# 
_pdbx_audit_revision_group.ordinal             1 
_pdbx_audit_revision_group.revision_ordinal    2 
_pdbx_audit_revision_group.data_content_type   'Structure model' 
_pdbx_audit_revision_group.group               'Database references' 
# 
_pdbx_audit_revision_category.ordinal             1 
_pdbx_audit_revision_category.revision_ordinal    2 
_pdbx_audit_revision_category.data_content_type   'Structure model' 
_pdbx_audit_revision_category.category            citation 
# 
loop_
_pdbx_audit_revision_item.ordinal 
_pdbx_audit_revision_item.revision_ordinal 
_pdbx_audit_revision_item.data_content_type 
_pdbx_audit_revision_item.item 
1 2 'Structure model' '_citation.journal_volume' 
2 2 'Structure model' '_citation.page_first'     
3 2 'Structure model' '_citation.page_last'      
# 
_pdbx_database_status.entry_id                        7IBD 
_pdbx_database_status.status_code                     REL 
_pdbx_database_status.status_code_sf                  REL 
_pdbx_database_status.status_code_mr                  ? 
_pdbx_database_status.status_code_cs                  ? 
_pdbx_database_status.recvd_initial_deposition_date   2025-05-27 
_pdbx_database_status.status_code_nmr_data            ? 
_pdbx_database_status.deposit_site                    RCSB 
_pdbx_database_status.process_site                    RCSB 
_pdbx_database_status.SG_entry                        ? 
_pdbx_database_status.pdb_format_compatible           Y 
_pdbx_database_status.methods_development_category    ? 
# 
_pdbx_contact_author.id                 2 
_pdbx_contact_author.name_last          Weiss 
_pdbx_contact_author.name_first         Manfred 
_pdbx_contact_author.name_mi            S. 
_pdbx_contact_author.email              manfred.weiss@helmholtz-berlin.de 
_pdbx_contact_author.identifier_ORCID   0000-0002-2362-7047 
_pdbx_contact_author.role               'principal investigator/group leader' 
# 
loop_
_audit_author.pdbx_ordinal 
_audit_author.name 
_audit_author.identifier_ORCID 
1 'Lennartz, F.' 0000-0001-5617-5502 
2 'Weiss, M.S.'  0000-0002-2362-7047 
# 
_citation.id                        primary 
_citation.title                     
;Crystallographic fragment screening against SARS-CoV-2 nonstructural protein 1 using the F2X-Entry Screen and a newly developed fragment library.
;
_citation.journal_abbrev            'Acta Crystallogr D Struct Biol' 
_citation.journal_volume            81 
_citation.page_first                630 
_citation.page_last                 645 
_citation.year                      2025 
_citation.journal_id_ASTM           ? 
_citation.country                   ? 
_citation.journal_id_ISSN           2059-7983 
_citation.journal_id_CSD            ? 
_citation.book_publisher            ? 
_citation.pdbx_database_id_PubMed   41081353 
_citation.pdbx_database_id_DOI      10.1107/S2059798325008563 
# 
loop_
_citation_author.ordinal 
_citation_author.citation_id 
_citation_author.name 
_citation_author.identifier_ORCID 
1  primary 'Lennartz, F.'    ?                   
2  primary 'Wollenhaupt, J.' 0000-0002-3418-5213 
3  primary 'Oelker, M.'      0000-0001-7301-8445 
4  primary 'Froling, P.'     ?                   
5  primary 'Mueller, U.'     0000-0002-7139-0718 
6  primary 'Deckers, A.'     ?                   
7  primary 'Grathwol, C.'    ?                   
8  primary 'Brase, S.'       ?                   
9  primary 'Jung, N.'        0000-0001-9513-2468 
10 primary 'Weiss, M.S.'     0000-0002-2362-7047 
# 
loop_
_entity.id 
_entity.type 
_entity.src_method 
_entity.pdbx_description 
_entity.formula_weight 
_entity.pdbx_number_of_molecules 
_entity.pdbx_ec 
_entity.pdbx_mutation 
_entity.pdbx_fragment 
_entity.details 
1 polymer     man 'Host translation inhibitor nsp1' 12863.854 1  ? ? ? ? 
2 non-polymer syn '(R)-MANDELIC ACID'               152.147   1  ? ? ? ? 
3 water       nat water                             18.015    82 ? ? ? ? 
# 
_entity_name_com.entity_id   1 
_entity_name_com.name        'Leader protein,Non-structural protein 1,nsp1' 
# 
_entity_poly.entity_id                      1 
_entity_poly.type                           'polypeptide(L)' 
_entity_poly.nstd_linkage                   no 
_entity_poly.nstd_monomer                   no 
_entity_poly.pdbx_seq_one_letter_code       
;EKTHVQLSLPVLQVRDVLVRGFGDSVEEVLSEARQHLKDGTCGLVEVEKGVLPQLEQPYVFIKRSDARTAPHGHVMVELV
AELEGIQYGRSGETLGVLVPHVGEIPVAYRKVLLRK
;
_entity_poly.pdbx_seq_one_letter_code_can   
;EKTHVQLSLPVLQVRDVLVRGFGDSVEEVLSEARQHLKDGTCGLVEVEKGVLPQLEQPYVFIKRSDARTAPHGHVMVELV
AELEGIQYGRSGETLGVLVPHVGEIPVAYRKVLLRK
;
_entity_poly.pdbx_strand_id                 A 
_entity_poly.pdbx_target_identifier         ? 
# 
loop_
_pdbx_entity_nonpoly.entity_id 
_pdbx_entity_nonpoly.name 
_pdbx_entity_nonpoly.comp_id 
2 '(R)-MANDELIC ACID' RMN 
3 water               HOH 
# 
loop_
_entity_poly_seq.entity_id 
_entity_poly_seq.num 
_entity_poly_seq.mon_id 
_entity_poly_seq.hetero 
1 1   GLU n 
1 2   LYS n 
1 3   THR n 
1 4   HIS n 
1 5   VAL n 
1 6   GLN n 
1 7   LEU n 
1 8   SER n 
1 9   LEU n 
1 10  PRO n 
1 11  VAL n 
1 12  LEU n 
1 13  GLN n 
1 14  VAL n 
1 15  ARG n 
1 16  ASP n 
1 17  VAL n 
1 18  LEU n 
1 19  VAL n 
1 20  ARG n 
1 21  GLY n 
1 22  PHE n 
1 23  GLY n 
1 24  ASP n 
1 25  SER n 
1 26  VAL n 
1 27  GLU n 
1 28  GLU n 
1 29  VAL n 
1 30  LEU n 
1 31  SER n 
1 32  GLU n 
1 33  ALA n 
1 34  ARG n 
1 35  GLN n 
1 36  HIS n 
1 37  LEU n 
1 38  LYS n 
1 39  ASP n 
1 40  GLY n 
1 41  THR n 
1 42  CYS n 
1 43  GLY n 
1 44  LEU n 
1 45  VAL n 
1 46  GLU n 
1 47  VAL n 
1 48  GLU n 
1 49  LYS n 
1 50  GLY n 
1 51  VAL n 
1 52  LEU n 
1 53  PRO n 
1 54  GLN n 
1 55  LEU n 
1 56  GLU n 
1 57  GLN n 
1 58  PRO n 
1 59  TYR n 
1 60  VAL n 
1 61  PHE n 
1 62  ILE n 
1 63  LYS n 
1 64  ARG n 
1 65  SER n 
1 66  ASP n 
1 67  ALA n 
1 68  ARG n 
1 69  THR n 
1 70  ALA n 
1 71  PRO n 
1 72  HIS n 
1 73  GLY n 
1 74  HIS n 
1 75  VAL n 
1 76  MET n 
1 77  VAL n 
1 78  GLU n 
1 79  LEU n 
1 80  VAL n 
1 81  ALA n 
1 82  GLU n 
1 83  LEU n 
1 84  GLU n 
1 85  GLY n 
1 86  ILE n 
1 87  GLN n 
1 88  TYR n 
1 89  GLY n 
1 90  ARG n 
1 91  SER n 
1 92  GLY n 
1 93  GLU n 
1 94  THR n 
1 95  LEU n 
1 96  GLY n 
1 97  VAL n 
1 98  LEU n 
1 99  VAL n 
1 100 PRO n 
1 101 HIS n 
1 102 VAL n 
1 103 GLY n 
1 104 GLU n 
1 105 ILE n 
1 106 PRO n 
1 107 VAL n 
1 108 ALA n 
1 109 TYR n 
1 110 ARG n 
1 111 LYS n 
1 112 VAL n 
1 113 LEU n 
1 114 LEU n 
1 115 ARG n 
1 116 LYS n 
# 
_entity_src_gen.entity_id                          1 
_entity_src_gen.pdbx_src_id                        1 
_entity_src_gen.pdbx_alt_source_flag               sample 
_entity_src_gen.pdbx_seq_type                      'Biological sequence' 
_entity_src_gen.pdbx_beg_seq_num                   1 
_entity_src_gen.pdbx_end_seq_num                   116 
_entity_src_gen.gene_src_common_name               ? 
_entity_src_gen.gene_src_genus                     ? 
_entity_src_gen.pdbx_gene_src_gene                 'rep, 1a-1b' 
_entity_src_gen.gene_src_species                   ? 
_entity_src_gen.gene_src_strain                    ? 
_entity_src_gen.gene_src_tissue                    ? 
_entity_src_gen.gene_src_tissue_fraction           ? 
_entity_src_gen.gene_src_details                   ? 
_entity_src_gen.pdbx_gene_src_fragment             ? 
_entity_src_gen.pdbx_gene_src_scientific_name      'Severe acute respiratory syndrome coronavirus 2' 
_entity_src_gen.pdbx_gene_src_ncbi_taxonomy_id     2697049 
_entity_src_gen.pdbx_gene_src_variant              ? 
_entity_src_gen.pdbx_gene_src_cell_line            ? 
_entity_src_gen.pdbx_gene_src_atcc                 ? 
_entity_src_gen.pdbx_gene_src_organ                ? 
_entity_src_gen.pdbx_gene_src_organelle            ? 
_entity_src_gen.pdbx_gene_src_cell                 ? 
_entity_src_gen.pdbx_gene_src_cellular_location    ? 
_entity_src_gen.host_org_common_name               ? 
_entity_src_gen.pdbx_host_org_scientific_name      'Escherichia coli BL21(DE3)' 
_entity_src_gen.pdbx_host_org_ncbi_taxonomy_id     469008 
_entity_src_gen.host_org_genus                     ? 
_entity_src_gen.pdbx_host_org_gene                 ? 
_entity_src_gen.pdbx_host_org_organ                ? 
_entity_src_gen.host_org_species                   ? 
_entity_src_gen.pdbx_host_org_tissue               ? 
_entity_src_gen.pdbx_host_org_tissue_fraction      ? 
_entity_src_gen.pdbx_host_org_strain               ? 
_entity_src_gen.pdbx_host_org_variant              ? 
_entity_src_gen.pdbx_host_org_cell_line            ? 
_entity_src_gen.pdbx_host_org_atcc                 ? 
_entity_src_gen.pdbx_host_org_culture_collection   ? 
_entity_src_gen.pdbx_host_org_cell                 ? 
_entity_src_gen.pdbx_host_org_organelle            ? 
_entity_src_gen.pdbx_host_org_cellular_location    ? 
_entity_src_gen.pdbx_host_org_vector_type          plasmid 
_entity_src_gen.pdbx_host_org_vector               ? 
_entity_src_gen.host_org_details                   ? 
_entity_src_gen.expression_system_id               ? 
_entity_src_gen.plasmid_name                       pET15b 
_entity_src_gen.plasmid_details                    ? 
_entity_src_gen.pdbx_description                   ? 
# 
loop_
_chem_comp.id 
_chem_comp.type 
_chem_comp.mon_nstd_flag 
_chem_comp.name 
_chem_comp.pdbx_synonyms 
_chem_comp.formula 
_chem_comp.formula_weight 
ALA 'L-peptide linking' y ALANINE             ? 'C3 H7 N O2'     89.093  
ARG 'L-peptide linking' y ARGININE            ? 'C6 H15 N4 O2 1' 175.209 
ASP 'L-peptide linking' y 'ASPARTIC ACID'     ? 'C4 H7 N O4'     133.103 
CYS 'L-peptide linking' y CYSTEINE            ? 'C3 H7 N O2 S'   121.158 
GLN 'L-peptide linking' y GLUTAMINE           ? 'C5 H10 N2 O3'   146.144 
GLU 'L-peptide linking' y 'GLUTAMIC ACID'     ? 'C5 H9 N O4'     147.129 
GLY 'peptide linking'   y GLYCINE             ? 'C2 H5 N O2'     75.067  
HIS 'L-peptide linking' y HISTIDINE           ? 'C6 H10 N3 O2 1' 156.162 
HOH non-polymer         . WATER               ? 'H2 O'           18.015  
ILE 'L-peptide linking' y ISOLEUCINE          ? 'C6 H13 N O2'    131.173 
LEU 'L-peptide linking' y LEUCINE             ? 'C6 H13 N O2'    131.173 
LYS 'L-peptide linking' y LYSINE              ? 'C6 H15 N2 O2 1' 147.195 
MET 'L-peptide linking' y METHIONINE          ? 'C5 H11 N O2 S'  149.211 
PHE 'L-peptide linking' y PHENYLALANINE       ? 'C9 H11 N O2'    165.189 
PRO 'L-peptide linking' y PROLINE             ? 'C5 H9 N O2'     115.130 
RMN non-polymer         . '(R)-MANDELIC ACID' ? 'C8 H8 O3'       152.147 
SER 'L-peptide linking' y SERINE              ? 'C3 H7 N O3'     105.093 
THR 'L-peptide linking' y THREONINE           ? 'C4 H9 N O3'     119.119 
TYR 'L-peptide linking' y TYROSINE            ? 'C9 H11 N O3'    181.189 
VAL 'L-peptide linking' y VALINE              ? 'C5 H11 N O2'    117.146 
# 
loop_
_pdbx_poly_seq_scheme.asym_id 
_pdbx_poly_seq_scheme.entity_id 
_pdbx_poly_seq_scheme.seq_id 
_pdbx_poly_seq_scheme.mon_id 
_pdbx_poly_seq_scheme.ndb_seq_num 
_pdbx_poly_seq_scheme.pdb_seq_num 
_pdbx_poly_seq_scheme.auth_seq_num 
_pdbx_poly_seq_scheme.pdb_mon_id 
_pdbx_poly_seq_scheme.auth_mon_id 
_pdbx_poly_seq_scheme.pdb_strand_id 
_pdbx_poly_seq_scheme.pdb_ins_code 
_pdbx_poly_seq_scheme.hetero 
A 1 1   GLU 1   10  ?   ?   ?   A . n 
A 1 2   LYS 2   11  11  LYS LYS A . n 
A 1 3   THR 3   12  12  THR THR A . n 
A 1 4   HIS 4   13  13  HIS HIS A . n 
A 1 5   VAL 5   14  14  VAL VAL A . n 
A 1 6   GLN 6   15  15  GLN GLN A . n 
A 1 7   LEU 7   16  16  LEU LEU A . n 
A 1 8   SER 8   17  17  SER SER A . n 
A 1 9   LEU 9   18  18  LEU LEU A . n 
A 1 10  PRO 10  19  19  PRO PRO A . n 
A 1 11  VAL 11  20  20  VAL VAL A . n 
A 1 12  LEU 12  21  21  LEU LEU A . n 
A 1 13  GLN 13  22  22  GLN GLN A . n 
A 1 14  VAL 14  23  23  VAL VAL A . n 
A 1 15  ARG 15  24  24  ARG ARG A . n 
A 1 16  ASP 16  25  25  ASP ASP A . n 
A 1 17  VAL 17  26  26  VAL VAL A . n 
A 1 18  LEU 18  27  27  LEU LEU A . n 
A 1 19  VAL 19  28  28  VAL VAL A . n 
A 1 20  ARG 20  29  29  ARG ARG A . n 
A 1 21  GLY 21  30  30  GLY GLY A . n 
A 1 22  PHE 22  31  31  PHE PHE A . n 
A 1 23  GLY 23  32  32  GLY GLY A . n 
A 1 24  ASP 24  33  33  ASP ASP A . n 
A 1 25  SER 25  34  34  SER SER A . n 
A 1 26  VAL 26  35  35  VAL VAL A . n 
A 1 27  GLU 27  36  36  GLU GLU A . n 
A 1 28  GLU 28  37  37  GLU GLU A . n 
A 1 29  VAL 29  38  38  VAL VAL A . n 
A 1 30  LEU 30  39  39  LEU LEU A . n 
A 1 31  SER 31  40  40  SER SER A . n 
A 1 32  GLU 32  41  41  GLU GLU A . n 
A 1 33  ALA 33  42  42  ALA ALA A . n 
A 1 34  ARG 34  43  43  ARG ARG A . n 
A 1 35  GLN 35  44  44  GLN GLN A . n 
A 1 36  HIS 36  45  45  HIS HIS A . n 
A 1 37  LEU 37  46  46  LEU LEU A . n 
A 1 38  LYS 38  47  47  LYS LYS A . n 
A 1 39  ASP 39  48  48  ASP ASP A . n 
A 1 40  GLY 40  49  49  GLY GLY A . n 
A 1 41  THR 41  50  50  THR THR A . n 
A 1 42  CYS 42  51  51  CYS CYS A . n 
A 1 43  GLY 43  52  52  GLY GLY A . n 
A 1 44  LEU 44  53  53  LEU LEU A . n 
A 1 45  VAL 45  54  54  VAL VAL A . n 
A 1 46  GLU 46  55  55  GLU GLU A . n 
A 1 47  VAL 47  56  56  VAL VAL A . n 
A 1 48  GLU 48  57  57  GLU GLU A . n 
A 1 49  LYS 49  58  58  LYS LYS A . n 
A 1 50  GLY 50  59  59  GLY GLY A . n 
A 1 51  VAL 51  60  60  VAL VAL A . n 
A 1 52  LEU 52  61  61  LEU LEU A . n 
A 1 53  PRO 53  62  62  PRO PRO A . n 
A 1 54  GLN 54  63  63  GLN GLN A . n 
A 1 55  LEU 55  64  64  LEU LEU A . n 
A 1 56  GLU 56  65  65  GLU GLU A . n 
A 1 57  GLN 57  66  66  GLN GLN A . n 
A 1 58  PRO 58  67  67  PRO PRO A . n 
A 1 59  TYR 59  68  68  TYR TYR A . n 
A 1 60  VAL 60  69  69  VAL VAL A . n 
A 1 61  PHE 61  70  70  PHE PHE A . n 
A 1 62  ILE 62  71  71  ILE ILE A . n 
A 1 63  LYS 63  72  72  LYS LYS A . n 
A 1 64  ARG 64  73  73  ARG ARG A . n 
A 1 65  SER 65  74  74  SER SER A . n 
A 1 66  ASP 66  75  75  ASP ASP A . n 
A 1 67  ALA 67  76  76  ALA ALA A . n 
A 1 68  ARG 68  77  ?   ?   ?   A . n 
A 1 69  THR 69  78  ?   ?   ?   A . n 
A 1 70  ALA 70  79  79  ALA ALA A . n 
A 1 71  PRO 71  80  80  PRO PRO A . n 
A 1 72  HIS 72  81  81  HIS HIS A . n 
A 1 73  GLY 73  82  82  GLY GLY A . n 
A 1 74  HIS 74  83  83  HIS HIS A . n 
A 1 75  VAL 75  84  84  VAL VAL A . n 
A 1 76  MET 76  85  85  MET MET A . n 
A 1 77  VAL 77  86  86  VAL VAL A . n 
A 1 78  GLU 78  87  87  GLU GLU A . n 
A 1 79  LEU 79  88  88  LEU LEU A . n 
A 1 80  VAL 80  89  89  VAL VAL A . n 
A 1 81  ALA 81  90  90  ALA ALA A . n 
A 1 82  GLU 82  91  91  GLU GLU A . n 
A 1 83  LEU 83  92  92  LEU LEU A . n 
A 1 84  GLU 84  93  93  GLU GLU A . n 
A 1 85  GLY 85  94  94  GLY GLY A . n 
A 1 86  ILE 86  95  95  ILE ILE A . n 
A 1 87  GLN 87  96  96  GLN GLN A . n 
A 1 88  TYR 88  97  97  TYR TYR A . n 
A 1 89  GLY 89  98  98  GLY GLY A . n 
A 1 90  ARG 90  99  99  ARG ARG A . n 
A 1 91  SER 91  100 100 SER SER A . n 
A 1 92  GLY 92  101 101 GLY GLY A . n 
A 1 93  GLU 93  102 102 GLU GLU A . n 
A 1 94  THR 94  103 103 THR THR A . n 
A 1 95  LEU 95  104 104 LEU LEU A . n 
A 1 96  GLY 96  105 105 GLY GLY A . n 
A 1 97  VAL 97  106 106 VAL VAL A . n 
A 1 98  LEU 98  107 107 LEU LEU A . n 
A 1 99  VAL 99  108 108 VAL VAL A . n 
A 1 100 PRO 100 109 109 PRO PRO A . n 
A 1 101 HIS 101 110 110 HIS HIS A . n 
A 1 102 VAL 102 111 111 VAL VAL A . n 
A 1 103 GLY 103 112 112 GLY GLY A . n 
A 1 104 GLU 104 113 113 GLU GLU A . n 
A 1 105 ILE 105 114 114 ILE ILE A . n 
A 1 106 PRO 106 115 115 PRO PRO A . n 
A 1 107 VAL 107 116 116 VAL VAL A . n 
A 1 108 ALA 108 117 117 ALA ALA A . n 
A 1 109 TYR 109 118 118 TYR TYR A . n 
A 1 110 ARG 110 119 119 ARG ARG A . n 
A 1 111 LYS 111 120 120 LYS LYS A . n 
A 1 112 VAL 112 121 121 VAL VAL A . n 
A 1 113 LEU 113 122 122 LEU LEU A . n 
A 1 114 LEU 114 123 123 LEU LEU A . n 
A 1 115 ARG 115 124 124 ARG ARG A . n 
A 1 116 LYS 116 125 125 LYS LYS A . n 
# 
_pdbx_entity_instance_feature.ordinal        1 
_pdbx_entity_instance_feature.comp_id        RMN 
_pdbx_entity_instance_feature.asym_id        ? 
_pdbx_entity_instance_feature.seq_num        ? 
_pdbx_entity_instance_feature.auth_comp_id   RMN 
_pdbx_entity_instance_feature.auth_asym_id   ? 
_pdbx_entity_instance_feature.auth_seq_num   ? 
_pdbx_entity_instance_feature.feature_type   'SUBJECT OF INVESTIGATION' 
_pdbx_entity_instance_feature.details        ? 
# 
loop_
_pdbx_nonpoly_scheme.asym_id 
_pdbx_nonpoly_scheme.entity_id 
_pdbx_nonpoly_scheme.mon_id 
_pdbx_nonpoly_scheme.ndb_seq_num 
_pdbx_nonpoly_scheme.pdb_seq_num 
_pdbx_nonpoly_scheme.auth_seq_num 
_pdbx_nonpoly_scheme.pdb_mon_id 
_pdbx_nonpoly_scheme.auth_mon_id 
_pdbx_nonpoly_scheme.pdb_strand_id 
_pdbx_nonpoly_scheme.pdb_ins_code 
B 2 RMN 1  201 210 RMN LIG A . 
C 3 HOH 1  301 28  HOH HOH A . 
C 3 HOH 2  302 44  HOH HOH A . 
C 3 HOH 3  303 72  HOH HOH A . 
C 3 HOH 4  304 42  HOH HOH A . 
C 3 HOH 5  305 80  HOH HOH A . 
C 3 HOH 6  306 68  HOH HOH A . 
C 3 HOH 7  307 37  HOH HOH A . 
C 3 HOH 8  308 56  HOH HOH A . 
C 3 HOH 9  309 40  HOH HOH A . 
C 3 HOH 10 310 16  HOH HOH A . 
C 3 HOH 11 311 23  HOH HOH A . 
C 3 HOH 12 312 66  HOH HOH A . 
C 3 HOH 13 313 35  HOH HOH A . 
C 3 HOH 14 314 46  HOH HOH A . 
C 3 HOH 15 315 19  HOH HOH A . 
C 3 HOH 16 316 64  HOH HOH A . 
C 3 HOH 17 317 43  HOH HOH A . 
C 3 HOH 18 318 77  HOH HOH A . 
C 3 HOH 19 319 25  HOH HOH A . 
C 3 HOH 20 320 73  HOH HOH A . 
C 3 HOH 21 321 36  HOH HOH A . 
C 3 HOH 22 322 6   HOH HOH A . 
C 3 HOH 23 323 15  HOH HOH A . 
C 3 HOH 24 324 82  HOH HOH A . 
C 3 HOH 25 325 55  HOH HOH A . 
C 3 HOH 26 326 3   HOH HOH A . 
C 3 HOH 27 327 24  HOH HOH A . 
C 3 HOH 28 328 10  HOH HOH A . 
C 3 HOH 29 329 4   HOH HOH A . 
C 3 HOH 30 330 9   HOH HOH A . 
C 3 HOH 31 331 14  HOH HOH A . 
C 3 HOH 32 332 7   HOH HOH A . 
C 3 HOH 33 333 22  HOH HOH A . 
C 3 HOH 34 334 78  HOH HOH A . 
C 3 HOH 35 335 12  HOH HOH A . 
C 3 HOH 36 336 30  HOH HOH A . 
C 3 HOH 37 337 76  HOH HOH A . 
C 3 HOH 38 338 2   HOH HOH A . 
C 3 HOH 39 339 26  HOH HOH A . 
C 3 HOH 40 340 69  HOH HOH A . 
C 3 HOH 41 341 21  HOH HOH A . 
C 3 HOH 42 342 1   HOH HOH A . 
C 3 HOH 43 343 13  HOH HOH A . 
C 3 HOH 44 344 29  HOH HOH A . 
C 3 HOH 45 345 51  HOH HOH A . 
C 3 HOH 46 346 18  HOH HOH A . 
C 3 HOH 47 347 48  HOH HOH A . 
C 3 HOH 48 348 39  HOH HOH A . 
C 3 HOH 49 349 50  HOH HOH A . 
C 3 HOH 50 350 8   HOH HOH A . 
C 3 HOH 51 351 20  HOH HOH A . 
C 3 HOH 52 352 74  HOH HOH A . 
C 3 HOH 53 353 57  HOH HOH A . 
C 3 HOH 54 354 33  HOH HOH A . 
C 3 HOH 55 355 27  HOH HOH A . 
C 3 HOH 56 356 71  HOH HOH A . 
C 3 HOH 57 357 52  HOH HOH A . 
C 3 HOH 58 358 60  HOH HOH A . 
C 3 HOH 59 359 17  HOH HOH A . 
C 3 HOH 60 360 38  HOH HOH A . 
C 3 HOH 61 361 32  HOH HOH A . 
C 3 HOH 62 362 11  HOH HOH A . 
C 3 HOH 63 363 34  HOH HOH A . 
C 3 HOH 64 364 65  HOH HOH A . 
C 3 HOH 65 365 49  HOH HOH A . 
C 3 HOH 66 366 45  HOH HOH A . 
C 3 HOH 67 367 58  HOH HOH A . 
C 3 HOH 68 368 81  HOH HOH A . 
C 3 HOH 69 369 79  HOH HOH A . 
C 3 HOH 70 370 5   HOH HOH A . 
C 3 HOH 71 371 31  HOH HOH A . 
C 3 HOH 72 372 67  HOH HOH A . 
C 3 HOH 73 373 47  HOH HOH A . 
C 3 HOH 74 374 53  HOH HOH A . 
C 3 HOH 75 375 62  HOH HOH A . 
C 3 HOH 76 376 61  HOH HOH A . 
C 3 HOH 77 377 70  HOH HOH A . 
C 3 HOH 78 378 63  HOH HOH A . 
C 3 HOH 79 379 41  HOH HOH A . 
C 3 HOH 80 380 59  HOH HOH A . 
C 3 HOH 81 381 54  HOH HOH A . 
C 3 HOH 82 382 75  HOH HOH A . 
# 
loop_
_pdbx_unobs_or_zero_occ_atoms.id 
_pdbx_unobs_or_zero_occ_atoms.PDB_model_num 
_pdbx_unobs_or_zero_occ_atoms.polymer_flag 
_pdbx_unobs_or_zero_occ_atoms.occupancy_flag 
_pdbx_unobs_or_zero_occ_atoms.auth_asym_id 
_pdbx_unobs_or_zero_occ_atoms.auth_comp_id 
_pdbx_unobs_or_zero_occ_atoms.auth_seq_id 
_pdbx_unobs_or_zero_occ_atoms.PDB_ins_code 
_pdbx_unobs_or_zero_occ_atoms.auth_atom_id 
_pdbx_unobs_or_zero_occ_atoms.label_alt_id 
_pdbx_unobs_or_zero_occ_atoms.label_asym_id 
_pdbx_unobs_or_zero_occ_atoms.label_comp_id 
_pdbx_unobs_or_zero_occ_atoms.label_seq_id 
_pdbx_unobs_or_zero_occ_atoms.label_atom_id 
1 1 Y 1 A LYS 125 ? CG ? A LYS 116 CG 
2 1 Y 1 A LYS 125 ? CD ? A LYS 116 CD 
3 1 Y 1 A LYS 125 ? CE ? A LYS 116 CE 
4 1 Y 1 A LYS 125 ? NZ ? A LYS 116 NZ 
# 
loop_
_software.classification 
_software.name 
_software.version 
_software.citation_id 
_software.pdbx_ordinal 
refinement       REFMAC 5.8.0267 ? 1 
phasing          PHASER .        ? 2 
'data scaling'   XDS    .        ? 3 
'data reduction' XDS    .        ? 4 
# 
_cell.entry_id           7IBD 
_cell.length_a           36.700 
_cell.length_b           36.700 
_cell.length_c           142.210 
_cell.angle_alpha        90.00 
_cell.angle_beta         90.00 
_cell.angle_gamma        90.00 
_cell.Z_PDB              8 
_cell.pdbx_unique_axis   ? 
# 
_symmetry.entry_id                         7IBD 
_symmetry.space_group_name_H-M             'P 43 21 2' 
_symmetry.pdbx_full_space_group_name_H-M   ? 
_symmetry.cell_setting                     ? 
_symmetry.Int_Tables_number                96 
# 
_exptl.entry_id          7IBD 
_exptl.method            'X-RAY DIFFRACTION' 
_exptl.crystals_number   1 
# 
_exptl_crystal.id                    1 
_exptl_crystal.density_Matthews      1.86 
_exptl_crystal.density_percent_sol   34.06 
_exptl_crystal.density_meas          ? 
_exptl_crystal.description           ? 
# 
_exptl_crystal_grow.crystal_id      1 
_exptl_crystal_grow.method          'VAPOR DIFFUSION, SITTING DROP' 
_exptl_crystal_grow.pdbx_details    '0.1 M HEPES pH 7.5 and 25% (w/v) PEG 3350. Reproducibility was improved by seeding.' 
_exptl_crystal_grow.temp            293 
_exptl_crystal_grow.pH              7.5 
_exptl_crystal_grow.temp_details    ? 
_exptl_crystal_grow.pdbx_pH_range   ? 
# 
_diffrn.id                     1 
_diffrn.ambient_temp           100 
_diffrn.crystal_id             1 
_diffrn.ambient_temp_details   ? 
# 
_diffrn_detector.diffrn_id              1 
_diffrn_detector.detector               PIXEL 
_diffrn_detector.pdbx_collection_date   2023-05-02 
_diffrn_detector.type                   'DECTRIS PILATUS3 6M' 
_diffrn_detector.id                     1 
_diffrn_detector.details                ? 
# 
_diffrn_radiation.diffrn_id                        1 
_diffrn_radiation.pdbx_diffrn_protocol             'SINGLE WAVELENGTH' 
_diffrn_radiation.pdbx_monochromatic_or_laue_m_l   M 
_diffrn_radiation.pdbx_scattering_type             x-ray 
_diffrn_radiation.wavelength_id                    1 
_diffrn_radiation.monochromator                    ? 
# 
_diffrn_radiation_wavelength.id           1 
_diffrn_radiation_wavelength.wavelength   0.9184 
_diffrn_radiation_wavelength.wt           1.0 
# 
_diffrn_source.diffrn_id                   1 
_diffrn_source.pdbx_wavelength_list        0.9184 
_diffrn_source.source                      SYNCHROTRON 
_diffrn_source.type                        'BESSY BEAMLINE 14.1' 
_diffrn_source.pdbx_synchrotron_site       BESSY 
_diffrn_source.pdbx_synchrotron_beamline   14.1 
_diffrn_source.pdbx_wavelength             ? 
# 
_reflns.entry_id                     7IBD 
_reflns.pdbx_diffrn_id               1 
_reflns.pdbx_ordinal                 1 
_reflns.d_resolution_low             35.54 
_reflns.d_resolution_high            1.54 
_reflns.number_obs                   15270 
_reflns.percent_possible_obs         100.0 
_reflns.pdbx_Rmerge_I_obs            0.061 
_reflns.pdbx_netI_over_sigmaI        20.26 
_reflns.pdbx_Rrim_I_all              0.063 
_reflns.pdbx_CC_half                 1.0 
_reflns.pdbx_number_measured_all     188008 
_reflns.observed_criterion_sigma_I   ? 
_reflns.observed_criterion_sigma_F   ? 
_reflns.number_all                   ? 
_reflns.pdbx_Rsym_value              ? 
_reflns.B_iso_Wilson_estimate        ? 
_reflns.pdbx_redundancy              ? 
# 
loop_
_reflns_shell.pdbx_diffrn_id 
_reflns_shell.pdbx_ordinal 
_reflns_shell.d_res_high 
_reflns_shell.d_res_low 
_reflns_shell.number_measured_obs 
_reflns_shell.number_unique_obs 
_reflns_shell.Rmerge_I_obs 
_reflns_shell.percent_possible_obs 
_reflns_shell.pdbx_netI_over_sigmaI_obs 
_reflns_shell.pdbx_Rrim_I_all 
_reflns_shell.pdbx_CC_half 
_reflns_shell.percent_possible_all 
_reflns_shell.pdbx_Rsym_value 
_reflns_shell.meanI_over_sigI_obs 
_reflns_shell.pdbx_redundancy 
1 1 1.54 1.63 29627 2398 2.504                100.0 0.89  2.612                0.428              ? ? ? ? 
1 2 1.63 1.75 29262 2272 1.3019999999999998   100.0 1.86  1.3559999999999999   0.731              ? ? ? ? 
1 3 1.75 1.89 24870 2078 0.6709999999999999   100.0 3.52  0.701                0.907              ? ? ? ? 
1 4 1.89 2.06 25626 1979 0.304                100.0 8.05  0.316                0.981              ? ? ? ? 
1 5 2.06 2.31 22679 1786 0.161                99.9  15.44 0.168                0.9940000000000001 ? ? ? ? 
1 6 2.31 2.66 19436 1592 0.09699999999999999  100.0 24.86 0.10099999999999999  0.998              ? ? ? ? 
1 7 2.66 3.26 16907 1376 0.053                100.0 45.08 0.055                0.9990000000000001 ? ? ? ? 
1 8 3.26 4.59 12593 1110 0.026000000000000002 100.0 81.36 0.027999999999999997 1.0                ? ? ? ? 
1 9 4.59 ?    6997  678  0.02                 99.9  88.79 0.021                1.0                ? ? ? ? 
# 
_refine.pdbx_refine_id                           'X-RAY DIFFRACTION' 
_refine.entry_id                                 7IBD 
_refine.pdbx_diffrn_id                           1 
_refine.pdbx_TLS_residual_ADP_flag               ? 
_refine.ls_number_reflns_obs                     14506 
_refine.ls_number_reflns_all                     ? 
_refine.pdbx_ls_sigma_I                          ? 
_refine.pdbx_ls_sigma_F                          ? 
_refine.pdbx_data_cutoff_high_absF               ? 
_refine.pdbx_data_cutoff_low_absF                ? 
_refine.pdbx_data_cutoff_high_rms_absF           ? 
_refine.ls_d_res_low                             35.54 
_refine.ls_d_res_high                            1.54 
_refine.ls_percent_reflns_obs                    99.99 
_refine.ls_R_factor_obs                          0.20192 
_refine.ls_R_factor_all                          ? 
_refine.ls_R_factor_R_work                       0.20077 
_refine.ls_R_factor_R_free                       0.22315 
_refine.ls_R_factor_R_free_error                 ? 
_refine.ls_R_factor_R_free_error_details         ? 
_refine.ls_percent_reflns_R_free                 5.0 
_refine.ls_number_reflns_R_free                  764 
_refine.ls_number_parameters                     ? 
_refine.ls_number_restraints                     ? 
_refine.occupancy_min                            ? 
_refine.occupancy_max                            ? 
_refine.correlation_coeff_Fo_to_Fc               0.966 
_refine.correlation_coeff_Fo_to_Fc_free          0.961 
_refine.B_iso_mean                               34.039 
_refine.aniso_B[1][1]                            0.36 
_refine.aniso_B[2][2]                            0.36 
_refine.aniso_B[3][3]                            -0.71 
_refine.aniso_B[1][2]                            -0.00 
_refine.aniso_B[1][3]                            -0.00 
_refine.aniso_B[2][3]                            -0.00 
_refine.solvent_model_details                    MASK 
_refine.solvent_model_param_ksol                 ? 
_refine.solvent_model_param_bsol                 ? 
_refine.pdbx_solvent_vdw_probe_radii             1.20 
_refine.pdbx_solvent_ion_probe_radii             0.80 
_refine.pdbx_solvent_shrinkage_radii             0.80 
_refine.pdbx_ls_cross_valid_method               THROUGHOUT 
_refine.details                                  'HYDROGENS HAVE BEEN ADDED IN THE RIDING POSITIONS' 
_refine.pdbx_starting_model                      ? 
_refine.pdbx_method_to_determine_struct          'MOLECULAR REPLACEMENT' 
_refine.pdbx_isotropic_thermal_model             ? 
_refine.pdbx_stereochemistry_target_values       'MAXIMUM LIKELIHOOD' 
_refine.pdbx_stereochem_target_val_spec_case     ? 
_refine.pdbx_R_Free_selection_details            RANDOM 
_refine.pdbx_overall_ESU_R                       0.131 
_refine.pdbx_overall_ESU_R_Free                  0.112 
_refine.overall_SU_ML                            0.103 
_refine.pdbx_overall_phase_error                 ? 
_refine.overall_SU_B                             3.096 
_refine.overall_SU_R_Cruickshank_DPI             ? 
_refine.pdbx_overall_SU_R_free_Cruickshank_DPI   ? 
_refine.pdbx_overall_SU_R_Blow_DPI               ? 
_refine.pdbx_overall_SU_R_free_Blow_DPI          ? 
# 
_refine_hist.pdbx_refine_id                   'X-RAY DIFFRACTION' 
_refine_hist.cycle_id                         1 
_refine_hist.pdbx_number_atoms_protein        873 
_refine_hist.pdbx_number_atoms_nucleic_acid   0 
_refine_hist.pdbx_number_atoms_ligand         11 
_refine_hist.number_atoms_solvent             82 
_refine_hist.number_atoms_total               966 
_refine_hist.d_res_high                       1.54 
_refine_hist.d_res_low                        35.54 
# 
loop_
_refine_ls_restr.type 
_refine_ls_restr.dev_ideal 
_refine_ls_restr.dev_ideal_target 
_refine_ls_restr.weight 
_refine_ls_restr.number 
_refine_ls_restr.pdbx_refine_id 
_refine_ls_restr.pdbx_restraint_function 
r_bond_refined_d             0.008  0.014  ? 1783 'X-RAY DIFFRACTION' ? 
r_bond_other_d               0.001  0.017  ? 1424 'X-RAY DIFFRACTION' ? 
r_angle_refined_deg          1.517  1.640  ? 1973 'X-RAY DIFFRACTION' ? 
r_angle_other_deg            1.314  1.588  ? 3281 'X-RAY DIFFRACTION' ? 
r_dihedral_angle_1_deg       7.158  5.000  ? 195  'X-RAY DIFFRACTION' ? 
r_dihedral_angle_2_deg       27.662 20.556 ? 72   'X-RAY DIFFRACTION' ? 
r_dihedral_angle_3_deg       13.112 15.000 ? 255  'X-RAY DIFFRACTION' ? 
r_dihedral_angle_4_deg       12.141 15.000 ? 13   'X-RAY DIFFRACTION' ? 
r_chiral_restr               0.074  0.200  ? 173  'X-RAY DIFFRACTION' ? 
r_gen_planes_refined         0.007  0.020  ? 1706 'X-RAY DIFFRACTION' ? 
r_gen_planes_other           0.002  0.020  ? 332  'X-RAY DIFFRACTION' ? 
r_nbd_refined                ?      ?      ? ?    'X-RAY DIFFRACTION' ? 
r_nbd_other                  ?      ?      ? ?    'X-RAY DIFFRACTION' ? 
r_nbtor_refined              ?      ?      ? ?    'X-RAY DIFFRACTION' ? 
r_nbtor_other                ?      ?      ? ?    'X-RAY DIFFRACTION' ? 
r_xyhbond_nbd_refined        ?      ?      ? ?    'X-RAY DIFFRACTION' ? 
r_xyhbond_nbd_other          ?      ?      ? ?    'X-RAY DIFFRACTION' ? 
r_metal_ion_refined          ?      ?      ? ?    'X-RAY DIFFRACTION' ? 
r_metal_ion_other            ?      ?      ? ?    'X-RAY DIFFRACTION' ? 
r_symmetry_vdw_refined       ?      ?      ? ?    'X-RAY DIFFRACTION' ? 
r_symmetry_vdw_other         ?      ?      ? ?    'X-RAY DIFFRACTION' ? 
r_symmetry_hbond_refined     ?      ?      ? ?    'X-RAY DIFFRACTION' ? 
r_symmetry_hbond_other       ?      ?      ? ?    'X-RAY DIFFRACTION' ? 
r_symmetry_metal_ion_refined ?      ?      ? ?    'X-RAY DIFFRACTION' ? 
r_symmetry_metal_ion_other   ?      ?      ? ?    'X-RAY DIFFRACTION' ? 
r_mcbond_it                  2.255  3.230  ? 897  'X-RAY DIFFRACTION' ? 
r_mcbond_other               2.269  3.201  ? 883  'X-RAY DIFFRACTION' ? 
r_mcangle_it                 3.566  4.752  ? 937  'X-RAY DIFFRACTION' ? 
r_mcangle_other              3.564  4.757  ? 938  'X-RAY DIFFRACTION' ? 
r_scbond_it                  3.177  3.762  ? 886  'X-RAY DIFFRACTION' ? 
r_scbond_other               3.186  3.756  ? 880  'X-RAY DIFFRACTION' ? 
r_scangle_it                 ?      ?      ? ?    'X-RAY DIFFRACTION' ? 
r_scangle_other              5.526  5.409  ? 1035 'X-RAY DIFFRACTION' ? 
r_long_range_B_refined       7.670  38.508 ? 1492 'X-RAY DIFFRACTION' ? 
r_long_range_B_other         7.615  38.253 ? 1478 'X-RAY DIFFRACTION' ? 
r_rigid_bond_restr           ?      ?      ? ?    'X-RAY DIFFRACTION' ? 
r_sphericity_free            ?      ?      ? ?    'X-RAY DIFFRACTION' ? 
r_sphericity_bonded          ?      ?      ? ?    'X-RAY DIFFRACTION' ? 
# 
_refine_ls_shell.pdbx_refine_id                   'X-RAY DIFFRACTION' 
_refine_ls_shell.pdbx_total_number_of_bins_used   20 
_refine_ls_shell.d_res_high                       1.540 
_refine_ls_shell.d_res_low                        1.580 
_refine_ls_shell.number_reflns_R_work             1039 
_refine_ls_shell.R_factor_R_work                  0.362 
_refine_ls_shell.percent_reflns_obs               100.00 
_refine_ls_shell.R_factor_R_free                  0.310 
_refine_ls_shell.R_factor_R_free_error            ? 
_refine_ls_shell.percent_reflns_R_free            ? 
_refine_ls_shell.number_reflns_R_free             55 
_refine_ls_shell.number_reflns_all                ? 
_refine_ls_shell.R_factor_all                     ? 
# 
_struct.entry_id                  7IBD 
_struct.title                     
'PanDDA analysis group deposition -- SARS-CoV-2 Nsp1 in complex with fragment X2317 (well E01) from the KIT library' 
_struct.pdbx_CASP_flag            N 
_struct.pdbx_model_details        ? 
_struct.pdbx_model_type_details   ? 
# 
_struct_keywords.entry_id        7IBD 
_struct_keywords.pdbx_keywords   'VIRAL PROTEIN' 
_struct_keywords.text            'SARS-CoV-2, fragment screen, Nsp1, KIT library, VIRAL PROTEIN' 
# 
loop_
_struct_asym.id 
_struct_asym.pdbx_blank_PDB_chainid_flag 
_struct_asym.pdbx_modified 
_struct_asym.entity_id 
_struct_asym.details 
A N N 1 ? 
B N N 2 ? 
C N N 3 ? 
# 
_struct_ref.id                         1 
_struct_ref.db_name                    UNP 
_struct_ref.db_code                    R1AB_SARS2 
_struct_ref.pdbx_db_accession          P0DTD1 
_struct_ref.pdbx_db_isoform            ? 
_struct_ref.entity_id                  1 
_struct_ref.pdbx_seq_one_letter_code   
;EKTHVQLSLPVLQVRDVLVRGFGDSVEEVLSEARQHLKDGTCGLVEVEKGVLPQLEQPYVFIKRSDARTAPHGHVMVELV
AELEGIQYGRSGETLGVLVPHVGEIPVAYRKVLLRK
;
_struct_ref.pdbx_align_begin           10 
# 
_struct_ref_seq.align_id                      1 
_struct_ref_seq.ref_id                        1 
_struct_ref_seq.pdbx_PDB_id_code              7IBD 
_struct_ref_seq.pdbx_strand_id                A 
_struct_ref_seq.seq_align_beg                 1 
_struct_ref_seq.pdbx_seq_align_beg_ins_code   ? 
_struct_ref_seq.seq_align_end                 116 
_struct_ref_seq.pdbx_seq_align_end_ins_code   ? 
_struct_ref_seq.pdbx_db_accession             P0DTD1 
_struct_ref_seq.db_align_beg                  10 
_struct_ref_seq.pdbx_db_align_beg_ins_code    ? 
_struct_ref_seq.db_align_end                  125 
_struct_ref_seq.pdbx_db_align_end_ins_code    ? 
_struct_ref_seq.pdbx_auth_seq_align_beg       10 
_struct_ref_seq.pdbx_auth_seq_align_end       125 
# 
_pdbx_struct_assembly.id                   1 
_pdbx_struct_assembly.details              author_and_software_defined_assembly 
_pdbx_struct_assembly.method_details       PISA 
_pdbx_struct_assembly.oligomeric_details   monomeric 
_pdbx_struct_assembly.oligomeric_count     1 
# 
loop_
_pdbx_struct_assembly_prop.biol_id 
_pdbx_struct_assembly_prop.type 
_pdbx_struct_assembly_prop.value 
_pdbx_struct_assembly_prop.details 
1 'ABSA (A^2)' 320  ? 
1 MORE         4    ? 
1 'SSA (A^2)'  6380 ? 
# 
_pdbx_struct_assembly_gen.assembly_id       1 
_pdbx_struct_assembly_gen.oper_expression   1 
_pdbx_struct_assembly_gen.asym_id_list      A,B,C 
# 
_pdbx_struct_oper_list.id                   1 
_pdbx_struct_oper_list.type                 'identity operation' 
_pdbx_struct_oper_list.name                 1_555 
_pdbx_struct_oper_list.symmetry_operation   x,y,z 
_pdbx_struct_oper_list.matrix[1][1]         1.0000000000 
_pdbx_struct_oper_list.matrix[1][2]         0.0000000000 
_pdbx_struct_oper_list.matrix[1][3]         0.0000000000 
_pdbx_struct_oper_list.vector[1]            0.0000000000 
_pdbx_struct_oper_list.matrix[2][1]         0.0000000000 
_pdbx_struct_oper_list.matrix[2][2]         1.0000000000 
_pdbx_struct_oper_list.matrix[2][3]         0.0000000000 
_pdbx_struct_oper_list.vector[2]            0.0000000000 
_pdbx_struct_oper_list.matrix[3][1]         0.0000000000 
_pdbx_struct_oper_list.matrix[3][2]         0.0000000000 
_pdbx_struct_oper_list.matrix[3][3]         1.0000000000 
_pdbx_struct_oper_list.vector[3]            0.0000000000 
# 
loop_
_struct_conf.conf_type_id 
_struct_conf.id 
_struct_conf.pdbx_PDB_helix_id 
_struct_conf.beg_label_comp_id 
_struct_conf.beg_label_asym_id 
_struct_conf.beg_label_seq_id 
_struct_conf.pdbx_beg_PDB_ins_code 
_struct_conf.end_label_comp_id 
_struct_conf.end_label_asym_id 
_struct_conf.end_label_seq_id 
_struct_conf.pdbx_end_PDB_ins_code 
_struct_conf.beg_auth_comp_id 
_struct_conf.beg_auth_asym_id 
_struct_conf.beg_auth_seq_id 
_struct_conf.end_auth_comp_id 
_struct_conf.end_auth_asym_id 
_struct_conf.end_auth_seq_id 
_struct_conf.pdbx_PDB_helix_class 
_struct_conf.details 
_struct_conf.pdbx_PDB_helix_length 
HELX_P HELX_P1 AA1 GLN A 13 ? VAL A 17 ? GLN A 22 VAL A 26 5 ? 5  
HELX_P HELX_P2 AA2 SER A 25 ? GLY A 40 ? SER A 34 GLY A 49 1 ? 16 
HELX_P HELX_P3 AA3 VAL A 51 ? LEU A 55 ? VAL A 60 LEU A 64 5 ? 5  
HELX_P HELX_P4 AA4 ALA A 70 ? HIS A 74 ? ALA A 79 HIS A 83 5 ? 5  
# 
_struct_conf_type.id          HELX_P 
_struct_conf_type.criteria    ? 
_struct_conf_type.reference   ? 
# 
_struct_mon_prot_cis.pdbx_id                1 
_struct_mon_prot_cis.label_comp_id          GLN 
_struct_mon_prot_cis.label_seq_id           57 
_struct_mon_prot_cis.label_asym_id          A 
_struct_mon_prot_cis.label_alt_id           . 
_struct_mon_prot_cis.pdbx_PDB_ins_code      ? 
_struct_mon_prot_cis.auth_comp_id           GLN 
_struct_mon_prot_cis.auth_seq_id            66 
_struct_mon_prot_cis.auth_asym_id           A 
_struct_mon_prot_cis.pdbx_label_comp_id_2   PRO 
_struct_mon_prot_cis.pdbx_label_seq_id_2    58 
_struct_mon_prot_cis.pdbx_label_asym_id_2   A 
_struct_mon_prot_cis.pdbx_PDB_ins_code_2    ? 
_struct_mon_prot_cis.pdbx_auth_comp_id_2    PRO 
_struct_mon_prot_cis.pdbx_auth_seq_id_2     67 
_struct_mon_prot_cis.pdbx_auth_asym_id_2    A 
_struct_mon_prot_cis.pdbx_PDB_model_num     1 
_struct_mon_prot_cis.pdbx_omega_angle       -6.01 
# 
_struct_sheet.id               AA1 
_struct_sheet.type             ? 
_struct_sheet.number_strands   8 
_struct_sheet.details          ? 
# 
loop_
_struct_sheet_order.sheet_id 
_struct_sheet_order.range_id_1 
_struct_sheet_order.range_id_2 
_struct_sheet_order.offset 
_struct_sheet_order.sense 
AA1 1 2 ? anti-parallel 
AA1 2 3 ? parallel      
AA1 3 4 ? anti-parallel 
AA1 4 5 ? parallel      
AA1 5 6 ? anti-parallel 
AA1 6 7 ? anti-parallel 
AA1 7 8 ? anti-parallel 
# 
loop_
_struct_sheet_range.sheet_id 
_struct_sheet_range.id 
_struct_sheet_range.beg_label_comp_id 
_struct_sheet_range.beg_label_asym_id 
_struct_sheet_range.beg_label_seq_id 
_struct_sheet_range.pdbx_beg_PDB_ins_code 
_struct_sheet_range.end_label_comp_id 
_struct_sheet_range.end_label_asym_id 
_struct_sheet_range.end_label_seq_id 
_struct_sheet_range.pdbx_end_PDB_ins_code 
_struct_sheet_range.beg_auth_comp_id 
_struct_sheet_range.beg_auth_asym_id 
_struct_sheet_range.beg_auth_seq_id 
_struct_sheet_range.end_auth_comp_id 
_struct_sheet_range.end_auth_asym_id 
_struct_sheet_range.end_auth_seq_id 
AA1 1 ILE A 86  ? TYR A 88  ? ILE A 95  TYR A 97  
AA1 2 VAL A 75  ? LEU A 83  ? VAL A 84  LEU A 92  
AA1 3 ALA A 108 ? ARG A 115 ? ALA A 117 ARG A 124 
AA1 4 HIS A 4   ? VAL A 11  ? HIS A 13  VAL A 20  
AA1 5 CYS A 42  ? VAL A 45  ? CYS A 51  VAL A 54  
AA1 6 THR A 94  ? PRO A 100 ? THR A 103 PRO A 109 
AA1 7 TYR A 59  ? ARG A 64  ? TYR A 68  ARG A 73  
AA1 8 VAL A 75  ? LEU A 83  ? VAL A 84  LEU A 92  
# 
loop_
_pdbx_struct_sheet_hbond.sheet_id 
_pdbx_struct_sheet_hbond.range_id_1 
_pdbx_struct_sheet_hbond.range_id_2 
_pdbx_struct_sheet_hbond.range_1_label_atom_id 
_pdbx_struct_sheet_hbond.range_1_label_comp_id 
_pdbx_struct_sheet_hbond.range_1_label_asym_id 
_pdbx_struct_sheet_hbond.range_1_label_seq_id 
_pdbx_struct_sheet_hbond.range_1_PDB_ins_code 
_pdbx_struct_sheet_hbond.range_1_auth_atom_id 
_pdbx_struct_sheet_hbond.range_1_auth_comp_id 
_pdbx_struct_sheet_hbond.range_1_auth_asym_id 
_pdbx_struct_sheet_hbond.range_1_auth_seq_id 
_pdbx_struct_sheet_hbond.range_2_label_atom_id 
_pdbx_struct_sheet_hbond.range_2_label_comp_id 
_pdbx_struct_sheet_hbond.range_2_label_asym_id 
_pdbx_struct_sheet_hbond.range_2_label_seq_id 
_pdbx_struct_sheet_hbond.range_2_PDB_ins_code 
_pdbx_struct_sheet_hbond.range_2_auth_atom_id 
_pdbx_struct_sheet_hbond.range_2_auth_comp_id 
_pdbx_struct_sheet_hbond.range_2_auth_asym_id 
_pdbx_struct_sheet_hbond.range_2_auth_seq_id 
AA1 1 2 O TYR A 88  ? O TYR A 97  N ALA A 81  ? N ALA A 90  
AA1 2 3 N VAL A 75  ? N VAL A 84  O LEU A 113 ? O LEU A 122 
AA1 3 4 O VAL A 112 ? O VAL A 121 N LEU A 7   ? N LEU A 16  
AA1 4 5 N PRO A 10  ? N PRO A 19  O LEU A 44  ? O LEU A 53  
AA1 5 6 N GLY A 43  ? N GLY A 52  O VAL A 99  ? O VAL A 108 
AA1 6 7 O LEU A 95  ? O LEU A 104 N ILE A 62  ? N ILE A 71  
AA1 7 8 N PHE A 61  ? N PHE A 70  O VAL A 80  ? O VAL A 89  
# 
_pdbx_entry_details.entry_id                   7IBD 
_pdbx_entry_details.has_ligand_of_interest     Y 
_pdbx_entry_details.compound_details           ? 
_pdbx_entry_details.source_details             ? 
_pdbx_entry_details.nonpolymer_details         ? 
_pdbx_entry_details.sequence_details           ? 
_pdbx_entry_details.has_protein_modification   N 
# 
_pdbx_validate_close_contact.id               1 
_pdbx_validate_close_contact.PDB_model_num    1 
_pdbx_validate_close_contact.auth_atom_id_1   O 
_pdbx_validate_close_contact.auth_asym_id_1   A 
_pdbx_validate_close_contact.auth_comp_id_1   HOH 
_pdbx_validate_close_contact.auth_seq_id_1    361 
_pdbx_validate_close_contact.PDB_ins_code_1   ? 
_pdbx_validate_close_contact.label_alt_id_1   ? 
_pdbx_validate_close_contact.auth_atom_id_2   O 
_pdbx_validate_close_contact.auth_asym_id_2   A 
_pdbx_validate_close_contact.auth_comp_id_2   HOH 
_pdbx_validate_close_contact.auth_seq_id_2    375 
_pdbx_validate_close_contact.PDB_ins_code_2   ? 
_pdbx_validate_close_contact.label_alt_id_2   ? 
_pdbx_validate_close_contact.dist             1.97 
# 
_pdbx_validate_symm_contact.id                1 
_pdbx_validate_symm_contact.PDB_model_num     1 
_pdbx_validate_symm_contact.auth_atom_id_1    O 
_pdbx_validate_symm_contact.auth_asym_id_1    A 
_pdbx_validate_symm_contact.auth_comp_id_1    HOH 
_pdbx_validate_symm_contact.auth_seq_id_1     347 
_pdbx_validate_symm_contact.PDB_ins_code_1    ? 
_pdbx_validate_symm_contact.label_alt_id_1    ? 
_pdbx_validate_symm_contact.site_symmetry_1   1_555 
_pdbx_validate_symm_contact.auth_atom_id_2    O 
_pdbx_validate_symm_contact.auth_asym_id_2    A 
_pdbx_validate_symm_contact.auth_comp_id_2    HOH 
_pdbx_validate_symm_contact.auth_seq_id_2     357 
_pdbx_validate_symm_contact.PDB_ins_code_2    ? 
_pdbx_validate_symm_contact.label_alt_id_2    ? 
_pdbx_validate_symm_contact.site_symmetry_2   7_645 
_pdbx_validate_symm_contact.dist              1.89 
# 
_pdbx_validate_rmsd_angle.id                         1 
_pdbx_validate_rmsd_angle.PDB_model_num              1 
_pdbx_validate_rmsd_angle.auth_atom_id_1             CG 
_pdbx_validate_rmsd_angle.auth_asym_id_1             A 
_pdbx_validate_rmsd_angle.auth_comp_id_1             ARG 
_pdbx_validate_rmsd_angle.auth_seq_id_1              99 
_pdbx_validate_rmsd_angle.PDB_ins_code_1             ? 
_pdbx_validate_rmsd_angle.label_alt_id_1             ? 
_pdbx_validate_rmsd_angle.auth_atom_id_2             CD 
_pdbx_validate_rmsd_angle.auth_asym_id_2             A 
_pdbx_validate_rmsd_angle.auth_comp_id_2             ARG 
_pdbx_validate_rmsd_angle.auth_seq_id_2              99 
_pdbx_validate_rmsd_angle.PDB_ins_code_2             ? 
_pdbx_validate_rmsd_angle.label_alt_id_2             ? 
_pdbx_validate_rmsd_angle.auth_atom_id_3             NE 
_pdbx_validate_rmsd_angle.auth_asym_id_3             A 
_pdbx_validate_rmsd_angle.auth_comp_id_3             ARG 
_pdbx_validate_rmsd_angle.auth_seq_id_3              99 
_pdbx_validate_rmsd_angle.PDB_ins_code_3             ? 
_pdbx_validate_rmsd_angle.label_alt_id_3             ? 
_pdbx_validate_rmsd_angle.angle_value                96.19 
_pdbx_validate_rmsd_angle.angle_target_value         111.80 
_pdbx_validate_rmsd_angle.angle_deviation            -15.61 
_pdbx_validate_rmsd_angle.angle_standard_deviation   2.10 
_pdbx_validate_rmsd_angle.linker_flag                N 
# 
loop_
_pdbx_struct_special_symmetry.id 
_pdbx_struct_special_symmetry.PDB_model_num 
_pdbx_struct_special_symmetry.auth_asym_id 
_pdbx_struct_special_symmetry.auth_comp_id 
_pdbx_struct_special_symmetry.auth_seq_id 
_pdbx_struct_special_symmetry.PDB_ins_code 
_pdbx_struct_special_symmetry.label_asym_id 
_pdbx_struct_special_symmetry.label_comp_id 
_pdbx_struct_special_symmetry.label_seq_id 
1 1 A HOH 302 ? C HOH . 
2 1 A HOH 304 ? C HOH . 
3 1 A HOH 372 ? C HOH . 
# 
loop_
_pdbx_unobs_or_zero_occ_residues.id 
_pdbx_unobs_or_zero_occ_residues.PDB_model_num 
_pdbx_unobs_or_zero_occ_residues.polymer_flag 
_pdbx_unobs_or_zero_occ_residues.occupancy_flag 
_pdbx_unobs_or_zero_occ_residues.auth_asym_id 
_pdbx_unobs_or_zero_occ_residues.auth_comp_id 
_pdbx_unobs_or_zero_occ_residues.auth_seq_id 
_pdbx_unobs_or_zero_occ_residues.PDB_ins_code 
_pdbx_unobs_or_zero_occ_residues.label_asym_id 
_pdbx_unobs_or_zero_occ_residues.label_comp_id 
_pdbx_unobs_or_zero_occ_residues.label_seq_id 
1 1 Y 1 A GLU 10 ? A GLU 1  
2 1 Y 1 A ARG 77 ? A ARG 68 
3 1 Y 1 A THR 78 ? A THR 69 
# 
loop_
_chem_comp_atom.comp_id 
_chem_comp_atom.atom_id 
_chem_comp_atom.type_symbol 
_chem_comp_atom.pdbx_aromatic_flag 
_chem_comp_atom.pdbx_stereo_config 
_chem_comp_atom.pdbx_ordinal 
ALA N    N N N 1   
ALA CA   C N S 2   
ALA C    C N N 3   
ALA O    O N N 4   
ALA CB   C N N 5   
ALA OXT  O N N 6   
ALA H    H N N 7   
ALA H2   H N N 8   
ALA HA   H N N 9   
ALA HB1  H N N 10  
ALA HB2  H N N 11  
ALA HB3  H N N 12  
ALA HXT  H N N 13  
ARG N    N N N 14  
ARG CA   C N S 15  
ARG C    C N N 16  
ARG O    O N N 17  
ARG CB   C N N 18  
ARG CG   C N N 19  
ARG CD   C N N 20  
ARG NE   N N N 21  
ARG CZ   C N N 22  
ARG NH1  N N N 23  
ARG NH2  N N N 24  
ARG OXT  O N N 25  
ARG H    H N N 26  
ARG H2   H N N 27  
ARG HA   H N N 28  
ARG HB2  H N N 29  
ARG HB3  H N N 30  
ARG HG2  H N N 31  
ARG HG3  H N N 32  
ARG HD2  H N N 33  
ARG HD3  H N N 34  
ARG HE   H N N 35  
ARG HH11 H N N 36  
ARG HH12 H N N 37  
ARG HH21 H N N 38  
ARG HH22 H N N 39  
ARG HXT  H N N 40  
ASP N    N N N 41  
ASP CA   C N S 42  
ASP C    C N N 43  
ASP O    O N N 44  
ASP CB   C N N 45  
ASP CG   C N N 46  
ASP OD1  O N N 47  
ASP OD2  O N N 48  
ASP OXT  O N N 49  
ASP H    H N N 50  
ASP H2   H N N 51  
ASP HA   H N N 52  
ASP HB2  H N N 53  
ASP HB3  H N N 54  
ASP HD2  H N N 55  
ASP HXT  H N N 56  
CYS N    N N N 57  
CYS CA   C N R 58  
CYS C    C N N 59  
CYS O    O N N 60  
CYS CB   C N N 61  
CYS SG   S N N 62  
CYS OXT  O N N 63  
CYS H    H N N 64  
CYS H2   H N N 65  
CYS HA   H N N 66  
CYS HB2  H N N 67  
CYS HB3  H N N 68  
CYS HG   H N N 69  
CYS HXT  H N N 70  
GLN N    N N N 71  
GLN CA   C N S 72  
GLN C    C N N 73  
GLN O    O N N 74  
GLN CB   C N N 75  
GLN CG   C N N 76  
GLN CD   C N N 77  
GLN OE1  O N N 78  
GLN NE2  N N N 79  
GLN OXT  O N N 80  
GLN H    H N N 81  
GLN H2   H N N 82  
GLN HA   H N N 83  
GLN HB2  H N N 84  
GLN HB3  H N N 85  
GLN HG2  H N N 86  
GLN HG3  H N N 87  
GLN HE21 H N N 88  
GLN HE22 H N N 89  
GLN HXT  H N N 90  
GLU N    N N N 91  
GLU CA   C N S 92  
GLU C    C N N 93  
GLU O    O N N 94  
GLU CB   C N N 95  
GLU CG   C N N 96  
GLU CD   C N N 97  
GLU OE1  O N N 98  
GLU OE2  O N N 99  
GLU OXT  O N N 100 
GLU H    H N N 101 
GLU H2   H N N 102 
GLU HA   H N N 103 
GLU HB2  H N N 104 
GLU HB3  H N N 105 
GLU HG2  H N N 106 
GLU HG3  H N N 107 
GLU HE2  H N N 108 
GLU HXT  H N N 109 
GLY N    N N N 110 
GLY CA   C N N 111 
GLY C    C N N 112 
GLY O    O N N 113 
GLY OXT  O N N 114 
GLY H    H N N 115 
GLY H2   H N N 116 
GLY HA2  H N N 117 
GLY HA3  H N N 118 
GLY HXT  H N N 119 
HIS N    N N N 120 
HIS CA   C N S 121 
HIS C    C N N 122 
HIS O    O N N 123 
HIS CB   C N N 124 
HIS CG   C Y N 125 
HIS ND1  N Y N 126 
HIS CD2  C Y N 127 
HIS CE1  C Y N 128 
HIS NE2  N Y N 129 
HIS OXT  O N N 130 
HIS H    H N N 131 
HIS H2   H N N 132 
HIS HA   H N N 133 
HIS HB2  H N N 134 
HIS HB3  H N N 135 
HIS HD1  H N N 136 
HIS HD2  H N N 137 
HIS HE1  H N N 138 
HIS HE2  H N N 139 
HIS HXT  H N N 140 
HOH O    O N N 141 
HOH H1   H N N 142 
HOH H2   H N N 143 
ILE N    N N N 144 
ILE CA   C N S 145 
ILE C    C N N 146 
ILE O    O N N 147 
ILE CB   C N S 148 
ILE CG1  C N N 149 
ILE CG2  C N N 150 
ILE CD1  C N N 151 
ILE OXT  O N N 152 
ILE H    H N N 153 
ILE H2   H N N 154 
ILE HA   H N N 155 
ILE HB   H N N 156 
ILE HG12 H N N 157 
ILE HG13 H N N 158 
ILE HG21 H N N 159 
ILE HG22 H N N 160 
ILE HG23 H N N 161 
ILE HD11 H N N 162 
ILE HD12 H N N 163 
ILE HD13 H N N 164 
ILE HXT  H N N 165 
LEU N    N N N 166 
LEU CA   C N S 167 
LEU C    C N N 168 
LEU O    O N N 169 
LEU CB   C N N 170 
LEU CG   C N N 171 
LEU CD1  C N N 172 
LEU CD2  C N N 173 
LEU OXT  O N N 174 
LEU H    H N N 175 
LEU H2   H N N 176 
LEU HA   H N N 177 
LEU HB2  H N N 178 
LEU HB3  H N N 179 
LEU HG   H N N 180 
LEU HD11 H N N 181 
LEU HD12 H N N 182 
LEU HD13 H N N 183 
LEU HD21 H N N 184 
LEU HD22 H N N 185 
LEU HD23 H N N 186 
LEU HXT  H N N 187 
LYS N    N N N 188 
LYS CA   C N S 189 
LYS C    C N N 190 
LYS O    O N N 191 
LYS CB   C N N 192 
LYS CG   C N N 193 
LYS CD   C N N 194 
LYS CE   C N N 195 
LYS NZ   N N N 196 
LYS OXT  O N N 197 
LYS H    H N N 198 
LYS H2   H N N 199 
LYS HA   H N N 200 
LYS HB2  H N N 201 
LYS HB3  H N N 202 
LYS HG2  H N N 203 
LYS HG3  H N N 204 
LYS HD2  H N N 205 
LYS HD3  H N N 206 
LYS HE2  H N N 207 
LYS HE3  H N N 208 
LYS HZ1  H N N 209 
LYS HZ2  H N N 210 
LYS HZ3  H N N 211 
LYS HXT  H N N 212 
MET N    N N N 213 
MET CA   C N S 214 
MET C    C N N 215 
MET O    O N N 216 
MET CB   C N N 217 
MET CG   C N N 218 
MET SD   S N N 219 
MET CE   C N N 220 
MET OXT  O N N 221 
MET H    H N N 222 
MET H2   H N N 223 
MET HA   H N N 224 
MET HB2  H N N 225 
MET HB3  H N N 226 
MET HG2  H N N 227 
MET HG3  H N N 228 
MET HE1  H N N 229 
MET HE2  H N N 230 
MET HE3  H N N 231 
MET HXT  H N N 232 
PHE N    N N N 233 
PHE CA   C N S 234 
PHE C    C N N 235 
PHE O    O N N 236 
PHE CB   C N N 237 
PHE CG   C Y N 238 
PHE CD1  C Y N 239 
PHE CD2  C Y N 240 
PHE CE1  C Y N 241 
PHE CE2  C Y N 242 
PHE CZ   C Y N 243 
PHE OXT  O N N 244 
PHE H    H N N 245 
PHE H2   H N N 246 
PHE HA   H N N 247 
PHE HB2  H N N 248 
PHE HB3  H N N 249 
PHE HD1  H N N 250 
PHE HD2  H N N 251 
PHE HE1  H N N 252 
PHE HE2  H N N 253 
PHE HZ   H N N 254 
PHE HXT  H N N 255 
PRO N    N N N 256 
PRO CA   C N S 257 
PRO C    C N N 258 
PRO O    O N N 259 
PRO CB   C N N 260 
PRO CG   C N N 261 
PRO CD   C N N 262 
PRO OXT  O N N 263 
PRO H    H N N 264 
PRO HA   H N N 265 
PRO HB2  H N N 266 
PRO HB3  H N N 267 
PRO HG2  H N N 268 
PRO HG3  H N N 269 
PRO HD2  H N N 270 
PRO HD3  H N N 271 
PRO HXT  H N N 272 
RMN C1   C Y N 273 
RMN C2   C Y N 274 
RMN C3   C Y N 275 
RMN C4   C Y N 276 
RMN C5   C Y N 277 
RMN C6   C Y N 278 
RMN C7   C N R 279 
RMN C10  C N N 280 
RMN O8   O N N 281 
RMN O11  O N N 282 
RMN O12  O N N 283 
RMN H2   H N N 284 
RMN H3   H N N 285 
RMN H4   H N N 286 
RMN H5   H N N 287 
RMN H6   H N N 288 
RMN H7   H N N 289 
RMN HO8  H N N 290 
RMN HO2  H N N 291 
SER N    N N N 292 
SER CA   C N S 293 
SER C    C N N 294 
SER O    O N N 295 
SER CB   C N N 296 
SER OG   O N N 297 
SER OXT  O N N 298 
SER H    H N N 299 
SER H2   H N N 300 
SER HA   H N N 301 
SER HB2  H N N 302 
SER HB3  H N N 303 
SER HG   H N N 304 
SER HXT  H N N 305 
THR N    N N N 306 
THR CA   C N S 307 
THR C    C N N 308 
THR O    O N N 309 
THR CB   C N R 310 
THR OG1  O N N 311 
THR CG2  C N N 312 
THR OXT  O N N 313 
THR H    H N N 314 
THR H2   H N N 315 
THR HA   H N N 316 
THR HB   H N N 317 
THR HG1  H N N 318 
THR HG21 H N N 319 
THR HG22 H N N 320 
THR HG23 H N N 321 
THR HXT  H N N 322 
TYR N    N N N 323 
TYR CA   C N S 324 
TYR C    C N N 325 
TYR O    O N N 326 
TYR CB   C N N 327 
TYR CG   C Y N 328 
TYR CD1  C Y N 329 
TYR CD2  C Y N 330 
TYR CE1  C Y N 331 
TYR CE2  C Y N 332 
TYR CZ   C Y N 333 
TYR OH   O N N 334 
TYR OXT  O N N 335 
TYR H    H N N 336 
TYR H2   H N N 337 
TYR HA   H N N 338 
TYR HB2  H N N 339 
TYR HB3  H N N 340 
TYR HD1  H N N 341 
TYR HD2  H N N 342 
TYR HE1  H N N 343 
TYR HE2  H N N 344 
TYR HH   H N N 345 
TYR HXT  H N N 346 
VAL N    N N N 347 
VAL CA   C N S 348 
VAL C    C N N 349 
VAL O    O N N 350 
VAL CB   C N N 351 
VAL CG1  C N N 352 
VAL CG2  C N N 353 
VAL OXT  O N N 354 
VAL H    H N N 355 
VAL H2   H N N 356 
VAL HA   H N N 357 
VAL HB   H N N 358 
VAL HG11 H N N 359 
VAL HG12 H N N 360 
VAL HG13 H N N 361 
VAL HG21 H N N 362 
VAL HG22 H N N 363 
VAL HG23 H N N 364 
VAL HXT  H N N 365 
# 
loop_
_chem_comp_bond.comp_id 
_chem_comp_bond.atom_id_1 
_chem_comp_bond.atom_id_2 
_chem_comp_bond.value_order 
_chem_comp_bond.pdbx_aromatic_flag 
_chem_comp_bond.pdbx_stereo_config 
_chem_comp_bond.pdbx_ordinal 
ALA N   CA   sing N N 1   
ALA N   H    sing N N 2   
ALA N   H2   sing N N 3   
ALA CA  C    sing N N 4   
ALA CA  CB   sing N N 5   
ALA CA  HA   sing N N 6   
ALA C   O    doub N N 7   
ALA C   OXT  sing N N 8   
ALA CB  HB1  sing N N 9   
ALA CB  HB2  sing N N 10  
ALA CB  HB3  sing N N 11  
ALA OXT HXT  sing N N 12  
ARG N   CA   sing N N 13  
ARG N   H    sing N N 14  
ARG N   H2   sing N N 15  
ARG CA  C    sing N N 16  
ARG CA  CB   sing N N 17  
ARG CA  HA   sing N N 18  
ARG C   O    doub N N 19  
ARG C   OXT  sing N N 20  
ARG CB  CG   sing N N 21  
ARG CB  HB2  sing N N 22  
ARG CB  HB3  sing N N 23  
ARG CG  CD   sing N N 24  
ARG CG  HG2  sing N N 25  
ARG CG  HG3  sing N N 26  
ARG CD  NE   sing N N 27  
ARG CD  HD2  sing N N 28  
ARG CD  HD3  sing N N 29  
ARG NE  CZ   sing N N 30  
ARG NE  HE   sing N N 31  
ARG CZ  NH1  sing N N 32  
ARG CZ  NH2  doub N N 33  
ARG NH1 HH11 sing N N 34  
ARG NH1 HH12 sing N N 35  
ARG NH2 HH21 sing N N 36  
ARG NH2 HH22 sing N N 37  
ARG OXT HXT  sing N N 38  
ASP N   CA   sing N N 39  
ASP N   H    sing N N 40  
ASP N   H2   sing N N 41  
ASP CA  C    sing N N 42  
ASP CA  CB   sing N N 43  
ASP CA  HA   sing N N 44  
ASP C   O    doub N N 45  
ASP C   OXT  sing N N 46  
ASP CB  CG   sing N N 47  
ASP CB  HB2  sing N N 48  
ASP CB  HB3  sing N N 49  
ASP CG  OD1  doub N N 50  
ASP CG  OD2  sing N N 51  
ASP OD2 HD2  sing N N 52  
ASP OXT HXT  sing N N 53  
CYS N   CA   sing N N 54  
CYS N   H    sing N N 55  
CYS N   H2   sing N N 56  
CYS CA  C    sing N N 57  
CYS CA  CB   sing N N 58  
CYS CA  HA   sing N N 59  
CYS C   O    doub N N 60  
CYS C   OXT  sing N N 61  
CYS CB  SG   sing N N 62  
CYS CB  HB2  sing N N 63  
CYS CB  HB3  sing N N 64  
CYS SG  HG   sing N N 65  
CYS OXT HXT  sing N N 66  
GLN N   CA   sing N N 67  
GLN N   H    sing N N 68  
GLN N   H2   sing N N 69  
GLN CA  C    sing N N 70  
GLN CA  CB   sing N N 71  
GLN CA  HA   sing N N 72  
GLN C   O    doub N N 73  
GLN C   OXT  sing N N 74  
GLN CB  CG   sing N N 75  
GLN CB  HB2  sing N N 76  
GLN CB  HB3  sing N N 77  
GLN CG  CD   sing N N 78  
GLN CG  HG2  sing N N 79  
GLN CG  HG3  sing N N 80  
GLN CD  OE1  doub N N 81  
GLN CD  NE2  sing N N 82  
GLN NE2 HE21 sing N N 83  
GLN NE2 HE22 sing N N 84  
GLN OXT HXT  sing N N 85  
GLU N   CA   sing N N 86  
GLU N   H    sing N N 87  
GLU N   H2   sing N N 88  
GLU CA  C    sing N N 89  
GLU CA  CB   sing N N 90  
GLU CA  HA   sing N N 91  
GLU C   O    doub N N 92  
GLU C   OXT  sing N N 93  
GLU CB  CG   sing N N 94  
GLU CB  HB2  sing N N 95  
GLU CB  HB3  sing N N 96  
GLU CG  CD   sing N N 97  
GLU CG  HG2  sing N N 98  
GLU CG  HG3  sing N N 99  
GLU CD  OE1  doub N N 100 
GLU CD  OE2  sing N N 101 
GLU OE2 HE2  sing N N 102 
GLU OXT HXT  sing N N 103 
GLY N   CA   sing N N 104 
GLY N   H    sing N N 105 
GLY N   H2   sing N N 106 
GLY CA  C    sing N N 107 
GLY CA  HA2  sing N N 108 
GLY CA  HA3  sing N N 109 
GLY C   O    doub N N 110 
GLY C   OXT  sing N N 111 
GLY OXT HXT  sing N N 112 
HIS N   CA   sing N N 113 
HIS N   H    sing N N 114 
HIS N   H2   sing N N 115 
HIS CA  C    sing N N 116 
HIS CA  CB   sing N N 117 
HIS CA  HA   sing N N 118 
HIS C   O    doub N N 119 
HIS C   OXT  sing N N 120 
HIS CB  CG   sing N N 121 
HIS CB  HB2  sing N N 122 
HIS CB  HB3  sing N N 123 
HIS CG  ND1  sing Y N 124 
HIS CG  CD2  doub Y N 125 
HIS ND1 CE1  doub Y N 126 
HIS ND1 HD1  sing N N 127 
HIS CD2 NE2  sing Y N 128 
HIS CD2 HD2  sing N N 129 
HIS CE1 NE2  sing Y N 130 
HIS CE1 HE1  sing N N 131 
HIS NE2 HE2  sing N N 132 
HIS OXT HXT  sing N N 133 
HOH O   H1   sing N N 134 
HOH O   H2   sing N N 135 
ILE N   CA   sing N N 136 
ILE N   H    sing N N 137 
ILE N   H2   sing N N 138 
ILE CA  C    sing N N 139 
ILE CA  CB   sing N N 140 
ILE CA  HA   sing N N 141 
ILE C   O    doub N N 142 
ILE C   OXT  sing N N 143 
ILE CB  CG1  sing N N 144 
ILE CB  CG2  sing N N 145 
ILE CB  HB   sing N N 146 
ILE CG1 CD1  sing N N 147 
ILE CG1 HG12 sing N N 148 
ILE CG1 HG13 sing N N 149 
ILE CG2 HG21 sing N N 150 
ILE CG2 HG22 sing N N 151 
ILE CG2 HG23 sing N N 152 
ILE CD1 HD11 sing N N 153 
ILE CD1 HD12 sing N N 154 
ILE CD1 HD13 sing N N 155 
ILE OXT HXT  sing N N 156 
LEU N   CA   sing N N 157 
LEU N   H    sing N N 158 
LEU N   H2   sing N N 159 
LEU CA  C    sing N N 160 
LEU CA  CB   sing N N 161 
LEU CA  HA   sing N N 162 
LEU C   O    doub N N 163 
LEU C   OXT  sing N N 164 
LEU CB  CG   sing N N 165 
LEU CB  HB2  sing N N 166 
LEU CB  HB3  sing N N 167 
LEU CG  CD1  sing N N 168 
LEU CG  CD2  sing N N 169 
LEU CG  HG   sing N N 170 
LEU CD1 HD11 sing N N 171 
LEU CD1 HD12 sing N N 172 
LEU CD1 HD13 sing N N 173 
LEU CD2 HD21 sing N N 174 
LEU CD2 HD22 sing N N 175 
LEU CD2 HD23 sing N N 176 
LEU OXT HXT  sing N N 177 
LYS N   CA   sing N N 178 
LYS N   H    sing N N 179 
LYS N   H2   sing N N 180 
LYS CA  C    sing N N 181 
LYS CA  CB   sing N N 182 
LYS CA  HA   sing N N 183 
LYS C   O    doub N N 184 
LYS C   OXT  sing N N 185 
LYS CB  CG   sing N N 186 
LYS CB  HB2  sing N N 187 
LYS CB  HB3  sing N N 188 
LYS CG  CD   sing N N 189 
LYS CG  HG2  sing N N 190 
LYS CG  HG3  sing N N 191 
LYS CD  CE   sing N N 192 
LYS CD  HD2  sing N N 193 
LYS CD  HD3  sing N N 194 
LYS CE  NZ   sing N N 195 
LYS CE  HE2  sing N N 196 
LYS CE  HE3  sing N N 197 
LYS NZ  HZ1  sing N N 198 
LYS NZ  HZ2  sing N N 199 
LYS NZ  HZ3  sing N N 200 
LYS OXT HXT  sing N N 201 
MET N   CA   sing N N 202 
MET N   H    sing N N 203 
MET N   H2   sing N N 204 
MET CA  C    sing N N 205 
MET CA  CB   sing N N 206 
MET CA  HA   sing N N 207 
MET C   O    doub N N 208 
MET C   OXT  sing N N 209 
MET CB  CG   sing N N 210 
MET CB  HB2  sing N N 211 
MET CB  HB3  sing N N 212 
MET CG  SD   sing N N 213 
MET CG  HG2  sing N N 214 
MET CG  HG3  sing N N 215 
MET SD  CE   sing N N 216 
MET CE  HE1  sing N N 217 
MET CE  HE2  sing N N 218 
MET CE  HE3  sing N N 219 
MET OXT HXT  sing N N 220 
PHE N   CA   sing N N 221 
PHE N   H    sing N N 222 
PHE N   H2   sing N N 223 
PHE CA  C    sing N N 224 
PHE CA  CB   sing N N 225 
PHE CA  HA   sing N N 226 
PHE C   O    doub N N 227 
PHE C   OXT  sing N N 228 
PHE CB  CG   sing N N 229 
PHE CB  HB2  sing N N 230 
PHE CB  HB3  sing N N 231 
PHE CG  CD1  doub Y N 232 
PHE CG  CD2  sing Y N 233 
PHE CD1 CE1  sing Y N 234 
PHE CD1 HD1  sing N N 235 
PHE CD2 CE2  doub Y N 236 
PHE CD2 HD2  sing N N 237 
PHE CE1 CZ   doub Y N 238 
PHE CE1 HE1  sing N N 239 
PHE CE2 CZ   sing Y N 240 
PHE CE2 HE2  sing N N 241 
PHE CZ  HZ   sing N N 242 
PHE OXT HXT  sing N N 243 
PRO N   CA   sing N N 244 
PRO N   CD   sing N N 245 
PRO N   H    sing N N 246 
PRO CA  C    sing N N 247 
PRO CA  CB   sing N N 248 
PRO CA  HA   sing N N 249 
PRO C   O    doub N N 250 
PRO C   OXT  sing N N 251 
PRO CB  CG   sing N N 252 
PRO CB  HB2  sing N N 253 
PRO CB  HB3  sing N N 254 
PRO CG  CD   sing N N 255 
PRO CG  HG2  sing N N 256 
PRO CG  HG3  sing N N 257 
PRO CD  HD2  sing N N 258 
PRO CD  HD3  sing N N 259 
PRO OXT HXT  sing N N 260 
RMN C1  C2   doub Y N 261 
RMN C1  C6   sing Y N 262 
RMN C1  C7   sing N N 263 
RMN C2  C3   sing Y N 264 
RMN C2  H2   sing N N 265 
RMN C3  C4   doub Y N 266 
RMN C3  H3   sing N N 267 
RMN C4  C5   sing Y N 268 
RMN C4  H4   sing N N 269 
RMN C5  C6   doub Y N 270 
RMN C5  H5   sing N N 271 
RMN C6  H6   sing N N 272 
RMN C7  C10  sing N N 273 
RMN C7  O8   sing N N 274 
RMN C7  H7   sing N N 275 
RMN C10 O11  doub N N 276 
RMN C10 O12  sing N N 277 
RMN O8  HO8  sing N N 278 
RMN O12 HO2  sing N N 279 
SER N   CA   sing N N 280 
SER N   H    sing N N 281 
SER N   H2   sing N N 282 
SER CA  C    sing N N 283 
SER CA  CB   sing N N 284 
SER CA  HA   sing N N 285 
SER C   O    doub N N 286 
SER C   OXT  sing N N 287 
SER CB  OG   sing N N 288 
SER CB  HB2  sing N N 289 
SER CB  HB3  sing N N 290 
SER OG  HG   sing N N 291 
SER OXT HXT  sing N N 292 
THR N   CA   sing N N 293 
THR N   H    sing N N 294 
THR N   H2   sing N N 295 
THR CA  C    sing N N 296 
THR CA  CB   sing N N 297 
THR CA  HA   sing N N 298 
THR C   O    doub N N 299 
THR C   OXT  sing N N 300 
THR CB  OG1  sing N N 301 
THR CB  CG2  sing N N 302 
THR CB  HB   sing N N 303 
THR OG1 HG1  sing N N 304 
THR CG2 HG21 sing N N 305 
THR CG2 HG22 sing N N 306 
THR CG2 HG23 sing N N 307 
THR OXT HXT  sing N N 308 
TYR N   CA   sing N N 309 
TYR N   H    sing N N 310 
TYR N   H2   sing N N 311 
TYR CA  C    sing N N 312 
TYR CA  CB   sing N N 313 
TYR CA  HA   sing N N 314 
TYR C   O    doub N N 315 
TYR C   OXT  sing N N 316 
TYR CB  CG   sing N N 317 
TYR CB  HB2  sing N N 318 
TYR CB  HB3  sing N N 319 
TYR CG  CD1  doub Y N 320 
TYR CG  CD2  sing Y N 321 
TYR CD1 CE1  sing Y N 322 
TYR CD1 HD1  sing N N 323 
TYR CD2 CE2  doub Y N 324 
TYR CD2 HD2  sing N N 325 
TYR CE1 CZ   doub Y N 326 
TYR CE1 HE1  sing N N 327 
TYR CE2 CZ   sing Y N 328 
TYR CE2 HE2  sing N N 329 
TYR CZ  OH   sing N N 330 
TYR OH  HH   sing N N 331 
TYR OXT HXT  sing N N 332 
VAL N   CA   sing N N 333 
VAL N   H    sing N N 334 
VAL N   H2   sing N N 335 
VAL CA  C    sing N N 336 
VAL CA  CB   sing N N 337 
VAL CA  HA   sing N N 338 
VAL C   O    doub N N 339 
VAL C   OXT  sing N N 340 
VAL CB  CG1  sing N N 341 
VAL CB  CG2  sing N N 342 
VAL CB  HB   sing N N 343 
VAL CG1 HG11 sing N N 344 
VAL CG1 HG12 sing N N 345 
VAL CG1 HG13 sing N N 346 
VAL CG2 HG21 sing N N 347 
VAL CG2 HG22 sing N N 348 
VAL CG2 HG23 sing N N 349 
VAL OXT HXT  sing N N 350 
# 
_pdbx_audit_support.ordinal                1 
_pdbx_audit_support.funding_organization   'Helmholtz Association' 
_pdbx_audit_support.country                Germany 
# 
_pdbx_deposit_group.group_id            G_1002337 
_pdbx_deposit_group.group_title         
'PanDDA analysis group deposition of SARS-CoV-2 Nsp1 soaked with fragments from the KIT library' 
_pdbx_deposit_group.group_description   
;SARS-CoV-2 Nsp1 soaked with Fragments from the KIT library. Includes refined models for hit compounds with ligands placed into the PanDDA event-map, which is the primary evidence for ligand placement. The event-, average and Z-maps and the 2Fo-Fc and Fo-Fc maps are included in the mmcif file. 2Fo-Fc and Fo-Fc maps are not useful to consider as evidence for ligand placement.
;
_pdbx_deposit_group.group_type          'changed state' 
# 
_pdbx_initial_refinement_model.id               1 
_pdbx_initial_refinement_model.type             'experimental model' 
_pdbx_initial_refinement_model.accession_code   7EQ4 
_pdbx_initial_refinement_model.source_name      PDB 
# 
_atom_sites.entry_id                    7IBD 
_atom_sites.fract_transf_matrix[1][1]   -0.02007547 
_atom_sites.fract_transf_matrix[1][2]   0.01824828 
_atom_sites.fract_transf_matrix[1][3]   -0.00253559 
_atom_sites.fract_transf_matrix[2][1]   -0.00434684 
_atom_sites.fract_transf_matrix[2][2]   -0.00833570 
_atom_sites.fract_transf_matrix[2][3]   -0.02557488 
_atom_sites.fract_transf_matrix[3][1]   -0.00462042 
_atom_sites.fract_transf_matrix[3][2]   -0.00475844 
_atom_sites.fract_transf_matrix[3][3]   0.00233624 
_atom_sites.fract_transf_vector[1]      0.185099 
_atom_sites.fract_transf_vector[2]      -0.440021 
_atom_sites.fract_transf_vector[3]      0.050686 
# 
loop_
_atom_type.symbol 
C 
N 
O 
S 
# 
loop_
_atom_site.group_PDB 
_atom_site.id 
_atom_site.type_symbol 
_atom_site.label_atom_id 
_atom_site.label_alt_id 
_atom_site.label_comp_id 
_atom_site.label_asym_id 
_atom_site.label_entity_id 
_atom_site.label_seq_id 
_atom_site.pdbx_PDB_ins_code 
_atom_site.Cartn_x 
_atom_site.Cartn_y 
_atom_site.Cartn_z 
_atom_site.occupancy 
_atom_site.B_iso_or_equiv 
_atom_site.pdbx_formal_charge 
_atom_site.auth_seq_id 
_atom_site.auth_comp_id 
_atom_site.auth_asym_id 
_atom_site.auth_atom_id 
_atom_site.pdbx_PDB_model_num 
ATOM   1    N N   . LYS A 1 2   ? -4.761  10.609  -12.714 1.00 48.44  ?  11  LYS A N   1 
ATOM   2    C CA  . LYS A 1 2   ? -3.488  9.889   -13.090 1.00 43.70  ?  11  LYS A CA  1 
ATOM   3    C C   . LYS A 1 2   ? -3.590  8.408   -12.730 1.00 39.81  ?  11  LYS A C   1 
ATOM   4    O O   . LYS A 1 2   ? -4.093  8.073   -11.650 1.00 41.69  ?  11  LYS A O   1 
ATOM   5    C CB  . LYS A 1 2   ? -2.282  10.451  -12.330 1.00 53.18  ?  11  LYS A CB  1 
ATOM   6    C CG  . LYS A 1 2   ? -1.711  11.754  -12.858 1.00 61.18  ?  11  LYS A CG  1 
ATOM   7    C CD  . LYS A 1 2   ? -0.471  12.203  -12.111 1.00 67.38  ?  11  LYS A CD  1 
ATOM   8    C CE  . LYS A 1 2   ? -0.250  13.697  -12.205 1.00 70.85  ?  11  LYS A CE  1 
ATOM   9    N NZ  . LYS A 1 2   ? -0.442  14.175  -13.595 1.00 75.53  ?  11  LYS A NZ  1 
ATOM   10   N N   A THR A 1 3   ? -2.980  7.543   -13.547 0.29 33.64  ?  12  THR A N   1 
ATOM   11   N N   B THR A 1 3   ? -2.981  7.542   -13.546 0.28 33.69  ?  12  THR A N   1 
ATOM   12   N N   C THR A 1 3   ? -3.188  7.533   -13.649 0.22 40.41  ?  12  THR A N   1 
ATOM   13   N N   D THR A 1 3   ? -3.188  7.532   -13.650 0.21 40.43  ?  12  THR A N   1 
ATOM   14   C CA  A THR A 1 3   ? -2.966  6.065   -13.367 0.29 31.02  ?  12  THR A CA  1 
ATOM   15   C CA  B THR A 1 3   ? -2.966  6.065   -13.367 0.28 31.06  ?  12  THR A CA  1 
ATOM   16   C CA  C THR A 1 3   ? -3.245  6.061   -13.466 0.22 40.22  ?  12  THR A CA  1 
ATOM   17   C CA  D THR A 1 3   ? -3.246  6.060   -13.466 0.21 40.25  ?  12  THR A CA  1 
ATOM   18   C C   A THR A 1 3   ? -1.975  5.651   -12.273 0.29 31.56  ?  12  THR A C   1 
ATOM   19   C C   B THR A 1 3   ? -1.976  5.651   -12.273 0.28 31.58  ?  12  THR A C   1 
ATOM   20   C C   C THR A 1 3   ? -2.253  5.656   -12.369 0.22 40.81  ?  12  THR A C   1 
ATOM   21   C C   D THR A 1 3   ? -2.254  5.656   -12.369 0.21 40.78  ?  12  THR A C   1 
ATOM   22   O O   A THR A 1 3   ? -2.160  4.558   -11.696 0.29 33.82  ?  12  THR A O   1 
ATOM   23   O O   B THR A 1 3   ? -2.162  4.558   -11.696 0.28 33.76  ?  12  THR A O   1 
ATOM   24   O O   C THR A 1 3   ? -2.367  4.520   -11.863 0.22 42.14  ?  12  THR A O   1 
ATOM   25   O O   D THR A 1 3   ? -2.369  4.521   -11.861 0.21 42.03  ?  12  THR A O   1 
ATOM   26   C CB  A THR A 1 3   ? -2.576  5.313   -14.646 0.29 30.44  ?  12  THR A CB  1 
ATOM   27   C CB  B THR A 1 3   ? -2.576  5.314   -14.646 0.28 30.44  ?  12  THR A CB  1 
ATOM   28   C CB  C THR A 1 3   ? -2.977  5.325   -14.784 0.22 41.32  ?  12  THR A CB  1 
ATOM   29   C CB  D THR A 1 3   ? -2.978  5.325   -14.783 0.21 41.27  ?  12  THR A CB  1 
ATOM   30   O OG1 A THR A 1 3   ? -1.189  5.558   -14.909 0.29 26.24  ?  12  THR A OG1 1 
ATOM   31   O OG1 B THR A 1 3   ? -1.190  5.560   -14.911 0.28 26.30  ?  12  THR A OG1 1 
ATOM   32   O OG1 C THR A 1 3   ? -1.664  5.676   -15.227 0.22 40.81  ?  12  THR A OG1 1 
ATOM   33   O OG1 D THR A 1 3   ? -1.665  5.674   -15.227 0.21 40.78  ?  12  THR A OG1 1 
ATOM   34   C CG2 A THR A 1 3   ? -3.448  5.697   -15.819 0.29 29.21  ?  12  THR A CG2 1 
ATOM   35   C CG2 B THR A 1 3   ? -3.448  5.697   -15.820 0.28 29.24  ?  12  THR A CG2 1 
ATOM   36   C CG2 C THR A 1 3   ? -3.996  5.653   -15.852 0.22 40.88  ?  12  THR A CG2 1 
ATOM   37   C CG2 D THR A 1 3   ? -3.997  5.652   -15.852 0.21 40.87  ?  12  THR A CG2 1 
ATOM   38   N N   A HIS A 1 4   ? -0.952  6.468   -12.012 0.29 29.85  ?  13  HIS A N   1 
ATOM   39   N N   B HIS A 1 4   ? -0.952  6.467   -12.013 0.28 29.92  ?  13  HIS A N   1 
ATOM   40   N N   C HIS A 1 4   ? -1.325  6.555   -12.011 0.22 38.91  ?  13  HIS A N   1 
ATOM   41   N N   D HIS A 1 4   ? -1.327  6.555   -12.011 0.21 38.99  ?  13  HIS A N   1 
ATOM   42   C CA  A HIS A 1 4   ? 0.058   6.198   -10.956 0.29 31.46  ?  13  HIS A CA  1 
ATOM   43   C CA  B HIS A 1 4   ? 0.058   6.198   -10.956 0.28 31.51  ?  13  HIS A CA  1 
ATOM   44   C CA  C HIS A 1 4   ? -0.288  6.316   -10.975 0.22 39.18  ?  13  HIS A CA  1 
ATOM   45   C CA  D HIS A 1 4   ? -0.288  6.316   -10.975 0.21 39.25  ?  13  HIS A CA  1 
ATOM   46   C C   A HIS A 1 4   ? 0.236   7.437   -10.088 0.29 35.22  ?  13  HIS A C   1 
ATOM   47   C C   B HIS A 1 4   ? 0.234   7.437   -10.088 0.28 35.18  ?  13  HIS A C   1 
ATOM   48   C C   C HIS A 1 4   ? -0.190  7.487   -9.997  0.22 39.39  ?  13  HIS A C   1 
ATOM   49   C C   D HIS A 1 4   ? -0.189  7.488   -9.997  0.21 39.39  ?  13  HIS A C   1 
ATOM   50   O O   A HIS A 1 4   ? 0.200   8.557   -10.644 0.29 32.32  ?  13  HIS A O   1 
ATOM   51   O O   B HIS A 1 4   ? 0.198   8.557   -10.644 0.28 32.34  ?  13  HIS A O   1 
ATOM   52   O O   C HIS A 1 4   ? -0.633  8.596   -10.343 0.22 34.08  ?  13  HIS A O   1 
ATOM   53   O O   D HIS A 1 4   ? -0.630  8.598   -10.345 0.21 34.25  ?  13  HIS A O   1 
ATOM   54   C CB  A HIS A 1 4   ? 1.402   5.762   -11.545 0.29 32.85  ?  13  HIS A CB  1 
ATOM   55   C CB  B HIS A 1 4   ? 1.401   5.764   -11.546 0.28 32.86  ?  13  HIS A CB  1 
ATOM   56   C CB  C HIS A 1 4   ? 1.056   6.032   -11.641 0.22 41.74  ?  13  HIS A CB  1 
ATOM   57   C CB  D HIS A 1 4   ? 1.055   6.032   -11.644 0.21 41.70  ?  13  HIS A CB  1 
ATOM   58   C CG  A HIS A 1 4   ? 1.413   4.379   -12.091 0.29 32.19  ?  13  HIS A CG  1 
ATOM   59   C CG  B HIS A 1 4   ? 1.413   4.379   -12.092 0.28 32.22  ?  13  HIS A CG  1 
ATOM   60   C CG  C HIS A 1 4   ? 1.176   4.622   -12.100 0.22 41.55  ?  13  HIS A CG  1 
ATOM   61   C CG  D HIS A 1 4   ? 1.176   4.622   -12.101 0.21 41.59  ?  13  HIS A CG  1 
ATOM   62   N ND1 A HIS A 1 4   ? 0.943   4.090   -13.360 0.29 33.61  ?  13  HIS A ND1 1 
ATOM   63   N ND1 B HIS A 1 4   ? 0.943   4.090   -13.360 0.28 33.59  ?  13  HIS A ND1 1 
ATOM   64   N ND1 C HIS A 1 4   ? 0.513   4.154   -13.219 0.22 42.91  ?  13  HIS A ND1 1 
ATOM   65   N ND1 D HIS A 1 4   ? 0.514   4.154   -13.220 0.21 42.90  ?  13  HIS A ND1 1 
ATOM   66   C CD2 A HIS A 1 4   ? 1.852   3.210   -11.569 0.29 33.91  ?  13  HIS A CD2 1 
ATOM   67   C CD2 B HIS A 1 4   ? 1.851   3.211   -11.569 0.28 33.89  ?  13  HIS A CD2 1 
ATOM   68   C CD2 C HIS A 1 4   ? 1.847   3.571   -11.582 0.22 44.01  ?  13  HIS A CD2 1 
ATOM   69   C CD2 D HIS A 1 4   ? 1.847   3.572   -11.582 0.21 43.94  ?  13  HIS A CD2 1 
ATOM   70   C CE1 A HIS A 1 4   ? 1.092   2.805   -13.597 0.29 31.09  ?  13  HIS A CE1 1 
ATOM   71   C CE1 B HIS A 1 4   ? 1.092   2.804   -13.597 0.28 31.15  ?  13  HIS A CE1 1 
ATOM   72   C CE1 C HIS A 1 4   ? 0.787   2.875   -13.382 0.22 42.86  ?  13  HIS A CE1 1 
ATOM   73   C CE1 D HIS A 1 4   ? 0.789   2.876   -13.383 0.21 42.87  ?  13  HIS A CE1 1 
ATOM   74   N NE2 A HIS A 1 4   ? 1.644   2.236   -12.514 0.29 32.79  ?  13  HIS A NE2 1 
ATOM   75   N NE2 B HIS A 1 4   ? 1.643   2.236   -12.513 0.28 32.80  ?  13  HIS A NE2 1 
ATOM   76   N NE2 C HIS A 1 4   ? 1.604   2.491   -12.390 0.22 44.65  ?  13  HIS A NE2 1 
ATOM   77   N NE2 D HIS A 1 4   ? 1.605   2.493   -12.391 0.21 44.56  ?  13  HIS A NE2 1 
ATOM   78   N N   A VAL A 1 5   ? 0.444   7.217   -8.786  0.29 34.96  ?  14  VAL A N   1 
ATOM   79   N N   B VAL A 1 5   ? 0.443   7.217   -8.787  0.28 34.99  ?  14  VAL A N   1 
ATOM   80   N N   C VAL A 1 5   ? 0.396   7.220   -8.822  0.22 39.34  ?  14  VAL A N   1 
ATOM   81   N N   D VAL A 1 5   ? 0.395   7.221   -8.823  0.21 39.37  ?  14  VAL A N   1 
ATOM   82   C CA  A VAL A 1 5   ? 0.642   8.291   -7.773  0.29 37.84  ?  14  VAL A CA  1 
ATOM   83   C CA  B VAL A 1 5   ? 0.641   8.292   -7.773  0.28 37.83  ?  14  VAL A CA  1 
ATOM   84   C CA  C VAL A 1 5   ? 0.644   8.228   -7.749  0.22 41.01  ?  14  VAL A CA  1 
ATOM   85   C CA  D VAL A 1 5   ? 0.644   8.228   -7.750  0.21 40.97  ?  14  VAL A CA  1 
ATOM   86   C C   A VAL A 1 5   ? 1.913   7.967   -6.981  0.29 37.90  ?  14  VAL A C   1 
ATOM   87   C C   B VAL A 1 5   ? 1.913   7.967   -6.982  0.28 37.88  ?  14  VAL A C   1 
ATOM   88   C C   C VAL A 1 5   ? 1.988   7.918   -7.081  0.22 40.08  ?  14  VAL A C   1 
ATOM   89   C C   D VAL A 1 5   ? 1.988   7.918   -7.082  0.21 40.03  ?  14  VAL A C   1 
ATOM   90   O O   A VAL A 1 5   ? 2.055   6.812   -6.521  0.29 33.95  ?  14  VAL A O   1 
ATOM   91   O O   B VAL A 1 5   ? 2.055   6.812   -6.521  0.28 34.02  ?  14  VAL A O   1 
ATOM   92   O O   C VAL A 1 5   ? 2.248   6.732   -6.782  0.22 38.17  ?  14  VAL A O   1 
ATOM   93   O O   D VAL A 1 5   ? 2.249   6.732   -6.784  0.21 38.19  ?  14  VAL A O   1 
ATOM   94   C CB  A VAL A 1 5   ? -0.598  8.466   -6.875  0.29 40.47  ?  14  VAL A CB  1 
ATOM   95   C CB  B VAL A 1 5   ? -0.598  8.466   -6.874  0.28 40.42  ?  14  VAL A CB  1 
ATOM   96   C CB  C VAL A 1 5   ? -0.506  8.264   -6.725  0.22 43.34  ?  14  VAL A CB  1 
ATOM   97   C CB  D VAL A 1 5   ? -0.506  8.264   -6.725  0.21 43.25  ?  14  VAL A CB  1 
ATOM   98   C CG1 A VAL A 1 5   ? -0.948  7.204   -6.098  0.29 39.87  ?  14  VAL A CG1 1 
ATOM   99   C CG1 B VAL A 1 5   ? -0.947  7.203   -6.098  0.28 39.85  ?  14  VAL A CG1 1 
ATOM   100  C CG1 C VAL A 1 5   ? -0.836  6.885   -6.168  0.22 43.59  ?  14  VAL A CG1 1 
ATOM   101  C CG1 D VAL A 1 5   ? -0.835  6.886   -6.169  0.21 43.53  ?  14  VAL A CG1 1 
ATOM   102  C CG2 A VAL A 1 5   ? -0.440  9.658   -5.940  0.29 43.19  ?  14  VAL A CG2 1 
ATOM   103  C CG2 B VAL A 1 5   ? -0.440  9.658   -5.939  0.28 43.09  ?  14  VAL A CG2 1 
ATOM   104  C CG2 C VAL A 1 5   ? -0.217  9.248   -5.598  0.22 46.07  ?  14  VAL A CG2 1 
ATOM   105  C CG2 D VAL A 1 5   ? -0.218  9.248   -5.598  0.21 45.86  ?  14  VAL A CG2 1 
ATOM   106  N N   . GLN A 1 6   ? 2.810   8.952   -6.879  1.00 36.79  ?  15  GLN A N   1 
ATOM   107  C CA  . GLN A 1 6   ? 4.068   8.842   -6.112  1.00 40.46  ?  15  GLN A CA  1 
ATOM   108  C C   . GLN A 1 6   ? 3.658   8.935   -4.658  1.00 36.68  ?  15  GLN A C   1 
ATOM   109  O O   . GLN A 1 6   ? 2.992   9.937   -4.269  1.00 36.33  ?  15  GLN A O   1 
ATOM   110  C CB  . GLN A 1 6   ? 5.034   9.976   -6.459  1.00 45.55  ?  15  GLN A CB  1 
ATOM   111  C CG  . GLN A 1 6   ? 5.822   9.689   -7.723  1.00 48.27  ?  15  GLN A CG  1 
ATOM   112  C CD  . GLN A 1 6   ? 6.760   10.815  -8.076  1.00 55.77  ?  15  GLN A CD  1 
ATOM   113  O OE1 . GLN A 1 6   ? 6.711   11.897  -7.482  1.00 56.78  ?  15  GLN A OE1 1 
ATOM   114  N NE2 . GLN A 1 6   ? 7.627   10.562  -9.045  1.00 60.68  ?  15  GLN A NE2 1 
ATOM   115  N N   A LEU A 1 7   ? 3.997   7.924   -3.857  0.29 34.56  ?  16  LEU A N   1 
ATOM   116  N N   B LEU A 1 7   ? 4.001   7.924   -3.855  0.28 34.59  ?  16  LEU A N   1 
ATOM   117  N N   C LEU A 1 7   ? 4.073   7.935   -3.877  0.22 35.63  ?  16  LEU A N   1 
ATOM   118  N N   D LEU A 1 7   ? 4.075   7.936   -3.874  0.21 35.67  ?  16  LEU A N   1 
ATOM   119  C CA  A LEU A 1 7   ? 3.716   7.933   -2.400  0.29 34.25  ?  16  LEU A CA  1 
ATOM   120  C CA  B LEU A 1 7   ? 3.725   7.928   -2.393  0.28 34.28  ?  16  LEU A CA  1 
ATOM   121  C CA  C LEU A 1 7   ? 3.803   7.833   -2.425  0.22 35.67  ?  16  LEU A CA  1 
ATOM   122  C CA  D LEU A 1 7   ? 3.808   7.830   -2.418  0.21 35.68  ?  16  LEU A CA  1 
ATOM   123  C C   A LEU A 1 7   ? 4.991   7.585   -1.640  0.29 31.73  ?  16  LEU A C   1 
ATOM   124  C C   B LEU A 1 7   ? 5.004   7.579   -1.634  0.28 31.86  ?  16  LEU A C   1 
ATOM   125  C C   C LEU A 1 7   ? 5.112   7.649   -1.672  0.22 33.09  ?  16  LEU A C   1 
ATOM   126  C C   D LEU A 1 7   ? 5.122   7.640   -1.666  0.21 33.22  ?  16  LEU A C   1 
ATOM   127  O O   A LEU A 1 7   ? 5.833   6.850   -2.184  0.29 29.66  ?  16  LEU A O   1 
ATOM   128  O O   B LEU A 1 7   ? 5.831   6.828   -2.176  0.28 29.72  ?  16  LEU A O   1 
ATOM   129  O O   C LEU A 1 7   ? 6.048   7.052   -2.225  0.22 30.42  ?  16  LEU A O   1 
ATOM   130  O O   D LEU A 1 7   ? 6.040   7.016   -2.218  0.21 30.56  ?  16  LEU A O   1 
ATOM   131  C CB  A LEU A 1 7   ? 2.614   6.926   -2.068  0.29 32.97  ?  16  LEU A CB  1 
ATOM   132  C CB  B LEU A 1 7   ? 2.618   6.923   -2.067  0.28 33.01  ?  16  LEU A CB  1 
ATOM   133  C CB  C LEU A 1 7   ? 2.902   6.629   -2.157  0.22 35.98  ?  16  LEU A CB  1 
ATOM   134  C CB  D LEU A 1 7   ? 2.903   6.627   -2.155  0.21 36.01  ?  16  LEU A CB  1 
ATOM   135  C CG  A LEU A 1 7   ? 1.262   7.153   -2.737  0.29 34.73  ?  16  LEU A CG  1 
ATOM   136  C CG  B LEU A 1 7   ? 1.266   7.151   -2.739  0.28 34.72  ?  16  LEU A CG  1 
ATOM   137  C CG  C LEU A 1 7   ? 1.555   6.635   -2.866  0.22 38.04  ?  16  LEU A CG  1 
ATOM   138  C CG  D LEU A 1 7   ? 1.557   6.635   -2.867  0.21 37.99  ?  16  LEU A CG  1 
ATOM   139  C CD1 A LEU A 1 7   ? 0.348   5.971   -2.474  0.29 34.89  ?  16  LEU A CD1 1 
ATOM   140  C CD1 B LEU A 1 7   ? 0.349   5.970   -2.477  0.28 34.87  ?  16  LEU A CD1 1 
ATOM   141  C CD1 C LEU A 1 7   ? 0.798   5.368   -2.522  0.22 38.86  ?  16  LEU A CD1 1 
ATOM   142  C CD1 D LEU A 1 7   ? 0.797   5.368   -2.525  0.21 38.78  ?  16  LEU A CD1 1 
ATOM   143  C CD2 A LEU A 1 7   ? 0.606   8.445   -2.265  0.29 33.99  ?  16  LEU A CD2 1 
ATOM   144  C CD2 B LEU A 1 7   ? 0.610   8.443   -2.265  0.28 33.99  ?  16  LEU A CD2 1 
ATOM   145  C CD2 C LEU A 1 7   ? 0.742   7.868   -2.494  0.22 39.29  ?  16  LEU A CD2 1 
ATOM   146  C CD2 D LEU A 1 7   ? 0.743   7.867   -2.496  0.21 39.19  ?  16  LEU A CD2 1 
ATOM   147  N N   A SER A 1 8   ? 5.091   8.095   -0.412  0.29 31.89  ?  17  SER A N   1 
ATOM   148  N N   B SER A 1 8   ? 5.148   8.122   -0.420  0.28 32.29  ?  17  SER A N   1 
ATOM   149  N N   C SER A 1 8   ? 5.125   8.109   -0.424  0.22 32.38  ?  17  SER A N   1 
ATOM   150  N N   D SER A 1 8   ? 5.179   8.136   -0.430  0.21 32.72  ?  17  SER A N   1 
ATOM   151  C CA  A SER A 1 8   ? 6.160   7.782   0.562   0.29 31.87  ?  17  SER A CA  1 
ATOM   152  C CA  B SER A 1 8   ? 6.208   7.762   0.554   0.28 32.02  ?  17  SER A CA  1 
ATOM   153  C CA  C SER A 1 8   ? 6.176   7.790   0.567   0.22 32.10  ?  17  SER A CA  1 
ATOM   154  C CA  D SER A 1 8   ? 6.221   7.770   0.559   0.21 32.24  ?  17  SER A CA  1 
ATOM   155  C C   A SER A 1 8   ? 5.490   7.128   1.771   0.29 30.38  ?  17  SER A C   1 
ATOM   156  C C   B SER A 1 8   ? 5.512   7.128   1.762   0.28 30.46  ?  17  SER A C   1 
ATOM   157  C C   C SER A 1 8   ? 5.495   7.130   1.769   0.22 30.37  ?  17  SER A C   1 
ATOM   158  C C   D SER A 1 8   ? 5.517   7.131   1.761   0.21 30.43  ?  17  SER A C   1 
ATOM   159  O O   A SER A 1 8   ? 4.772   7.838   2.487   0.29 28.59  ?  17  SER A O   1 
ATOM   160  O O   B SER A 1 8   ? 4.811   7.856   2.479   0.28 28.41  ?  17  SER A O   1 
ATOM   161  O O   C SER A 1 8   ? 4.785   7.845   2.494   0.22 28.50  ?  17  SER A O   1 
ATOM   162  O O   D SER A 1 8   ? 4.824   7.862   2.486   0.21 28.32  ?  17  SER A O   1 
ATOM   163  C CB  A SER A 1 8   ? 6.933   9.018   0.918   0.29 36.27  ?  17  SER A CB  1 
ATOM   164  C CB  B SER A 1 8   ? 7.053   8.951   0.938   0.28 36.46  ?  17  SER A CB  1 
ATOM   165  C CB  C SER A 1 8   ? 6.949   9.022   0.932   0.22 35.83  ?  17  SER A CB  1 
ATOM   166  C CB  D SER A 1 8   ? 7.063   8.958   0.949   0.21 35.94  ?  17  SER A CB  1 
ATOM   167  O OG  A SER A 1 8   ? 7.909   9.279   -0.079  0.29 36.31  ?  17  SER A OG  1 
ATOM   168  O OG  B SER A 1 8   ? 8.196   8.540   1.684   0.28 36.28  ?  17  SER A OG  1 
ATOM   169  O OG  C SER A 1 8   ? 7.922   9.293   -0.066  0.22 36.02  ?  17  SER A OG  1 
ATOM   170  O OG  D SER A 1 8   ? 8.206   8.544   1.690   0.21 36.00  ?  17  SER A OG  1 
ATOM   171  N N   . LEU A 1 9   ? 5.625   5.806   1.892   1.00 27.76  ?  18  LEU A N   1 
ATOM   172  C CA  . LEU A 1 9   ? 4.868   5.036   2.900   1.00 28.33  ?  18  LEU A CA  1 
ATOM   173  C C   . LEU A 1 9   ? 5.724   4.892   4.140   1.00 24.86  ?  18  LEU A C   1 
ATOM   174  O O   . LEU A 1 9   ? 6.868   4.476   4.036   1.00 24.71  ?  18  LEU A O   1 
ATOM   175  C CB  . LEU A 1 9   ? 4.507   3.662   2.363   1.00 25.79  ?  18  LEU A CB  1 
ATOM   176  C CG  . LEU A 1 9   ? 3.623   3.646   1.115   1.00 27.08  ?  18  LEU A CG  1 
ATOM   177  C CD1 . LEU A 1 9   ? 3.336   2.243   0.684   1.00 28.44  ?  18  LEU A CD1 1 
ATOM   178  C CD2 . LEU A 1 9   ? 2.345   4.396   1.350   1.00 30.05  ?  18  LEU A CD2 1 
ATOM   179  N N   . PRO A 1 10  ? 5.169   5.221   5.317   1.00 25.65  ?  19  PRO A N   1 
ATOM   180  C CA  . PRO A 1 10  ? 5.904   5.011   6.558   1.00 21.73  ?  19  PRO A CA  1 
ATOM   181  C C   . PRO A 1 10  ? 6.002   3.511   6.834   1.00 21.12  ?  19  PRO A C   1 
ATOM   182  O O   . PRO A 1 10  ? 4.979   2.796   6.747   1.00 22.19  ?  19  PRO A O   1 
ATOM   183  C CB  . PRO A 1 10  ? 5.086   5.683   7.627   1.00 24.38  ?  19  PRO A CB  1 
ATOM   184  C CG  . PRO A 1 10  ? 3.688   5.737   7.066   1.00 29.27  ?  19  PRO A CG  1 
ATOM   185  C CD  . PRO A 1 10  ? 3.846   5.801   5.553   1.00 27.31  ?  19  PRO A CD  1 
ATOM   186  N N   . VAL A 1 11  ? 7.207   3.045   7.127   1.00 21.92  ?  20  VAL A N   1 
ATOM   187  C CA  . VAL A 1 11  ? 7.486   1.625   7.417   1.00 20.16  ?  20  VAL A CA  1 
ATOM   188  C C   . VAL A 1 11  ? 7.342   1.474   8.932   1.00 23.48  ?  20  VAL A C   1 
ATOM   189  O O   . VAL A 1 11  ? 8.069   2.159   9.665   1.00 22.46  ?  20  VAL A O   1 
ATOM   190  C CB  . VAL A 1 11  ? 8.871   1.209   6.905   1.00 22.92  ?  20  VAL A CB  1 
ATOM   191  C CG1 . VAL A 1 11  ? 9.141   -0.223  7.296   1.00 22.81  ?  20  VAL A CG1 1 
ATOM   192  C CG2 . VAL A 1 11  ? 9.035   1.421   5.405   1.00 25.56  ?  20  VAL A CG2 1 
ATOM   193  N N   . LEU A 1 12  ? 6.437   0.599   9.373   1.00 21.54  ?  21  LEU A N   1 
ATOM   194  C CA  . LEU A 1 12  ? 6.131   0.408   10.820  1.00 21.90  ?  21  LEU A CA  1 
ATOM   195  C C   . LEU A 1 12  ? 6.672   -0.937  11.269  1.00 22.26  ?  21  LEU A C   1 
ATOM   196  O O   . LEU A 1 12  ? 6.635   -1.893  10.530  1.00 24.35  ?  21  LEU A O   1 
ATOM   197  C CB  . LEU A 1 12  ? 4.622   0.473   11.009  1.00 21.98  ?  21  LEU A CB  1 
ATOM   198  C CG  . LEU A 1 12  ? 3.910   1.664   10.366  1.00 22.72  ?  21  LEU A CG  1 
ATOM   199  C CD1 . LEU A 1 12  ? 2.404   1.617   10.618  1.00 23.25  ?  21  LEU A CD1 1 
ATOM   200  C CD2 . LEU A 1 12  ? 4.511   2.978   10.853  1.00 23.76  ?  21  LEU A CD2 1 
ATOM   201  N N   A GLN A 1 13  ? 7.140   -1.016  12.512  0.21 23.74  ?  22  GLN A N   1 
ATOM   202  N N   B GLN A 1 13  ? 7.115   -1.004  12.523  0.28 23.87  ?  22  GLN A N   1 
ATOM   203  N N   C GLN A 1 13  ? 7.140   -1.016  12.512  0.21 23.74  ?  22  GLN A N   1 
ATOM   204  N N   D GLN A 1 13  ? 7.115   -1.004  12.523  0.28 23.87  ?  22  GLN A N   1 
ATOM   205  C CA  A GLN A 1 13  ? 7.472   -2.316  13.150  0.21 23.86  ?  22  GLN A CA  1 
ATOM   206  C CA  B GLN A 1 13  ? 7.429   -2.280  13.216  0.28 24.11  ?  22  GLN A CA  1 
ATOM   207  C CA  C GLN A 1 13  ? 7.472   -2.316  13.150  0.21 23.86  ?  22  GLN A CA  1 
ATOM   208  C CA  D GLN A 1 13  ? 7.429   -2.280  13.216  0.28 24.11  ?  22  GLN A CA  1 
ATOM   209  C C   A GLN A 1 13  ? 6.156   -3.011  13.518  0.21 22.39  ?  22  GLN A C   1 
ATOM   210  C C   B GLN A 1 13  ? 6.114   -3.008  13.509  0.28 22.00  ?  22  GLN A C   1 
ATOM   211  C C   C GLN A 1 13  ? 6.156   -3.011  13.518  0.21 22.39  ?  22  GLN A C   1 
ATOM   212  C C   D GLN A 1 13  ? 6.114   -3.008  13.509  0.28 22.00  ?  22  GLN A C   1 
ATOM   213  O O   A GLN A 1 13  ? 5.259   -2.341  14.072  0.21 22.35  ?  22  GLN A O   1 
ATOM   214  O O   B GLN A 1 13  ? 5.180   -2.365  14.035  0.28 21.50  ?  22  GLN A O   1 
ATOM   215  O O   C GLN A 1 13  ? 5.259   -2.341  14.072  0.21 22.35  ?  22  GLN A O   1 
ATOM   216  O O   D GLN A 1 13  ? 5.180   -2.365  14.035  0.28 21.50  ?  22  GLN A O   1 
ATOM   217  C CB  A GLN A 1 13  ? 8.410   -2.083  14.334  0.21 25.63  ?  22  GLN A CB  1 
ATOM   218  C CB  B GLN A 1 13  ? 8.195   -1.987  14.503  0.28 26.28  ?  22  GLN A CB  1 
ATOM   219  C CB  C GLN A 1 13  ? 8.410   -2.083  14.334  0.21 25.63  ?  22  GLN A CB  1 
ATOM   220  C CB  D GLN A 1 13  ? 8.195   -1.987  14.503  0.28 26.28  ?  22  GLN A CB  1 
ATOM   221  C CG  A GLN A 1 13  ? 9.865   -1.953  13.908  0.21 28.17  ?  22  GLN A CG  1 
ATOM   222  C CG  B GLN A 1 13  ? 9.311   -0.980  14.302  0.28 30.00  ?  22  GLN A CG  1 
ATOM   223  C CG  C GLN A 1 13  ? 9.865   -1.953  13.908  0.21 28.17  ?  22  GLN A CG  1 
ATOM   224  C CG  D GLN A 1 13  ? 9.311   -0.980  14.302  0.28 30.00  ?  22  GLN A CG  1 
ATOM   225  C CD  A GLN A 1 13  ? 10.440  -3.257  13.414  0.21 31.43  ?  22  GLN A CD  1 
ATOM   226  C CD  B GLN A 1 13  ? 10.305  -1.028  15.430  0.28 35.21  ?  22  GLN A CD  1 
ATOM   227  C CD  C GLN A 1 13  ? 10.440  -3.257  13.414  0.21 31.43  ?  22  GLN A CD  1 
ATOM   228  C CD  D GLN A 1 13  ? 10.305  -1.028  15.430  0.28 35.21  ?  22  GLN A CD  1 
ATOM   229  O OE1 A GLN A 1 13  ? 9.820   -4.314  13.524  0.21 35.11  ?  22  GLN A OE1 1 
ATOM   230  O OE1 B GLN A 1 13  ? 10.243  -0.239  16.376  0.28 41.51  ?  22  GLN A OE1 1 
ATOM   231  O OE1 C GLN A 1 13  ? 9.820   -4.314  13.524  0.21 35.11  ?  22  GLN A OE1 1 
ATOM   232  O OE1 D GLN A 1 13  ? 10.243  -0.239  16.376  0.28 41.51  ?  22  GLN A OE1 1 
ATOM   233  N NE2 A GLN A 1 13  ? 11.648  -3.193  12.879  0.21 35.59  ?  22  GLN A NE2 1 
ATOM   234  N NE2 B GLN A 1 13  ? 11.249  -1.946  15.312  0.28 38.41  ?  22  GLN A NE2 1 
ATOM   235  N NE2 C GLN A 1 13  ? 11.648  -3.193  12.879  0.21 35.59  ?  22  GLN A NE2 1 
ATOM   236  N NE2 D GLN A 1 13  ? 11.249  -1.946  15.312  0.28 38.41  ?  22  GLN A NE2 1 
ATOM   237  N N   . VAL A 1 14  ? 6.039   -4.303  13.194  1.00 23.47  ?  23  VAL A N   1 
ATOM   238  C CA  . VAL A 1 14  ? 4.791   -5.083  13.375  1.00 22.17  ?  23  VAL A CA  1 
ATOM   239  C C   . VAL A 1 14  ? 4.253   -4.956  14.808  1.00 21.94  ?  23  VAL A C   1 
ATOM   240  O O   . VAL A 1 14  ? 3.073   -4.765  14.947  1.00 22.72  ?  23  VAL A O   1 
ATOM   241  C CB  . VAL A 1 14  ? 4.932   -6.527  12.895  1.00 24.54  ?  23  VAL A CB  1 
ATOM   242  C CG1 . VAL A 1 14  ? 5.907   -7.318  13.746  1.00 25.21  ?  23  VAL A CG1 1 
ATOM   243  C CG2 . VAL A 1 14  ? 3.597   -7.197  12.797  1.00 27.05  ?  23  VAL A CG2 1 
ATOM   244  N N   . ARG A 1 15  ? 5.105   -4.943  15.832  1.00 21.92  ?  24  ARG A N   1 
ATOM   245  C CA  . ARG A 1 15  ? 4.611   -4.871  17.237  1.00 23.50  ?  24  ARG A CA  1 
ATOM   246  C C   . ARG A 1 15  ? 4.074   -3.509  17.651  1.00 22.33  ?  24  ARG A C   1 
ATOM   247  O O   . ARG A 1 15  ? 3.387   -3.452  18.687  1.00 25.22  ?  24  ARG A O   1 
ATOM   248  C CB  . ARG A 1 15  ? 5.705   -5.308  18.219  1.00 25.69  ?  24  ARG A CB  1 
ATOM   249  C CG  . ARG A 1 15  ? 5.991   -6.787  18.071  1.00 28.34  ?  24  ARG A CG  1 
ATOM   250  C CD  . ARG A 1 15  ? 7.012   -7.300  19.074  1.00 31.58  ?  24  ARG A CD  1 
ATOM   251  N NE  . ARG A 1 15  ? 7.314   -8.717  18.828  1.00 36.70  ?  24  ARG A NE  1 
ATOM   252  C CZ  . ARG A 1 15  ? 6.557   -9.738  19.198  1.00 40.16  ?  24  ARG A CZ  1 
ATOM   253  N NH1 . ARG A 1 15  ? 5.426   -9.534  19.864  1.00 42.66  ?  24  ARG A NH1 1 
ATOM   254  N NH2 . ARG A 1 15  ? 6.934   -10.971 18.903  1.00 37.20  ?  24  ARG A NH2 1 
ATOM   255  N N   . ASP A 1 16  ? 4.311   -2.471  16.858  1.00 21.43  ?  25  ASP A N   1 
ATOM   256  C CA  . ASP A 1 16  ? 3.727   -1.130  17.064  1.00 22.45  ?  25  ASP A CA  1 
ATOM   257  C C   . ASP A 1 16  ? 2.343   -1.005  16.448  1.00 22.66  ?  25  ASP A C   1 
ATOM   258  O O   . ASP A 1 16  ? 1.568   -0.092  16.838  1.00 23.33  ?  25  ASP A O   1 
ATOM   259  C CB  . ASP A 1 16  ? 4.644   -0.065  16.493  1.00 22.62  ?  25  ASP A CB  1 
ATOM   260  C CG  . ASP A 1 16  ? 5.888   0.191   17.330  1.00 27.92  ?  25  ASP A CG  1 
ATOM   261  O OD1 . ASP A 1 16  ? 5.894   -0.182  18.507  1.00 25.36  ?  25  ASP A OD1 1 
ATOM   262  O OD2 . ASP A 1 16  ? 6.772   0.855   16.814  1.00 29.73  ?  25  ASP A OD2 1 
ATOM   263  N N   . VAL A 1 17  ? 2.012   -1.835  15.483  1.00 21.91  ?  26  VAL A N   1 
ATOM   264  C CA  . VAL A 1 17  ? 0.784   -1.570  14.701  1.00 21.27  ?  26  VAL A CA  1 
ATOM   265  C C   . VAL A 1 17  ? -0.471  -1.745  15.568  1.00 20.68  ?  26  VAL A C   1 
ATOM   266  O O   . VAL A 1 17  ? -0.693  -2.814  16.157  1.00 22.83  ?  26  VAL A O   1 
ATOM   267  C CB  . VAL A 1 17  ? 0.727   -2.454  13.440  1.00 20.72  ?  26  VAL A CB  1 
ATOM   268  C CG1 . VAL A 1 17  ? -0.599  -2.316  12.706  1.00 22.52  ?  26  VAL A CG1 1 
ATOM   269  C CG2 . VAL A 1 17  ? 1.903   -2.176  12.515  1.00 22.36  ?  26  VAL A CG2 1 
ATOM   270  N N   . LEU A 1 18  ? -1.293  -0.702  15.613  1.00 20.69  ?  27  LEU A N   1 
ATOM   271  C CA  . LEU A 1 18  ? -2.508  -0.750  16.438  1.00 22.26  ?  27  LEU A CA  1 
ATOM   272  C C   . LEU A 1 18  ? -3.668  -1.373  15.684  1.00 20.26  ?  27  LEU A C   1 
ATOM   273  O O   . LEU A 1 18  ? -4.504  -1.990  16.336  1.00 23.04  ?  27  LEU A O   1 
ATOM   274  C CB  . LEU A 1 18  ? -2.870  0.662   16.860  1.00 23.75  ?  27  LEU A CB  1 
ATOM   275  C CG  . LEU A 1 18  ? -1.809  1.335   17.707  1.00 27.34  ?  27  LEU A CG  1 
ATOM   276  C CD1 . LEU A 1 18  ? -2.242  2.725   18.077  1.00 28.63  ?  27  LEU A CD1 1 
ATOM   277  C CD2 . LEU A 1 18  ? -1.489  0.524   18.943  1.00 31.95  ?  27  LEU A CD2 1 
ATOM   278  N N   . VAL A 1 19  ? -3.763  -1.189  14.389  1.00 21.19  ?  28  VAL A N   1 
ATOM   279  C CA  . VAL A 1 19  ? -4.924  -1.699  13.611  1.00 21.71  ?  28  VAL A CA  1 
ATOM   280  C C   . VAL A 1 19  ? -4.341  -2.631  12.567  1.00 20.69  ?  28  VAL A C   1 
ATOM   281  O O   . VAL A 1 19  ? -3.668  -2.137  11.654  1.00 23.86  ?  28  VAL A O   1 
ATOM   282  C CB  . VAL A 1 19  ? -5.762  -0.582  12.989  1.00 20.81  ?  28  VAL A CB  1 
ATOM   283  C CG1 . VAL A 1 19  ? -6.975  -1.153  12.268  1.00 24.36  ?  28  VAL A CG1 1 
ATOM   284  C CG2 . VAL A 1 19  ? -6.174  0.454   14.010  1.00 22.54  ?  28  VAL A CG2 1 
ATOM   285  N N   . ARG A 1 20  ? -4.553  -3.927  12.740  1.00 22.16  ?  29  ARG A N   1 
ATOM   286  C CA  . ARG A 1 20  ? -3.627  -4.928  12.141  1.00 20.51  ?  29  ARG A CA  1 
ATOM   287  C C   . ARG A 1 20  ? -4.185  -5.455  10.806  1.00 22.46  ?  29  ARG A C   1 
ATOM   288  O O   . ARG A 1 20  ? -3.597  -6.371  10.280  1.00 21.87  ?  29  ARG A O   1 
ATOM   289  C CB  . ARG A 1 20  ? -3.395  -6.064  13.116  1.00 25.24  ?  29  ARG A CB  1 
ATOM   290  C CG  . ARG A 1 20  ? -2.450  -5.612  14.221  1.00 27.82  ?  29  ARG A CG  1 
ATOM   291  C CD  . ARG A 1 20  ? -2.163  -6.575  15.323  1.00 35.53  ?  29  ARG A CD  1 
ATOM   292  N NE  . ARG A 1 20  ? -1.239  -5.887  16.204  1.00 48.12  ?  29  ARG A NE  1 
ATOM   293  C CZ  . ARG A 1 20  ? 0.090   -5.948  16.145  1.00 43.98  ?  29  ARG A CZ  1 
ATOM   294  N NH1 . ARG A 1 20  ? 0.696   -6.760  15.296  1.00 56.66  ?  29  ARG A NH1 1 
ATOM   295  N NH2 . ARG A 1 20  ? 0.793   -5.280  17.034  1.00 40.89  ?  29  ARG A NH2 1 
ATOM   296  N N   . GLY A 1 21  ? -5.159  -4.776  10.235  1.00 23.23  ?  30  GLY A N   1 
ATOM   297  C CA  . GLY A 1 21  ? -5.657  -5.063  8.887   1.00 22.22  ?  30  GLY A CA  1 
ATOM   298  C C   . GLY A 1 21  ? -6.717  -4.074  8.509   1.00 23.81  ?  30  GLY A C   1 
ATOM   299  O O   . GLY A 1 21  ? -7.085  -3.211  9.335   1.00 22.88  ?  30  GLY A O   1 
ATOM   300  N N   . PHE A 1 22  ? -7.249  -4.230  7.300   1.00 22.54  ?  31  PHE A N   1 
ATOM   301  C CA  . PHE A 1 22  ? -8.165  -3.248  6.710   1.00 22.10  ?  31  PHE A CA  1 
ATOM   302  C C   . PHE A 1 22  ? -9.628  -3.723  6.726   1.00 27.02  ?  31  PHE A C   1 
ATOM   303  O O   . PHE A 1 22  ? -10.505 -2.954  6.410   1.00 31.99  ?  31  PHE A O   1 
ATOM   304  C CB  . PHE A 1 22  ? -7.745  -2.998  5.269   1.00 23.59  ?  31  PHE A CB  1 
ATOM   305  C CG  . PHE A 1 22  ? -6.563  -2.088  5.129   1.00 21.31  ?  31  PHE A CG  1 
ATOM   306  C CD1 . PHE A 1 22  ? -6.661  -0.744  5.487   1.00 21.07  ?  31  PHE A CD1 1 
ATOM   307  C CD2 . PHE A 1 22  ? -5.360  -2.547  4.648   1.00 22.30  ?  31  PHE A CD2 1 
ATOM   308  C CE1 . PHE A 1 22  ? -5.587  0.118   5.321   1.00 22.31  ?  31  PHE A CE1 1 
ATOM   309  C CE2 . PHE A 1 22  ? -4.283  -1.675  4.499   1.00 21.27  ?  31  PHE A CE2 1 
ATOM   310  C CZ  . PHE A 1 22  ? -4.404  -0.345  4.823   1.00 22.55  ?  31  PHE A CZ  1 
ATOM   311  N N   . GLY A 1 23  ? -9.903  -4.937  7.145   1.00 25.68  ?  32  GLY A N   1 
ATOM   312  C CA  . GLY A 1 23  ? -11.294 -5.426  7.141   1.00 26.46  ?  32  GLY A CA  1 
ATOM   313  C C   . GLY A 1 23  ? -11.371 -6.914  6.886   1.00 26.01  ?  32  GLY A C   1 
ATOM   314  O O   . GLY A 1 23  ? -10.407 -7.665  7.193   1.00 25.35  ?  32  GLY A O   1 
ATOM   315  N N   . ASP A 1 24  ? -12.557 -7.346  6.470   1.00 26.35  ?  33  ASP A N   1 
ATOM   316  C CA  . ASP A 1 24  ? -12.944 -8.762  6.691   1.00 27.39  ?  33  ASP A CA  1 
ATOM   317  C C   . ASP A 1 24  ? -13.144 -9.546  5.399   1.00 28.21  ?  33  ASP A C   1 
ATOM   318  O O   . ASP A 1 24  ? -13.544 -10.691 5.507   1.00 32.25  ?  33  ASP A O   1 
ATOM   319  C CB  . ASP A 1 24  ? -14.225 -8.789  7.506   1.00 29.61  ?  33  ASP A CB  1 
ATOM   320  C CG  . ASP A 1 24  ? -14.031 -8.104  8.860   1.00 33.98  ?  33  ASP A CG  1 
ATOM   321  O OD1 . ASP A 1 24  ? -12.887 -8.132  9.370   1.00 34.22  ?  33  ASP A OD1 1 
ATOM   322  O OD2 . ASP A 1 24  ? -15.029 -7.616  9.397   1.00 40.48  ?  33  ASP A OD2 1 
ATOM   323  N N   . SER A 1 25  ? -12.925 -8.952  4.247   1.00 27.67  ?  34  SER A N   1 
ATOM   324  C CA  . SER A 1 25  ? -13.115 -9.635  2.941   1.00 28.66  ?  34  SER A CA  1 
ATOM   325  C C   . SER A 1 25  ? -12.031 -9.129  2.007   1.00 29.64  ?  34  SER A C   1 
ATOM   326  O O   . SER A 1 25  ? -11.497 -8.065  2.231   1.00 26.96  ?  34  SER A O   1 
ATOM   327  C CB  . SER A 1 25  ? -14.482 -9.389  2.382   1.00 27.03  ?  34  SER A CB  1 
ATOM   328  O OG  . SER A 1 25  ? -14.687 -8.061  1.923   1.00 27.19  ?  34  SER A OG  1 
ATOM   329  N N   . VAL A 1 26  ? -11.688 -9.910  0.996   1.00 30.66  ?  35  VAL A N   1 
ATOM   330  C CA  . VAL A 1 26  ? -10.670 -9.480  0.009   1.00 28.91  ?  35  VAL A CA  1 
ATOM   331  C C   . VAL A 1 26  ? -11.107 -8.145  -0.596  1.00 28.30  ?  35  VAL A C   1 
ATOM   332  O O   . VAL A 1 26  ? -10.272 -7.210  -0.778  1.00 26.46  ?  35  VAL A O   1 
ATOM   333  C CB  . VAL A 1 26  ? -10.535 -10.583 -1.050  1.00 31.74  ?  35  VAL A CB  1 
ATOM   334  C CG1 . VAL A 1 26  ? -9.868  -10.050 -2.303  1.00 34.65  ?  35  VAL A CG1 1 
ATOM   335  C CG2 . VAL A 1 26  ? -9.802  -11.769 -0.489  1.00 32.08  ?  35  VAL A CG2 1 
ATOM   336  N N   . GLU A 1 27  ? -12.381 -8.046  -0.989  1.00 27.10  ?  36  GLU A N   1 
ATOM   337  C CA  . GLU A 1 27  ? -12.839 -6.826  -1.674  1.00 29.66  ?  36  GLU A CA  1 
ATOM   338  C C   . GLU A 1 27  ? -12.750 -5.636  -0.695  1.00 30.16  ?  36  GLU A C   1 
ATOM   339  O O   . GLU A 1 27  ? -12.426 -4.509  -1.158  1.00 29.06  ?  36  GLU A O   1 
ATOM   340  C CB  . GLU A 1 27  ? -14.268 -7.013  -2.185  1.00 36.51  ?  36  GLU A CB  1 
ATOM   341  C CG  . GLU A 1 27  ? -14.357 -7.983  -3.345  1.00 39.70  ?  36  GLU A CG  1 
ATOM   342  C CD  . GLU A 1 27  ? -15.764 -8.529  -3.421  1.00 44.30  ?  36  GLU A CD  1 
ATOM   343  O OE1 . GLU A 1 27  ? -15.982 -9.617  -2.900  1.00 58.78  ?  36  GLU A OE1 1 
ATOM   344  O OE2 . GLU A 1 27  ? -16.639 -7.827  -3.929  1.00 46.60  ?  36  GLU A OE2 1 
ATOM   345  N N   . GLU A 1 28  ? -13.087 -5.848  0.588   1.00 27.42  ?  37  GLU A N   1 
ATOM   346  C CA  . GLU A 1 28  ? -13.073 -4.732  1.560   1.00 27.13  ?  37  GLU A CA  1 
ATOM   347  C C   . GLU A 1 28  ? -11.632 -4.283  1.817   1.00 23.56  ?  37  GLU A C   1 
ATOM   348  O O   . GLU A 1 28  ? -11.400 -3.072  1.868   1.00 23.41  ?  37  GLU A O   1 
ATOM   349  C CB  . GLU A 1 28  ? -13.743 -5.108  2.873   1.00 26.61  ?  37  GLU A CB  1 
ATOM   350  C CG  . GLU A 1 28  ? -13.741 -3.924  3.826   1.00 26.86  ?  37  GLU A CG  1 
ATOM   351  C CD  . GLU A 1 28  ? -14.404 -4.198  5.165   1.00 27.79  ?  37  GLU A CD  1 
ATOM   352  O OE1 . GLU A 1 28  ? -14.508 -5.385  5.567   1.00 27.04  ?  37  GLU A OE1 1 
ATOM   353  O OE2 . GLU A 1 28  ? -14.833 -3.183  5.805   1.00 29.62  ?  37  GLU A OE2 1 
ATOM   354  N N   . VAL A 1 29  ? -10.723 -5.217  1.963   1.00 23.15  ?  38  VAL A N   1 
ATOM   355  C CA  . VAL A 1 29  ? -9.338  -4.816  2.346   1.00 25.13  ?  38  VAL A CA  1 
ATOM   356  C C   . VAL A 1 29  ? -8.679  -4.088  1.184   1.00 23.62  ?  38  VAL A C   1 
ATOM   357  O O   . VAL A 1 29  ? -7.967  -3.144  1.433   1.00 23.56  ?  38  VAL A O   1 
ATOM   358  C CB  . VAL A 1 29  ? -8.477  -5.966  2.848   1.00 22.94  ?  38  VAL A CB  1 
ATOM   359  C CG1 . VAL A 1 29  ? -9.108  -6.623  4.079   1.00 22.93  ?  38  VAL A CG1 1 
ATOM   360  C CG2 . VAL A 1 29  ? -8.162  -7.022  1.807   1.00 23.82  ?  38  VAL A CG2 1 
ATOM   361  N N   . LEU A 1 30  ? -8.932  -4.517  -0.061  1.00 25.43  ?  39  LEU A N   1 
ATOM   362  C CA  . LEU A 1 30  ? -8.363  -3.800  -1.227  1.00 25.93  ?  39  LEU A CA  1 
ATOM   363  C C   . LEU A 1 30  ? -8.963  -2.395  -1.334  1.00 25.23  ?  39  LEU A C   1 
ATOM   364  O O   . LEU A 1 30  ? -8.248  -1.448  -1.609  1.00 25.61  ?  39  LEU A O   1 
ATOM   365  C CB  . LEU A 1 30  ? -8.586  -4.641  -2.497  1.00 27.80  ?  39  LEU A CB  1 
ATOM   366  C CG  . LEU A 1 30  ? -7.687  -5.853  -2.687  1.00 29.58  ?  39  LEU A CG  1 
ATOM   367  C CD1 . LEU A 1 30  ? -8.234  -6.748  -3.785  1.00 30.29  ?  39  LEU A CD1 1 
ATOM   368  C CD2 . LEU A 1 30  ? -6.255  -5.446  -2.992  1.00 32.30  ?  39  LEU A CD2 1 
ATOM   369  N N   A SER A 1 31  ? -10.268 -2.268  -1.090  0.29 23.48  ?  40  SER A N   1 
ATOM   370  N N   B SER A 1 31  ? -10.268 -2.258  -1.085  0.28 27.25  ?  40  SER A N   1 
ATOM   371  N N   C SER A 1 31  ? -10.268 -2.268  -1.088  0.22 23.64  ?  40  SER A N   1 
ATOM   372  N N   D SER A 1 31  ? -10.267 -2.258  -1.081  0.21 27.28  ?  40  SER A N   1 
ATOM   373  C CA  A SER A 1 31  ? -11.006 -0.976  -1.078  0.29 22.92  ?  40  SER A CA  1 
ATOM   374  C CA  B SER A 1 31  ? -10.998 -0.959  -1.097  0.28 28.83  ?  40  SER A CA  1 
ATOM   375  C CA  C SER A 1 31  ? -11.008 -0.976  -1.079  0.22 23.05  ?  40  SER A CA  1 
ATOM   376  C CA  D SER A 1 31  ? -11.001 -0.962  -1.097  0.21 28.72  ?  40  SER A CA  1 
ATOM   377  C C   A SER A 1 31  ? -10.431 -0.034  -0.014  0.29 23.93  ?  40  SER A C   1 
ATOM   378  C C   B SER A 1 31  ? -10.459 -0.023  -0.008  0.28 27.27  ?  40  SER A C   1 
ATOM   379  C C   C SER A 1 31  ? -10.438 -0.034  -0.014  0.22 23.99  ?  40  SER A C   1 
ATOM   380  C C   D SER A 1 31  ? -10.467 -0.023  -0.007  0.21 27.22  ?  40  SER A C   1 
ATOM   381  O O   A SER A 1 31  ? -10.153 1.149   -0.326  0.29 23.78  ?  40  SER A O   1 
ATOM   382  O O   B SER A 1 31  ? -10.224 1.175   -0.301  0.28 26.65  ?  40  SER A O   1 
ATOM   383  O O   C SER A 1 31  ? -10.177 1.154   -0.323  0.22 23.75  ?  40  SER A O   1 
ATOM   384  O O   D SER A 1 31  ? -10.251 1.180   -0.298  0.21 26.53  ?  40  SER A O   1 
ATOM   385  C CB  A SER A 1 31  ? -12.463 -1.205  -0.825  0.29 22.52  ?  40  SER A CB  1 
ATOM   386  C CB  B SER A 1 31  ? -12.477 -1.174  -0.932  0.28 32.45  ?  40  SER A CB  1 
ATOM   387  C CB  C SER A 1 31  ? -12.466 -1.205  -0.831  0.22 22.59  ?  40  SER A CB  1 
ATOM   388  C CB  D SER A 1 31  ? -12.480 -1.180  -0.934  0.21 32.02  ?  40  SER A CB  1 
ATOM   389  O OG  A SER A 1 31  ? -13.156 0.029   -0.824  0.29 19.50  ?  40  SER A OG  1 
ATOM   390  O OG  B SER A 1 31  ? -13.035 -1.728  -2.119  0.28 39.58  ?  40  SER A OG  1 
ATOM   391  O OG  C SER A 1 31  ? -13.157 0.032   -0.822  0.22 19.94  ?  40  SER A OG  1 
ATOM   392  O OG  D SER A 1 31  ? -13.037 -1.734  -2.120  0.21 38.21  ?  40  SER A OG  1 
ATOM   393  N N   . GLU A 1 32  ? -10.287 -0.553  1.206   1.00 25.04  ?  41  GLU A N   1 
ATOM   394  C CA  . GLU A 1 32  ? -9.816  0.254   2.360   1.00 25.38  ?  41  GLU A CA  1 
ATOM   395  C C   . GLU A 1 32  ? -8.352  0.635   2.150   1.00 24.96  ?  41  GLU A C   1 
ATOM   396  O O   . GLU A 1 32  ? -8.024  1.790   2.472   1.00 25.15  ?  41  GLU A O   1 
ATOM   397  C CB  . GLU A 1 32  ? -10.092 -0.490  3.664   1.00 25.89  ?  41  GLU A CB  1 
ATOM   398  C CG  . GLU A 1 32  ? -11.542 -0.448  4.084   1.00 26.69  ?  41  GLU A CG  1 
ATOM   399  C CD  . GLU A 1 32  ? -12.035 0.928   4.471   1.00 35.90  ?  41  GLU A CD  1 
ATOM   400  O OE1 . GLU A 1 32  ? -11.237 1.738   4.956   1.00 36.59  ?  41  GLU A OE1 1 
ATOM   401  O OE2 . GLU A 1 32  ? -13.209 1.158   4.319   1.00 33.32  ?  41  GLU A OE2 1 
ATOM   402  N N   . ALA A 1 33  ? -7.537  -0.274  1.633   1.00 24.82  ?  42  ALA A N   1 
ATOM   403  C CA  . ALA A 1 33  ? -6.107  0.007   1.395   1.00 23.84  ?  42  ALA A CA  1 
ATOM   404  C C   . ALA A 1 33  ? -6.013  1.221   0.446   1.00 27.12  ?  42  ALA A C   1 
ATOM   405  O O   . ALA A 1 33  ? -5.279  2.165   0.697   1.00 25.60  ?  42  ALA A O   1 
ATOM   406  C CB  . ALA A 1 33  ? -5.377  -1.225  0.904   1.00 23.74  ?  42  ALA A CB  1 
ATOM   407  N N   A ARG A 1 34  ? -6.726  1.122   -0.674  0.29 26.81  ?  43  ARG A N   1 
ATOM   408  N N   B ARG A 1 34  ? -6.726  1.122   -0.674  0.28 26.81  ?  43  ARG A N   1 
ATOM   409  N N   C ARG A 1 34  ? -6.865  1.257   -0.582  0.22 28.83  ?  43  ARG A N   1 
ATOM   410  N N   D ARG A 1 34  ? -6.864  1.256   -0.583  0.21 28.84  ?  43  ARG A N   1 
ATOM   411  C CA  A ARG A 1 34  ? -6.706  2.145   -1.745  0.29 26.93  ?  43  ARG A CA  1 
ATOM   412  C CA  B ARG A 1 34  ? -6.706  2.146   -1.746  0.28 26.96  ?  43  ARG A CA  1 
ATOM   413  C CA  C ARG A 1 34  ? -6.921  2.378   -1.563  0.22 30.40  ?  43  ARG A CA  1 
ATOM   414  C CA  D ARG A 1 34  ? -6.921  2.376   -1.564  0.21 30.44  ?  43  ARG A CA  1 
ATOM   415  C C   A ARG A 1 34  ? -7.136  3.484   -1.156  0.29 25.68  ?  43  ARG A C   1 
ATOM   416  C C   B ARG A 1 34  ? -7.136  3.484   -1.156  0.28 25.72  ?  43  ARG A C   1 
ATOM   417  C C   C ARG A 1 34  ? -7.377  3.674   -0.879  0.22 30.19  ?  43  ARG A C   1 
ATOM   418  C C   D ARG A 1 34  ? -7.378  3.674   -0.881  0.21 30.24  ?  43  ARG A C   1 
ATOM   419  O O   A ARG A 1 34  ? -6.459  4.480   -1.427  0.29 27.26  ?  43  ARG A O   1 
ATOM   420  O O   B ARG A 1 34  ? -6.458  4.481   -1.428  0.28 27.25  ?  43  ARG A O   1 
ATOM   421  O O   C ARG A 1 34  ? -6.737  4.716   -1.112  0.22 29.35  ?  43  ARG A O   1 
ATOM   422  O O   D ARG A 1 34  ? -6.739  4.716   -1.118  0.21 29.37  ?  43  ARG A O   1 
ATOM   423  C CB  A ARG A 1 34  ? -7.615  1.710   -2.894  0.29 28.06  ?  43  ARG A CB  1 
ATOM   424  C CB  B ARG A 1 34  ? -7.615  1.711   -2.895  0.28 28.11  ?  43  ARG A CB  1 
ATOM   425  C CB  C ARG A 1 34  ? -7.840  2.005   -2.728  0.22 33.35  ?  43  ARG A CB  1 
ATOM   426  C CB  D ARG A 1 34  ? -7.842  2.003   -2.728  0.21 33.35  ?  43  ARG A CB  1 
ATOM   427  C CG  A ARG A 1 34  ? -7.037  0.572   -3.711  0.29 31.40  ?  43  ARG A CG  1 
ATOM   428  C CG  B ARG A 1 34  ? -7.037  0.572   -3.712  0.28 31.39  ?  43  ARG A CG  1 
ATOM   429  C CG  C ARG A 1 34  ? -7.230  0.976   -3.665  0.22 35.67  ?  43  ARG A CG  1 
ATOM   430  C CG  D ARG A 1 34  ? -7.231  0.977   -3.666  0.21 35.66  ?  43  ARG A CG  1 
ATOM   431  C CD  A ARG A 1 34  ? -7.815  0.338   -4.990  0.29 34.48  ?  43  ARG A CD  1 
ATOM   432  C CD  B ARG A 1 34  ? -7.815  0.339   -4.991  0.28 34.43  ?  43  ARG A CD  1 
ATOM   433  C CD  C ARG A 1 34  ? -8.157  0.596   -4.803  0.22 39.29  ?  43  ARG A CD  1 
ATOM   434  C CD  D ARG A 1 34  ? -8.157  0.595   -4.804  0.21 39.20  ?  43  ARG A CD  1 
ATOM   435  N NE  A ARG A 1 34  ? -7.024  -0.520  -5.856  0.29 35.92  ?  43  ARG A NE  1 
ATOM   436  N NE  B ARG A 1 34  ? -7.024  -0.520  -5.857  0.28 35.88  ?  43  ARG A NE  1 
ATOM   437  N NE  C ARG A 1 34  ? -7.418  -0.106  -5.845  0.22 41.83  ?  43  ARG A NE  1 
ATOM   438  N NE  D ARG A 1 34  ? -7.418  -0.107  -5.847  0.21 41.71  ?  43  ARG A NE  1 
ATOM   439  C CZ  A ARG A 1 34  ? -7.196  -1.832  -6.007  0.29 37.11  ?  43  ARG A CZ  1 
ATOM   440  C CZ  B ARG A 1 34  ? -7.196  -1.832  -6.007  0.28 37.08  ?  43  ARG A CZ  1 
ATOM   441  C CZ  C ARG A 1 34  ? -7.430  -1.423  -6.056  0.22 43.46  ?  43  ARG A CZ  1 
ATOM   442  C CZ  D ARG A 1 34  ? -7.431  -1.423  -6.057  0.21 43.35  ?  43  ARG A CZ  1 
ATOM   443  N NH1 A ARG A 1 34  ? -8.165  -2.471  -5.374  0.29 38.17  ?  43  ARG A NH1 1 
ATOM   444  N NH1 B ARG A 1 34  ? -8.165  -2.472  -5.374  0.28 38.12  ?  43  ARG A NH1 1 
ATOM   445  N NH1 C ARG A 1 34  ? -8.158  -2.230  -5.301  0.22 44.36  ?  43  ARG A NH1 1 
ATOM   446  N NH1 D ARG A 1 34  ? -8.159  -2.231  -5.301  0.21 44.22  ?  43  ARG A NH1 1 
ATOM   447  N NH2 A ARG A 1 34  ? -6.391  -2.507  -6.806  0.29 38.71  ?  43  ARG A NH2 1 
ATOM   448  N NH2 B ARG A 1 34  ? -6.391  -2.507  -6.807  0.28 38.65  ?  43  ARG A NH2 1 
ATOM   449  N NH2 C ARG A 1 34  ? -6.707  -1.930  -7.038  0.22 45.95  ?  43  ARG A NH2 1 
ATOM   450  N NH2 D ARG A 1 34  ? -6.709  -1.931  -7.040  0.21 45.74  ?  43  ARG A NH2 1 
ATOM   451  N N   A GLN A 1 35  ? -8.200  3.489   -0.351  0.29 25.02  ?  44  GLN A N   1 
ATOM   452  N N   B GLN A 1 35  ? -8.199  3.490   -0.350  0.28 25.07  ?  44  GLN A N   1 
ATOM   453  N N   C GLN A 1 35  ? -8.436  3.628   -0.066  0.22 30.81  ?  44  GLN A N   1 
ATOM   454  N N   D GLN A 1 35  ? -8.434  3.628   -0.066  0.21 30.88  ?  44  GLN A N   1 
ATOM   455  C CA  A GLN A 1 35  ? -8.677  4.719   0.329   0.29 25.88  ?  44  GLN A CA  1 
ATOM   456  C CA  B GLN A 1 35  ? -8.678  4.720   0.329   0.28 25.93  ?  44  GLN A CA  1 
ATOM   457  C CA  C GLN A 1 35  ? -8.970  4.828   0.633   0.22 32.51  ?  44  GLN A CA  1 
ATOM   458  C CA  D GLN A 1 35  ? -8.970  4.828   0.633   0.21 32.55  ?  44  GLN A CA  1 
ATOM   459  C C   A GLN A 1 35  ? -7.560  5.271   1.225   0.29 24.94  ?  44  GLN A C   1 
ATOM   460  C C   B GLN A 1 35  ? -7.560  5.272   1.226   0.28 24.97  ?  44  GLN A C   1 
ATOM   461  C C   C GLN A 1 35  ? -7.901  5.404   1.575   0.22 30.91  ?  44  GLN A C   1 
ATOM   462  C C   D GLN A 1 35  ? -7.901  5.404   1.574   0.21 30.95  ?  44  GLN A C   1 
ATOM   463  O O   A GLN A 1 35  ? -7.276  6.471   1.151   0.29 24.78  ?  44  GLN A O   1 
ATOM   464  O O   B GLN A 1 35  ? -7.277  6.472   1.151   0.28 24.77  ?  44  GLN A O   1 
ATOM   465  O O   C GLN A 1 35  ? -7.777  6.641   1.647   0.22 28.97  ?  44  GLN A O   1 
ATOM   466  O O   D GLN A 1 35  ? -7.773  6.641   1.642   0.21 29.01  ?  44  GLN A O   1 
ATOM   467  C CB  A GLN A 1 35  ? -9.946  4.457   1.140   0.29 28.86  ?  44  GLN A CB  1 
ATOM   468  C CB  B GLN A 1 35  ? -9.946  4.459   1.141   0.28 28.89  ?  44  GLN A CB  1 
ATOM   469  C CB  C GLN A 1 35  ? -10.242 4.492   1.413   0.22 35.53  ?  44  GLN A CB  1 
ATOM   470  C CB  D GLN A 1 35  ? -10.241 4.492   1.414   0.21 35.55  ?  44  GLN A CB  1 
ATOM   471  C CG  A GLN A 1 35  ? -10.661 5.743   1.525   0.29 33.18  ?  44  GLN A CG  1 
ATOM   472  C CG  B GLN A 1 35  ? -10.662 5.742   1.525   0.28 33.15  ?  44  GLN A CG  1 
ATOM   473  C CG  C GLN A 1 35  ? -10.958 5.717   1.967   0.22 40.55  ?  44  GLN A CG  1 
ATOM   474  C CG  D GLN A 1 35  ? -10.958 5.717   1.967   0.21 40.42  ?  44  GLN A CG  1 
ATOM   475  C CD  A GLN A 1 35  ? -11.025 6.554   0.301   0.29 38.35  ?  44  GLN A CD  1 
ATOM   476  C CD  B GLN A 1 35  ? -11.026 6.554   0.301   0.28 38.23  ?  44  GLN A CD  1 
ATOM   477  C CD  C GLN A 1 35  ? -11.542 6.592   0.882   0.22 44.79  ?  44  GLN A CD  1 
ATOM   478  C CD  D GLN A 1 35  ? -11.540 6.592   0.881   0.21 44.56  ?  44  GLN A CD  1 
ATOM   479  O OE1 A GLN A 1 35  ? -11.467 6.012   -0.718  0.29 42.13  ?  44  GLN A OE1 1 
ATOM   480  O OE1 B GLN A 1 35  ? -11.470 6.012   -0.716  0.28 41.97  ?  44  GLN A OE1 1 
ATOM   481  O OE1 C GLN A 1 35  ? -12.353 6.141   0.066   0.22 48.54  ?  44  GLN A OE1 1 
ATOM   482  O OE1 D GLN A 1 35  ? -12.345 6.140   0.062   0.21 48.23  ?  44  GLN A OE1 1 
ATOM   483  N NE2 A GLN A 1 35  ? -10.839 7.864   0.383   0.29 39.94  ?  44  GLN A NE2 1 
ATOM   484  N NE2 B GLN A 1 35  ? -10.839 7.864   0.383   0.28 39.83  ?  44  GLN A NE2 1 
ATOM   485  N NE2 C GLN A 1 35  ? -11.145 7.858   0.870   0.22 46.55  ?  44  GLN A NE2 1 
ATOM   486  N NE2 D GLN A 1 35  ? -11.145 7.858   0.872   0.21 46.31  ?  44  GLN A NE2 1 
ATOM   487  N N   A HIS A 1 36  ? -6.943  4.430   2.062   0.29 25.13  ?  45  HIS A N   1 
ATOM   488  N N   B HIS A 1 36  ? -6.943  4.431   2.062   0.28 25.13  ?  45  HIS A N   1 
ATOM   489  N N   C HIS A 1 36  ? -7.170  4.546   2.293   0.22 30.94  ?  45  HIS A N   1 
ATOM   490  N N   D HIS A 1 36  ? -7.171  4.547   2.293   0.21 30.92  ?  45  HIS A N   1 
ATOM   491  C CA  A HIS A 1 36  ? -5.893  4.877   3.021   0.29 23.83  ?  45  HIS A CA  1 
ATOM   492  C CA  B HIS A 1 36  ? -5.893  4.877   3.022   0.28 23.87  ?  45  HIS A CA  1 
ATOM   493  C CA  C HIS A 1 36  ? -6.120  4.960   3.264   0.22 29.88  ?  45  HIS A CA  1 
ATOM   494  C CA  D HIS A 1 36  ? -6.120  4.959   3.265   0.21 29.91  ?  45  HIS A CA  1 
ATOM   495  C C   A HIS A 1 36  ? -4.652  5.359   2.261   0.29 23.87  ?  45  HIS A C   1 
ATOM   496  C C   B HIS A 1 36  ? -4.652  5.359   2.262   0.28 23.90  ?  45  HIS A C   1 
ATOM   497  C C   C HIS A 1 36  ? -4.942  5.606   2.530   0.22 30.33  ?  45  HIS A C   1 
ATOM   498  C C   D HIS A 1 36  ? -4.941  5.606   2.531   0.21 30.33  ?  45  HIS A C   1 
ATOM   499  O O   A HIS A 1 36  ? -3.980  6.312   2.737   0.29 23.67  ?  45  HIS A O   1 
ATOM   500  O O   B HIS A 1 36  ? -3.980  6.311   2.740   0.28 23.63  ?  45  HIS A O   1 
ATOM   501  O O   C HIS A 1 36  ? -4.422  6.633   3.025   0.22 31.50  ?  45  HIS A O   1 
ATOM   502  O O   D HIS A 1 36  ? -4.419  6.631   3.029   0.21 31.38  ?  45  HIS A O   1 
ATOM   503  C CB  A HIS A 1 36  ? -5.567  3.766   4.031   0.29 23.65  ?  45  HIS A CB  1 
ATOM   504  C CB  B HIS A 1 36  ? -5.568  3.766   4.031   0.28 23.70  ?  45  HIS A CB  1 
ATOM   505  C CB  C HIS A 1 36  ? -5.662  3.769   4.116   0.22 28.97  ?  45  HIS A CB  1 
ATOM   506  C CB  D HIS A 1 36  ? -5.663  3.769   4.116   0.21 29.04  ?  45  HIS A CB  1 
ATOM   507  C CG  A HIS A 1 36  ? -6.567  3.643   5.129   0.29 25.98  ?  45  HIS A CG  1 
ATOM   508  C CG  B HIS A 1 36  ? -6.567  3.642   5.130   0.28 25.98  ?  45  HIS A CG  1 
ATOM   509  C CG  C HIS A 1 36  ? -6.607  3.448   5.220   0.22 30.31  ?  45  HIS A CG  1 
ATOM   510  C CG  D HIS A 1 36  ? -6.608  3.446   5.221   0.21 30.28  ?  45  HIS A CG  1 
ATOM   511  N ND1 A HIS A 1 36  ? -7.796  3.030   4.946   0.29 28.19  ?  45  HIS A ND1 1 
ATOM   512  N ND1 B HIS A 1 36  ? -7.797  3.029   4.946   0.28 28.15  ?  45  HIS A ND1 1 
ATOM   513  N ND1 C HIS A 1 36  ? -7.699  2.621   5.033   0.22 30.47  ?  45  HIS A ND1 1 
ATOM   514  N ND1 D HIS A 1 36  ? -7.701  2.623   5.033   0.21 30.42  ?  45  HIS A ND1 1 
ATOM   515  C CD2 A HIS A 1 36  ? -6.513  3.994   6.431   0.29 26.24  ?  45  HIS A CD2 1 
ATOM   516  C CD2 B HIS A 1 36  ? -6.513  3.994   6.431   0.28 26.25  ?  45  HIS A CD2 1 
ATOM   517  C CD2 C HIS A 1 36  ? -6.625  3.816   6.518   0.22 29.53  ?  45  HIS A CD2 1 
ATOM   518  C CD2 D HIS A 1 36  ? -6.625  3.817   6.519   0.21 29.54  ?  45  HIS A CD2 1 
ATOM   519  C CE1 A HIS A 1 36  ? -8.457  3.032   6.090   0.29 29.21  ?  45  HIS A CE1 1 
ATOM   520  C CE1 B HIS A 1 36  ? -8.457  3.032   6.090   0.28 29.16  ?  45  HIS A CE1 1 
ATOM   521  C CE1 C HIS A 1 36  ? -8.352  2.508   6.170   0.22 30.77  ?  45  HIS A CE1 1 
ATOM   522  C CE1 D HIS A 1 36  ? -8.355  2.509   6.171   0.21 30.71  ?  45  HIS A CE1 1 
ATOM   523  N NE2 A HIS A 1 36  ? -7.687  3.599   7.015   0.29 28.57  ?  45  HIS A NE2 1 
ATOM   524  N NE2 B HIS A 1 36  ? -7.687  3.600   7.016   0.28 28.54  ?  45  HIS A NE2 1 
ATOM   525  N NE2 C HIS A 1 36  ? -7.711  3.219   7.096   0.22 29.06  ?  45  HIS A NE2 1 
ATOM   526  N NE2 D HIS A 1 36  ? -7.712  3.221   7.097   0.21 29.09  ?  45  HIS A NE2 1 
ATOM   527  N N   A LEU A 1 37  ? -4.350  4.752   1.115   0.29 23.79  ?  46  LEU A N   1 
ATOM   528  N N   B LEU A 1 37  ? -4.350  4.752   1.116   0.28 23.84  ?  46  LEU A N   1 
ATOM   529  N N   C LEU A 1 37  ? -4.526  5.020   1.407   0.22 29.57  ?  46  LEU A N   1 
ATOM   530  N N   D LEU A 1 37  ? -4.527  5.021   1.407   0.21 29.63  ?  46  LEU A N   1 
ATOM   531  C CA  A LEU A 1 37  ? -3.221  5.200   0.258   0.29 25.87  ?  46  LEU A CA  1 
ATOM   532  C CA  B LEU A 1 37  ? -3.220  5.201   0.259   0.28 25.91  ?  46  LEU A CA  1 
ATOM   533  C CA  C LEU A 1 37  ? -3.442  5.564   0.547   0.22 31.11  ?  46  LEU A CA  1 
ATOM   534  C CA  D LEU A 1 37  ? -3.442  5.563   0.546   0.21 31.12  ?  46  LEU A CA  1 
ATOM   535  C C   A LEU A 1 37  ? -3.524  6.593   -0.306  0.29 29.20  ?  46  LEU A C   1 
ATOM   536  C C   B LEU A 1 37  ? -3.523  6.593   -0.305  0.28 29.20  ?  46  LEU A C   1 
ATOM   537  C C   C LEU A 1 37  ? -3.786  6.996   0.122   0.22 32.13  ?  46  LEU A C   1 
ATOM   538  C C   D LEU A 1 37  ? -3.786  6.997   0.120   0.21 32.12  ?  46  LEU A C   1 
ATOM   539  O O   A LEU A 1 37  ? -2.608  7.431   -0.267  0.29 30.15  ?  46  LEU A O   1 
ATOM   540  O O   B LEU A 1 37  ? -2.607  7.431   -0.269  0.28 30.14  ?  46  LEU A O   1 
ATOM   541  O O   C LEU A 1 37  ? -2.926  7.886   0.284   0.22 28.85  ?  46  LEU A O   1 
ATOM   542  O O   D LEU A 1 37  ? -2.925  7.886   0.279   0.21 28.92  ?  46  LEU A O   1 
ATOM   543  C CB  A LEU A 1 37  ? -2.954  4.159   -0.829  0.29 26.19  ?  46  LEU A CB  1 
ATOM   544  C CB  B LEU A 1 37  ? -2.954  4.160   -0.828  0.28 26.20  ?  46  LEU A CB  1 
ATOM   545  C CB  C LEU A 1 37  ? -3.264  4.638   -0.656  0.22 31.04  ?  46  LEU A CB  1 
ATOM   546  C CB  D LEU A 1 37  ? -3.264  4.638   -0.657  0.21 31.06  ?  46  LEU A CB  1 
ATOM   547  C CG  A LEU A 1 37  ? -2.256  2.899   -0.330  0.29 25.82  ?  46  LEU A CG  1 
ATOM   548  C CG  B LEU A 1 37  ? -2.256  2.899   -0.330  0.28 25.84  ?  46  LEU A CG  1 
ATOM   549  C CG  C LEU A 1 37  ? -2.528  3.338   -0.343  0.22 30.89  ?  46  LEU A CG  1 
ATOM   550  C CG  D LEU A 1 37  ? -2.527  3.337   -0.344  0.21 30.93  ?  46  LEU A CG  1 
ATOM   551  C CD1 A LEU A 1 37  ? -2.426  1.734   -1.290  0.29 26.39  ?  46  LEU A CD1 1 
ATOM   552  C CD1 B LEU A 1 37  ? -2.427  1.735   -1.290  0.28 26.39  ?  46  LEU A CD1 1 
ATOM   553  C CD1 C LEU A 1 37  ? -2.707  2.322   -1.456  0.22 32.11  ?  46  LEU A CD1 1 
ATOM   554  C CD1 D LEU A 1 37  ? -2.706  2.321   -1.457  0.21 32.08  ?  46  LEU A CD1 1 
ATOM   555  C CD2 A LEU A 1 37  ? -0.778  3.158   -0.062  0.29 25.56  ?  46  LEU A CD2 1 
ATOM   556  C CD2 B LEU A 1 37  ? -0.778  3.158   -0.063  0.28 25.58  ?  46  LEU A CD2 1 
ATOM   557  C CD2 C LEU A 1 37  ? -1.050  3.603   -0.090  0.22 31.86  ?  46  LEU A CD2 1 
ATOM   558  C CD2 D LEU A 1 37  ? -1.050  3.602   -0.091  0.21 31.83  ?  46  LEU A CD2 1 
ATOM   559  N N   A LYS A 1 38  ? -4.768  6.849   -0.721  0.29 32.07  ?  47  LYS A N   1 
ATOM   560  N N   B LYS A 1 38  ? -4.769  6.850   -0.721  0.28 32.09  ?  47  LYS A N   1 
ATOM   561  N N   C LYS A 1 38  ? -5.014  7.199   -0.357  0.22 34.40  ?  47  LYS A N   1 
ATOM   562  N N   D LYS A 1 38  ? -5.015  7.200   -0.357  0.21 34.36  ?  47  LYS A N   1 
ATOM   563  C CA  A LYS A 1 38  ? -5.228  8.184   -1.196  0.29 35.00  ?  47  LYS A CA  1 
ATOM   564  C CA  B LYS A 1 38  ? -5.228  8.184   -1.196  0.28 35.00  ?  47  LYS A CA  1 
ATOM   565  C CA  C LYS A 1 38  ? -5.554  8.502   -0.830  0.22 36.67  ?  47  LYS A CA  1 
ATOM   566  C CA  D LYS A 1 38  ? -5.554  8.503   -0.830  0.21 36.60  ?  47  LYS A CA  1 
ATOM   567  C C   A LYS A 1 38  ? -5.105  9.210   -0.058  0.29 32.73  ?  47  LYS A C   1 
ATOM   568  C C   B LYS A 1 38  ? -5.106  9.210   -0.058  0.28 32.75  ?  47  LYS A C   1 
ATOM   569  C C   C LYS A 1 38  ? -5.579  9.511   0.323   0.22 36.51  ?  47  LYS A C   1 
ATOM   570  C C   D LYS A 1 38  ? -5.579  9.511   0.324   0.21 36.42  ?  47  LYS A C   1 
ATOM   571  O O   A LYS A 1 38  ? -4.636  10.321  -0.348  0.29 32.73  ?  47  LYS A O   1 
ATOM   572  O O   B LYS A 1 38  ? -4.637  10.323  -0.347  0.28 32.74  ?  47  LYS A O   1 
ATOM   573  O O   C LYS A 1 38  ? -5.276  10.698  0.068   0.22 34.95  ?  47  LYS A O   1 
ATOM   574  O O   D LYS A 1 38  ? -5.275  10.699  0.070   0.21 34.90  ?  47  LYS A O   1 
ATOM   575  C CB  A LYS A 1 38  ? -6.668  8.116   -1.723  0.29 39.53  ?  47  LYS A CB  1 
ATOM   576  C CB  B LYS A 1 38  ? -6.668  8.115   -1.721  0.28 39.52  ?  47  LYS A CB  1 
ATOM   577  C CB  C LYS A 1 38  ? -6.959  8.271   -1.388  0.22 38.77  ?  47  LYS A CB  1 
ATOM   578  C CB  D LYS A 1 38  ? -6.959  8.271   -1.388  0.21 38.70  ?  47  LYS A CB  1 
ATOM   579  C CG  A LYS A 1 38  ? -7.263  9.436   -2.205  0.29 46.62  ?  47  LYS A CG  1 
ATOM   580  C CG  B LYS A 1 38  ? -7.264  9.436   -2.205  0.28 46.50  ?  47  LYS A CG  1 
ATOM   581  C CG  C LYS A 1 38  ? -7.546  9.384   -2.249  0.22 42.30  ?  47  LYS A CG  1 
ATOM   582  C CG  D LYS A 1 38  ? -7.545  9.384   -2.248  0.21 42.10  ?  47  LYS A CG  1 
ATOM   583  C CD  A LYS A 1 38  ? -8.694  9.666   -1.731  0.29 49.81  ?  47  LYS A CD  1 
ATOM   584  C CD  B LYS A 1 38  ? -8.694  9.665   -1.732  0.28 49.69  ?  47  LYS A CD  1 
ATOM   585  C CD  C LYS A 1 38  ? -8.817  8.955   -2.969  0.22 41.53  ?  47  LYS A CD  1 
ATOM   586  C CD  D LYS A 1 38  ? -8.816  8.956   -2.971  0.21 41.45  ?  47  LYS A CD  1 
ATOM   587  C CE  A LYS A 1 38  ? -9.234  11.044  -2.056  0.29 52.83  ?  47  LYS A CE  1 
ATOM   588  C CE  B LYS A 1 38  ? -9.235  11.043  -2.056  0.28 52.69  ?  47  LYS A CE  1 
ATOM   589  C CE  C LYS A 1 38  ? -8.818  7.484   -3.337  0.22 41.47  ?  47  LYS A CE  1 
ATOM   590  C CE  D LYS A 1 38  ? -8.819  7.485   -3.338  0.21 41.43  ?  47  LYS A CE  1 
ATOM   591  N NZ  A LYS A 1 38  ? -10.292 10.984  -3.093  0.29 54.05  ?  47  LYS A NZ  1 
ATOM   592  N NZ  B LYS A 1 38  ? -10.291 10.985  -3.093  0.28 53.92  ?  47  LYS A NZ  1 
ATOM   593  N NZ  C LYS A 1 38  ? -9.778  7.175   -4.419  0.22 42.24  ?  47  LYS A NZ  1 
ATOM   594  N NZ  D LYS A 1 38  ? -9.779  7.176   -4.419  0.21 42.16  ?  47  LYS A NZ  1 
ATOM   595  N N   A ASP A 1 39  ? -5.507  8.853   1.172   0.29 30.88  ?  48  ASP A N   1 
ATOM   596  N N   B ASP A 1 39  ? -5.508  8.853   1.172   0.28 30.92  ?  48  ASP A N   1 
ATOM   597  N N   C ASP A 1 39  ? -5.938  9.057   1.532   0.22 34.41  ?  48  ASP A N   1 
ATOM   598  N N   D ASP A 1 39  ? -5.939  9.057   1.532   0.21 34.42  ?  48  ASP A N   1 
ATOM   599  C CA  A ASP A 1 39  ? -5.695  9.784   2.324   0.29 30.57  ?  48  ASP A CA  1 
ATOM   600  C CA  B ASP A 1 39  ? -5.695  9.784   2.323   0.28 30.61  ?  48  ASP A CA  1 
ATOM   601  C CA  C ASP A 1 39  ? -6.102  9.905   2.744   0.22 34.74  ?  48  ASP A CA  1 
ATOM   602  C CA  D ASP A 1 39  ? -6.103  9.907   2.744   0.21 34.70  ?  48  ASP A CA  1 
ATOM   603  C C   A ASP A 1 39  ? -4.385  9.959   3.114   0.29 28.94  ?  48  ASP A C   1 
ATOM   604  C C   B ASP A 1 39  ? -4.387  9.958   3.116   0.28 28.97  ?  48  ASP A C   1 
ATOM   605  C C   C ASP A 1 39  ? -4.749  10.100  3.451   0.22 32.52  ?  48  ASP A C   1 
ATOM   606  C C   D ASP A 1 39  ? -4.751  10.103  3.449   0.21 32.51  ?  48  ASP A C   1 
ATOM   607  O O   A ASP A 1 39  ? -4.370  10.757  4.061   0.29 28.02  ?  48  ASP A O   1 
ATOM   608  O O   B ASP A 1 39  ? -4.373  10.754  4.064   0.28 28.00  ?  48  ASP A O   1 
ATOM   609  O O   C ASP A 1 39  ? -4.717  10.842  4.444   0.22 33.63  ?  48  ASP A O   1 
ATOM   610  O O   D ASP A 1 39  ? -4.718  10.848  4.440   0.21 33.45  ?  48  ASP A O   1 
ATOM   611  C CB  A ASP A 1 39  ? -6.811  9.302   3.258   0.29 33.03  ?  48  ASP A CB  1 
ATOM   612  C CB  B ASP A 1 39  ? -6.812  9.302   3.258   0.28 33.04  ?  48  ASP A CB  1 
ATOM   613  C CB  C ASP A 1 39  ? -7.145  9.315   3.699   0.22 36.76  ?  48  ASP A CB  1 
ATOM   614  C CB  D ASP A 1 39  ? -7.144  9.314   3.700   0.21 36.67  ?  48  ASP A CB  1 
ATOM   615  C CG  A ASP A 1 39  ? -8.194  9.208   2.625   0.29 37.18  ?  48  ASP A CG  1 
ATOM   616  C CG  B ASP A 1 39  ? -8.195  9.207   2.624   0.28 37.11  ?  48  ASP A CG  1 
ATOM   617  C CG  C ASP A 1 39  ? -8.564  9.249   3.146   0.22 38.30  ?  48  ASP A CG  1 
ATOM   618  C CG  D ASP A 1 39  ? -8.563  9.245   3.147   0.21 38.18  ?  48  ASP A CG  1 
ATOM   619  O OD1 A ASP A 1 39  ? -8.397  9.825   1.557   0.29 40.38  ?  48  ASP A OD1 1 
ATOM   620  O OD1 B ASP A 1 39  ? -8.395  9.821   1.553   0.28 40.26  ?  48  ASP A OD1 1 
ATOM   621  O OD1 C ASP A 1 39  ? -8.743  9.481   1.929   0.22 39.31  ?  48  ASP A OD1 1 
ATOM   622  O OD1 D ASP A 1 39  ? -8.744  9.476   1.931   0.21 39.13  ?  48  ASP A OD1 1 
ATOM   623  O OD2 A ASP A 1 39  ? -9.068  8.513   3.210   0.29 37.70  ?  48  ASP A OD2 1 
ATOM   624  O OD2 B ASP A 1 39  ? -9.070  8.516   3.212   0.28 37.70  ?  48  ASP A OD2 1 
ATOM   625  O OD2 C ASP A 1 39  ? -9.479  8.947   3.937   0.22 40.41  ?  48  ASP A OD2 1 
ATOM   626  O OD2 D ASP A 1 39  ? -9.478  8.944   3.940   0.21 40.18  ?  48  ASP A OD2 1 
ATOM   627  N N   A GLY A 1 40  ? -3.319  9.237   2.756   0.29 28.85  ?  49  GLY A N   1 
ATOM   628  N N   B GLY A 1 40  ? -3.320  9.238   2.756   0.28 28.85  ?  49  GLY A N   1 
ATOM   629  N N   C GLY A 1 40  ? -3.676  9.462   2.968   0.22 31.87  ?  49  GLY A N   1 
ATOM   630  N N   D GLY A 1 40  ? -3.678  9.463   2.968   0.21 31.79  ?  49  GLY A N   1 
ATOM   631  C CA  A GLY A 1 40  ? -2.018  9.335   3.446   0.29 28.62  ?  49  GLY A CA  1 
ATOM   632  C CA  B GLY A 1 40  ? -2.019  9.334   3.445   0.28 28.61  ?  49  GLY A CA  1 
ATOM   633  C CA  C GLY A 1 40  ? -2.323  9.559   3.550   0.22 29.52  ?  49  GLY A CA  1 
ATOM   634  C CA  D GLY A 1 40  ? -2.324  9.560   3.549   0.21 29.51  ?  49  GLY A CA  1 
ATOM   635  C C   A GLY A 1 40  ? -2.052  8.702   4.827   0.29 27.74  ?  49  GLY A C   1 
ATOM   636  C C   B GLY A 1 40  ? -2.053  8.705   4.827   0.28 27.74  ?  49  GLY A C   1 
ATOM   637  C C   C GLY A 1 40  ? -2.239  8.859   4.896   0.22 28.71  ?  49  GLY A C   1 
ATOM   638  C C   D GLY A 1 40  ? -2.240  8.860   4.896   0.21 28.67  ?  49  GLY A C   1 
ATOM   639  O O   A GLY A 1 40  ? -1.204  9.073   5.663   0.29 26.84  ?  49  GLY A O   1 
ATOM   640  O O   B GLY A 1 40  ? -1.207  9.078   5.664   0.28 26.84  ?  49  GLY A O   1 
ATOM   641  O O   C GLY A 1 40  ? -1.525  9.347   5.787   0.22 26.93  ?  49  GLY A O   1 
ATOM   642  O O   D GLY A 1 40  ? -1.528  9.350   5.787   0.21 26.88  ?  49  GLY A O   1 
ATOM   643  N N   . THR A 1 41  ? -2.977  7.761   5.051   1.00 28.02  ?  50  THR A N   1 
ATOM   644  C CA  . THR A 1 41  ? -3.170  7.084   6.353   1.00 25.03  ?  50  THR A CA  1 
ATOM   645  C C   . THR A 1 41  ? -2.850  5.592   6.214   1.00 22.09  ?  50  THR A C   1 
ATOM   646  O O   . THR A 1 41  ? -3.487  4.790   6.889   1.00 22.49  ?  50  THR A O   1 
ATOM   647  C CB  . THR A 1 41  ? -4.597  7.315   6.857   1.00 26.79  ?  50  THR A CB  1 
ATOM   648  O OG1 . THR A 1 41  ? -5.526  6.813   5.904   1.00 29.76  ?  50  THR A OG1 1 
ATOM   649  C CG2 . THR A 1 41  ? -4.888  8.786   7.078   1.00 31.77  ?  50  THR A CG2 1 
ATOM   650  N N   . CYS A 1 42  ? -1.887  5.241   5.359   1.00 23.53  ?  51  CYS A N   1 
ATOM   651  C CA  . CYS A 1 42  ? -1.483  3.838   5.115   1.00 23.30  ?  51  CYS A CA  1 
ATOM   652  C C   . CYS A 1 42  ? -0.021  3.652   5.504   1.00 24.62  ?  51  CYS A C   1 
ATOM   653  O O   . CYS A 1 42  ? 0.825   4.463   5.053   1.00 25.71  ?  51  CYS A O   1 
ATOM   654  C CB  . CYS A 1 42  ? -1.690  3.502   3.639   1.00 24.26  ?  51  CYS A CB  1 
ATOM   655  S SG  . CYS A 1 42  ? -1.545  1.744   3.269   1.00 24.94  ?  51  CYS A SG  1 
ATOM   656  N N   . GLY A 1 43  ? 0.282   2.606   6.278   1.00 21.19  ?  52  GLY A N   1 
ATOM   657  C CA  . GLY A 1 43  ? 1.649   2.186   6.591   1.00 21.27  ?  52  GLY A CA  1 
ATOM   658  C C   . GLY A 1 43  ? 2.010   0.880   5.926   1.00 21.40  ?  52  GLY A C   1 
ATOM   659  O O   . GLY A 1 43  ? 1.151   0.232   5.286   1.00 22.73  ?  52  GLY A O   1 
ATOM   660  N N   . LEU A 1 44  ? 3.282   0.554   5.979   1.00 20.04  ?  53  LEU A N   1 
ATOM   661  C CA  . LEU A 1 44  ? 3.861   -0.620  5.314   1.00 22.77  ?  53  LEU A CA  1 
ATOM   662  C C   . LEU A 1 44  ? 4.619   -1.366  6.405   1.00 22.81  ?  53  LEU A C   1 
ATOM   663  O O   . LEU A 1 44  ? 5.426   -0.753  7.100   1.00 23.53  ?  53  LEU A O   1 
ATOM   664  C CB  . LEU A 1 44  ? 4.821   -0.136  4.215   1.00 24.44  ?  53  LEU A CB  1 
ATOM   665  C CG  . LEU A 1 44  ? 5.577   -1.215  3.460   1.00 29.65  ?  53  LEU A CG  1 
ATOM   666  C CD1 . LEU A 1 44  ? 4.597   -2.084  2.700   1.00 35.62  ?  53  LEU A CD1 1 
ATOM   667  C CD2 . LEU A 1 44  ? 6.555   -0.563  2.514   1.00 35.53  ?  53  LEU A CD2 1 
ATOM   668  N N   . VAL A 1 45  ? 4.418   -2.665  6.476   1.00 23.44  ?  54  VAL A N   1 
ATOM   669  C CA  . VAL A 1 45  ? 5.216   -3.554  7.349   1.00 22.29  ?  54  VAL A CA  1 
ATOM   670  C C   . VAL A 1 45  ? 6.018   -4.490  6.450   1.00 22.64  ?  54  VAL A C   1 
ATOM   671  O O   . VAL A 1 45  ? 5.423   -5.177  5.616   1.00 24.37  ?  54  VAL A O   1 
ATOM   672  C CB  . VAL A 1 45  ? 4.310   -4.345  8.298   1.00 21.23  ?  54  VAL A CB  1 
ATOM   673  C CG1 . VAL A 1 45  ? 5.165   -5.254  9.181   1.00 23.04  ?  54  VAL A CG1 1 
ATOM   674  C CG2 . VAL A 1 45  ? 3.424   -3.416  9.109   1.00 22.90  ?  54  VAL A CG2 1 
ATOM   675  N N   . GLU A 1 46  ? 7.320   -4.511  6.635   1.00 25.33  ?  55  GLU A N   1 
ATOM   676  C CA  . GLU A 1 46  ? 8.199   -5.372  5.816   1.00 26.17  ?  55  GLU A CA  1 
ATOM   677  C C   . GLU A 1 46  ? 8.022   -6.813  6.287   1.00 29.88  ?  55  GLU A C   1 
ATOM   678  O O   . GLU A 1 46  ? 7.934   -7.079  7.531   1.00 30.75  ?  55  GLU A O   1 
ATOM   679  C CB  . GLU A 1 46  ? 9.625   -4.837  5.870   1.00 31.19  ?  55  GLU A CB  1 
ATOM   680  C CG  . GLU A 1 46  ? 9.715   -3.475  5.200   1.00 30.27  ?  55  GLU A CG  1 
ATOM   681  C CD  . GLU A 1 46  ? 11.090  -2.870  5.107   1.00 33.65  ?  55  GLU A CD  1 
ATOM   682  O OE1 . GLU A 1 46  ? 11.872  -3.037  6.050   1.00 46.19  ?  55  GLU A OE1 1 
ATOM   683  O OE2 . GLU A 1 46  ? 11.368  -2.302  4.061   1.00 35.21  ?  55  GLU A OE2 1 
ATOM   684  N N   . VAL A 1 47  ? 7.936   -7.728  5.327   1.00 31.18  ?  56  VAL A N   1 
ATOM   685  C CA  . VAL A 1 47  ? 7.540   -9.126  5.649   1.00 34.91  ?  56  VAL A CA  1 
ATOM   686  C C   . VAL A 1 47  ? 8.823   -9.879  5.958   1.00 36.94  ?  56  VAL A C   1 
ATOM   687  O O   . VAL A 1 47  ? 9.754   -9.820  5.153   1.00 39.74  ?  56  VAL A O   1 
ATOM   688  C CB  . VAL A 1 47  ? 6.690   -9.803  4.558   1.00 35.67  ?  56  VAL A CB  1 
ATOM   689  C CG1 . VAL A 1 47  ? 6.319   -11.225 4.936   1.00 37.55  ?  56  VAL A CG1 1 
ATOM   690  C CG2 . VAL A 1 47  ? 5.417   -9.032  4.252   1.00 36.90  ?  56  VAL A CG2 1 
ATOM   691  N N   . GLU A 1 48  ? 8.860   -10.494 7.132   1.00 40.12  ?  57  GLU A N   1 
ATOM   692  C CA  . GLU A 1 48  ? 9.916   -11.432 7.565   1.00 44.43  ?  57  GLU A CA  1 
ATOM   693  C C   . GLU A 1 48  ? 9.226   -12.528 8.375   1.00 42.69  ?  57  GLU A C   1 
ATOM   694  O O   . GLU A 1 48  ? 8.009   -12.417 8.646   1.00 36.59  ?  57  GLU A O   1 
ATOM   695  C CB  . GLU A 1 48  ? 10.965  -10.723 8.417   1.00 55.13  ?  57  GLU A CB  1 
ATOM   696  C CG  . GLU A 1 48  ? 11.813  -9.723  7.654   1.00 67.94  ?  57  GLU A CG  1 
ATOM   697  C CD  . GLU A 1 48  ? 12.836  -9.046  8.548   1.00 77.04  ?  57  GLU A CD  1 
ATOM   698  O OE1 . GLU A 1 48  ? 12.708  -9.206  9.779   1.00 78.81  ?  57  GLU A OE1 1 
ATOM   699  O OE2 . GLU A 1 48  ? 13.757  -8.378  8.019   1.00 92.20  ?  57  GLU A OE2 1 
ATOM   700  N N   . LYS A 1 49  ? 9.994   -13.554 8.714   1.00 41.13  ?  58  LYS A N   1 
ATOM   701  C CA  . LYS A 1 49  ? 9.548   -14.702 9.529   1.00 44.71  ?  58  LYS A CA  1 
ATOM   702  C C   . LYS A 1 49  ? 8.827   -14.124 10.741  1.00 35.96  ?  58  LYS A C   1 
ATOM   703  O O   . LYS A 1 49  ? 9.415   -13.250 11.407  1.00 39.06  ?  58  LYS A O   1 
ATOM   704  C CB  . LYS A 1 49  ? 10.751  -15.559 9.939   1.00 51.52  ?  58  LYS A CB  1 
ATOM   705  C CG  . LYS A 1 49  ? 11.458  -16.284 8.798   1.00 60.00  ?  58  LYS A CG  1 
ATOM   706  C CD  . LYS A 1 49  ? 10.589  -17.306 8.087   1.00 69.25  ?  58  LYS A CD  1 
ATOM   707  C CE  . LYS A 1 49  ? 11.391  -18.390 7.389   1.00 75.46  ?  58  LYS A CE  1 
ATOM   708  N NZ  . LYS A 1 49  ? 12.246  -17.842 6.304   1.00 75.92  ?  58  LYS A NZ  1 
ATOM   709  N N   . GLY A 1 50  ? 7.580   -14.528 10.915  1.00 34.55  ?  59  GLY A N   1 
ATOM   710  C CA  . GLY A 1 50  ? 6.784   -14.256 12.129  1.00 35.45  ?  59  GLY A CA  1 
ATOM   711  C C   . GLY A 1 50  ? 5.975   -12.986 12.037  1.00 37.86  ?  59  GLY A C   1 
ATOM   712  O O   . GLY A 1 50  ? 5.194   -12.723 12.978  1.00 36.11  ?  59  GLY A O   1 
ATOM   713  N N   . VAL A 1 51  ? 6.104   -12.219 10.947  1.00 31.24  ?  60  VAL A N   1 
ATOM   714  C CA  . VAL A 1 51  ? 5.281   -10.974 10.798  1.00 28.39  ?  60  VAL A CA  1 
ATOM   715  C C   . VAL A 1 51  ? 3.828   -11.319 10.482  1.00 28.29  ?  60  VAL A C   1 
ATOM   716  O O   . VAL A 1 51  ? 2.920   -10.771 11.135  1.00 27.07  ?  60  VAL A O   1 
ATOM   717  C CB  . VAL A 1 51  ? 5.895   -10.031 9.747   1.00 28.50  ?  60  VAL A CB  1 
ATOM   718  C CG1 . VAL A 1 51  ? 4.951   -8.909  9.349   1.00 30.87  ?  60  VAL A CG1 1 
ATOM   719  C CG2 . VAL A 1 51  ? 7.242   -9.520  10.195  1.00 31.08  ?  60  VAL A CG2 1 
ATOM   720  N N   . LEU A 1 52  ? 3.556   -12.068 9.415   1.00 26.75  ?  61  LEU A N   1 
ATOM   721  C CA  . LEU A 1 52  ? 2.166   -12.215 8.951   1.00 27.59  ?  61  LEU A CA  1 
ATOM   722  C C   . LEU A 1 52  ? 1.270   -12.816 10.028  1.00 27.63  ?  61  LEU A C   1 
ATOM   723  O O   . LEU A 1 52  ? 0.129   -12.394 10.180  1.00 26.16  ?  61  LEU A O   1 
ATOM   724  C CB  . LEU A 1 52  ? 2.130   -12.965 7.617   1.00 30.41  ?  61  LEU A CB  1 
ATOM   725  C CG  . LEU A 1 52  ? 2.638   -12.170 6.400   1.00 32.71  ?  61  LEU A CG  1 
ATOM   726  C CD1 . LEU A 1 52  ? 2.598   -13.039 5.154   1.00 34.87  ?  61  LEU A CD1 1 
ATOM   727  C CD2 . LEU A 1 52  ? 1.772   -10.922 6.173   1.00 33.13  ?  61  LEU A CD2 1 
ATOM   728  N N   . PRO A 1 53  ? 1.702   -13.818 10.834  1.00 28.10  ?  62  PRO A N   1 
ATOM   729  C CA  . PRO A 1 53  ? 0.804   -14.355 11.862  1.00 28.74  ?  62  PRO A CA  1 
ATOM   730  C C   . PRO A 1 53  ? 0.427   -13.321 12.940  1.00 27.18  ?  62  PRO A C   1 
ATOM   731  O O   . PRO A 1 53  ? -0.555  -13.542 13.646  1.00 29.14  ?  62  PRO A O   1 
ATOM   732  C CB  . PRO A 1 53  ? 1.596   -15.534 12.431  1.00 29.74  ?  62  PRO A CB  1 
ATOM   733  C CG  . PRO A 1 53  ? 2.581   -15.880 11.351  1.00 29.19  ?  62  PRO A CG  1 
ATOM   734  C CD  . PRO A 1 53  ? 2.979   -14.551 10.735  1.00 30.42  ?  62  PRO A CD  1 
ATOM   735  N N   . GLN A 1 54  ? 1.148   -12.189 13.010  1.00 25.56  ?  63  GLN A N   1 
ATOM   736  C CA  . GLN A 1 54  ? 0.861   -11.103 13.975  1.00 26.21  ?  63  GLN A CA  1 
ATOM   737  C C   . GLN A 1 54  ? -0.116  -10.088 13.359  1.00 28.33  ?  63  GLN A C   1 
ATOM   738  O O   . GLN A 1 54  ? -0.530  -9.150  14.063  1.00 28.92  ?  63  GLN A O   1 
ATOM   739  C CB  . GLN A 1 54  ? 2.135   -10.393 14.441  1.00 26.71  ?  63  GLN A CB  1 
ATOM   740  C CG  . GLN A 1 54  ? 3.063   -11.316 15.201  1.00 26.57  ?  63  GLN A CG  1 
ATOM   741  C CD  . GLN A 1 54  ? 4.241   -10.529 15.684  1.00 31.29  ?  63  GLN A CD  1 
ATOM   742  O OE1 . GLN A 1 54  ? 4.110   -9.734  16.606  1.00 39.13  ?  63  GLN A OE1 1 
ATOM   743  N NE2 . GLN A 1 54  ? 5.395   -10.809 15.113  1.00 28.35  ?  63  GLN A NE2 1 
ATOM   744  N N   . LEU A 1 55  ? -0.448  -10.235 12.074  1.00 26.06  ?  64  LEU A N   1 
ATOM   745  C CA  . LEU A 1 55  ? -1.431  -9.345  11.408  1.00 26.72  ?  64  LEU A CA  1 
ATOM   746  C C   . LEU A 1 55  ? -2.675  -10.116 11.028  1.00 28.19  ?  64  LEU A C   1 
ATOM   747  O O   . LEU A 1 55  ? -2.701  -11.358 11.196  1.00 32.64  ?  64  LEU A O   1 
ATOM   748  C CB  . LEU A 1 55  ? -0.780  -8.736  10.169  1.00 24.33  ?  64  LEU A CB  1 
ATOM   749  C CG  . LEU A 1 55  ? 0.444   -7.891  10.483  1.00 27.82  ?  64  LEU A CG  1 
ATOM   750  C CD1 . LEU A 1 55  ? 1.149   -7.475  9.213   1.00 27.58  ?  64  LEU A CD1 1 
ATOM   751  C CD2 . LEU A 1 55  ? 0.034   -6.681  11.324  1.00 28.79  ?  64  LEU A CD2 1 
ATOM   752  N N   . GLU A 1 56  ? -3.695  -9.390  10.609  1.00 24.40  ?  65  GLU A N   1 
ATOM   753  C CA  . GLU A 1 56  ? -5.048  -9.931  10.416  1.00 24.44  ?  65  GLU A CA  1 
ATOM   754  C C   . GLU A 1 56  ? -5.259  -10.190 8.936   1.00 26.46  ?  65  GLU A C   1 
ATOM   755  O O   . GLU A 1 56  ? -5.052  -9.311  8.129   1.00 26.56  ?  65  GLU A O   1 
ATOM   756  C CB  . GLU A 1 56  ? -6.125  -8.988  10.949  1.00 28.73  ?  65  GLU A CB  1 
ATOM   757  C CG  . GLU A 1 56  ? -6.112  -8.904  12.471  1.00 29.91  ?  65  GLU A CG  1 
ATOM   758  C CD  . GLU A 1 56  ? -7.008  -7.837  13.067  1.00 38.05  ?  65  GLU A CD  1 
ATOM   759  O OE1 . GLU A 1 56  ? -7.427  -6.940  12.317  1.00 46.11  ?  65  GLU A OE1 1 
ATOM   760  O OE2 . GLU A 1 56  ? -7.281  -7.907  14.292  1.00 46.75  ?  65  GLU A OE2 1 
ATOM   761  N N   . GLN A 1 57  ? -5.726  -11.380 8.601   1.00 28.28  ?  66  GLN A N   1 
ATOM   762  C CA  . GLN A 1 57  ? -6.186  -11.636 7.210   1.00 28.92  ?  66  GLN A CA  1 
ATOM   763  C C   . GLN A 1 57  ? -7.583  -11.075 7.019   1.00 29.85  ?  66  GLN A C   1 
ATOM   764  O O   . GLN A 1 57  ? -8.326  -10.921 7.971   1.00 28.63  ?  66  GLN A O   1 
ATOM   765  C CB  . GLN A 1 57  ? -6.274  -13.130 6.964   1.00 31.54  ?  66  GLN A CB  1 
ATOM   766  C CG  . GLN A 1 57  ? -4.937  -13.823 7.033   1.00 33.37  ?  66  GLN A CG  1 
ATOM   767  C CD  . GLN A 1 57  ? -5.034  -15.236 6.519   1.00 40.18  ?  66  GLN A CD  1 
ATOM   768  O OE1 . GLN A 1 57  ? -5.509  -15.468 5.416   1.00 36.71  ?  66  GLN A OE1 1 
ATOM   769  N NE2 . GLN A 1 57  ? -4.567  -16.186 7.316   1.00 48.11  ?  66  GLN A NE2 1 
ATOM   770  N N   . PRO A 1 58  ? -8.021  -10.778 5.779   1.00 25.62  ?  67  PRO A N   1 
ATOM   771  C CA  . PRO A 1 58  ? -7.153  -10.854 4.604   1.00 29.75  ?  67  PRO A CA  1 
ATOM   772  C C   . PRO A 1 58  ? -6.029  -9.815  4.631   1.00 27.65  ?  67  PRO A C   1 
ATOM   773  O O   . PRO A 1 58  ? -6.252  -8.710  5.160   1.00 27.13  ?  67  PRO A O   1 
ATOM   774  C CB  . PRO A 1 58  ? -8.075  -10.483 3.426   1.00 27.66  ?  67  PRO A CB  1 
ATOM   775  C CG  . PRO A 1 58  ? -9.451  -10.738 3.954   1.00 31.94  ?  67  PRO A CG  1 
ATOM   776  C CD  . PRO A 1 58  ? -9.365  -10.337 5.411   1.00 29.01  ?  67  PRO A CD  1 
ATOM   777  N N   . TYR A 1 59  ? -4.879  -10.173 4.062   1.00 25.28  ?  68  TYR A N   1 
ATOM   778  C CA  . TYR A 1 59  ? -3.708  -9.274  3.928   1.00 24.61  ?  68  TYR A CA  1 
ATOM   779  C C   . TYR A 1 59  ? -3.787  -8.485  2.611   1.00 27.56  ?  68  TYR A C   1 
ATOM   780  O O   . TYR A 1 59  ? -4.319  -9.026  1.572   1.00 27.21  ?  68  TYR A O   1 
ATOM   781  C CB  . TYR A 1 59  ? -2.385  -10.017 3.901   1.00 26.18  ?  68  TYR A CB  1 
ATOM   782  C CG  . TYR A 1 59  ? -2.180  -11.010 5.006   1.00 27.77  ?  68  TYR A CG  1 
ATOM   783  C CD1 . TYR A 1 59  ? -2.260  -10.647 6.348   1.00 26.80  ?  68  TYR A CD1 1 
ATOM   784  C CD2 . TYR A 1 59  ? -1.864  -12.328 4.698   1.00 31.27  ?  68  TYR A CD2 1 
ATOM   785  C CE1 . TYR A 1 59  ? -2.038  -11.582 7.347   1.00 30.28  ?  68  TYR A CE1 1 
ATOM   786  C CE2 . TYR A 1 59  ? -1.634  -13.263 5.693   1.00 35.78  ?  68  TYR A CE2 1 
ATOM   787  C CZ  . TYR A 1 59  ? -1.735  -12.889 7.018   1.00 34.28  ?  68  TYR A CZ  1 
ATOM   788  O OH  . TYR A 1 59  ? -1.509  -13.815 7.991   1.00 32.80  ?  68  TYR A OH  1 
ATOM   789  N N   . VAL A 1 60  ? -3.225  -7.274  2.620   1.00 24.79  ?  69  VAL A N   1 
ATOM   790  C CA  . VAL A 1 60  ? -2.988  -6.507  1.365   1.00 25.50  ?  69  VAL A CA  1 
ATOM   791  C C   . VAL A 1 60  ? -1.493  -6.343  1.195   1.00 29.28  ?  69  VAL A C   1 
ATOM   792  O O   . VAL A 1 60  ? -0.880  -5.720  2.077   1.00 26.32  ?  69  VAL A O   1 
ATOM   793  C CB  . VAL A 1 60  ? -3.698  -5.155  1.335   1.00 25.27  ?  69  VAL A CB  1 
ATOM   794  C CG1 . VAL A 1 60  ? -3.294  -4.392  0.083   1.00 26.85  ?  69  VAL A CG1 1 
ATOM   795  C CG2 . VAL A 1 60  ? -5.199  -5.292  1.444   1.00 28.01  ?  69  VAL A CG2 1 
ATOM   796  N N   . PHE A 1 61  ? -0.920  -6.851  0.105   1.00 25.28  ?  70  PHE A N   1 
ATOM   797  C CA  . PHE A 1 61  ? 0.518   -6.662  -0.195  1.00 26.24  ?  70  PHE A CA  1 
ATOM   798  C C   . PHE A 1 61  ? 0.696   -5.547  -1.219  1.00 25.02  ?  70  PHE A C   1 
ATOM   799  O O   . PHE A 1 61  ? -0.148  -5.401  -2.103  1.00 26.79  ?  70  PHE A O   1 
ATOM   800  C CB  . PHE A 1 61  ? 1.150   -7.959  -0.712  1.00 26.74  ?  70  PHE A CB  1 
ATOM   801  C CG  . PHE A 1 61  ? 1.101   -9.101  0.275   1.00 27.23  ?  70  PHE A CG  1 
ATOM   802  C CD1 . PHE A 1 61  ? 1.842   -9.060  1.441   1.00 28.10  ?  70  PHE A CD1 1 
ATOM   803  C CD2 . PHE A 1 61  ? 0.312   -10.216 0.048   1.00 27.82  ?  70  PHE A CD2 1 
ATOM   804  C CE1 . PHE A 1 61  ? 1.798   -10.122 2.342   1.00 31.91  ?  70  PHE A CE1 1 
ATOM   805  C CE2 . PHE A 1 61  ? 0.216   -11.230 0.984   1.00 29.28  ?  70  PHE A CE2 1 
ATOM   806  C CZ  . PHE A 1 61  ? 0.967   -11.198 2.122   1.00 29.50  ?  70  PHE A CZ  1 
ATOM   807  N N   . ILE A 1 62  ? 1.813   -4.842  -1.141  1.00 25.44  ?  71  ILE A N   1 
ATOM   808  C CA  . ILE A 1 62  ? 2.368   -4.142  -2.327  1.00 27.64  ?  71  ILE A CA  1 
ATOM   809  C C   . ILE A 1 62  ? 3.458   -5.013  -2.917  1.00 28.76  ?  71  ILE A C   1 
ATOM   810  O O   . ILE A 1 62  ? 4.333   -5.527  -2.188  1.00 30.21  ?  71  ILE A O   1 
ATOM   811  C CB  . ILE A 1 62  ? 2.838   -2.701  -2.100  1.00 29.49  ?  71  ILE A CB  1 
ATOM   812  C CG1 . ILE A 1 62  ? 3.773   -2.591  -0.897  1.00 29.54  ?  71  ILE A CG1 1 
ATOM   813  C CG2 . ILE A 1 62  ? 1.651   -1.786  -2.021  1.00 30.18  ?  71  ILE A CG2 1 
ATOM   814  C CD1 . ILE A 1 62  ? 4.639   -1.349  -0.962  1.00 31.08  ?  71  ILE A CD1 1 
ATOM   815  N N   . LYS A 1 63  ? 3.350   -5.197  -4.237  1.00 28.21  ?  72  LYS A N   1 
ATOM   816  C CA  . LYS A 1 63  ? 4.205   -6.099  -5.001  1.00 27.87  ?  72  LYS A CA  1 
ATOM   817  C C   . LYS A 1 63  ? 4.779   -5.327  -6.187  1.00 28.40  ?  72  LYS A C   1 
ATOM   818  O O   . LYS A 1 63  ? 4.110   -4.448  -6.686  1.00 27.89  ?  72  LYS A O   1 
ATOM   819  C CB  . LYS A 1 63  ? 3.380   -7.307  -5.426  1.00 30.07  ?  72  LYS A CB  1 
ATOM   820  C CG  . LYS A 1 63  ? 3.232   -8.347  -4.327  1.00 35.63  ?  72  LYS A CG  1 
ATOM   821  C CD  . LYS A 1 63  ? 2.418   -9.539  -4.741  1.00 37.91  ?  72  LYS A CD  1 
ATOM   822  C CE  . LYS A 1 63  ? 2.548   -10.678 -3.751  1.00 41.34  ?  72  LYS A CE  1 
ATOM   823  N NZ  . LYS A 1 63  ? 3.941   -11.184 -3.692  1.00 40.68  ?  72  LYS A NZ  1 
ATOM   824  N N   . ARG A 1 64  ? 6.012   -5.610  -6.546  1.00 31.51  ?  73  ARG A N   1 
ATOM   825  C CA  . ARG A 1 64  ? 6.726   -4.839  -7.598  1.00 36.48  ?  73  ARG A CA  1 
ATOM   826  C C   . ARG A 1 64  ? 6.072   -5.167  -8.945  1.00 35.66  ?  73  ARG A C   1 
ATOM   827  O O   . ARG A 1 64  ? 5.879   -6.369  -9.216  1.00 36.48  ?  73  ARG A O   1 
ATOM   828  C CB  . ARG A 1 64  ? 8.212   -5.190  -7.567  1.00 43.03  ?  73  ARG A CB  1 
ATOM   829  C CG  . ARG A 1 64  ? 9.043   -4.274  -8.450  1.00 51.80  ?  73  ARG A CG  1 
ATOM   830  C CD  . ARG A 1 64  ? 10.424  -4.804  -8.737  1.00 62.30  ?  73  ARG A CD  1 
ATOM   831  N NE  . ARG A 1 64  ? 11.320  -3.671  -8.901  1.00 72.65  ?  73  ARG A NE  1 
ATOM   832  C CZ  . ARG A 1 64  ? 12.069  -3.156  -7.933  1.00 77.73  ?  73  ARG A CZ  1 
ATOM   833  N NH1 . ARG A 1 64  ? 12.049  -3.679  -6.715  1.00 77.39  ?  73  ARG A NH1 1 
ATOM   834  N NH2 . ARG A 1 64  ? 12.843  -2.117  -8.193  1.00 83.24  ?  73  ARG A NH2 1 
ATOM   835  N N   . SER A 1 65  ? 5.683   -4.152  -9.724  1.00 35.75  ?  74  SER A N   1 
ATOM   836  C CA  . SER A 1 65  ? 4.867   -4.331  -10.954 1.00 37.73  ?  74  SER A CA  1 
ATOM   837  C C   . SER A 1 65  ? 5.767   -4.190  -12.181 1.00 41.99  ?  74  SER A C   1 
ATOM   838  O O   . SER A 1 65  ? 5.232   -4.380  -13.300 1.00 45.35  ?  74  SER A O   1 
ATOM   839  C CB  . SER A 1 65  ? 3.703   -3.378  -11.015 1.00 39.99  ?  74  SER A CB  1 
ATOM   840  O OG  . SER A 1 65  ? 4.120   -2.025  -11.080 1.00 48.64  ?  74  SER A OG  1 
ATOM   841  N N   . ASP A 1 66  ? 7.050   -3.877  -11.979 1.00 51.08  ?  75  ASP A N   1 
ATOM   842  C CA  . ASP A 1 66  ? 7.998   -3.480  -13.060 1.00 59.42  ?  75  ASP A CA  1 
ATOM   843  C C   . ASP A 1 66  ? 9.400   -3.244  -12.465 1.00 67.17  ?  75  ASP A C   1 
ATOM   844  O O   . ASP A 1 66  ? 9.477   -2.937  -11.263 1.00 67.25  ?  75  ASP A O   1 
ATOM   845  C CB  . ASP A 1 66  ? 7.400   -2.283  -13.814 1.00 62.31  ?  75  ASP A CB  1 
ATOM   846  C CG  . ASP A 1 66  ? 8.274   -1.628  -14.874 1.00 59.66  ?  75  ASP A CG  1 
ATOM   847  O OD1 . ASP A 1 66  ? 9.338   -2.172  -15.185 1.00 62.80  ?  75  ASP A OD1 1 
ATOM   848  O OD2 . ASP A 1 66  ? 7.879   -0.550  -15.354 1.00 66.52  ?  75  ASP A OD2 1 
ATOM   849  N N   . ALA A 1 67  ? 10.455  -3.414  -13.285 1.00 76.96  ?  76  ALA A N   1 
ATOM   850  C CA  . ALA A 1 67  ? 11.891  -3.161  -12.966 1.00 77.58  ?  76  ALA A CA  1 
ATOM   851  C C   . ALA A 1 67  ? 12.364  -1.849  -13.618 1.00 74.97  ?  76  ALA A C   1 
ATOM   852  O O   . ALA A 1 67  ? 12.781  -1.896  -14.790 1.00 52.51  ?  76  ALA A O   1 
ATOM   853  C CB  . ALA A 1 67  ? 12.754  -4.324  -13.406 1.00 74.86  ?  76  ALA A CB  1 
ATOM   854  N N   . ALA A 1 70  ? 12.024  2.164   -12.061 1.00 63.47  ?  79  ALA A N   1 
ATOM   855  C CA  . ALA A 1 70  ? 11.762  2.802   -10.744 1.00 65.09  ?  79  ALA A CA  1 
ATOM   856  C C   . ALA A 1 70  ? 11.931  4.310   -10.878 1.00 68.80  ?  79  ALA A C   1 
ATOM   857  O O   . ALA A 1 70  ? 12.976  4.852   -10.515 1.00 71.86  ?  79  ALA A O   1 
ATOM   858  C CB  . ALA A 1 70  ? 12.681  2.251   -9.679  1.00 58.89  ?  79  ALA A CB  1 
ATOM   859  N N   . PRO A 1 71  ? 10.922  5.012   -11.444 1.00 67.43  ?  80  PRO A N   1 
ATOM   860  C CA  . PRO A 1 71  ? 10.984  6.460   -11.654 1.00 65.78  ?  80  PRO A CA  1 
ATOM   861  C C   . PRO A 1 71  ? 11.200  7.303   -10.392 1.00 69.42  ?  80  PRO A C   1 
ATOM   862  O O   . PRO A 1 71  ? 10.527  7.068   -9.413  1.00 64.37  ?  80  PRO A O   1 
ATOM   863  C CB  . PRO A 1 71  ? 9.598   6.795   -12.219 1.00 67.47  ?  80  PRO A CB  1 
ATOM   864  C CG  . PRO A 1 71  ? 9.203   5.528   -12.910 1.00 69.31  ?  80  PRO A CG  1 
ATOM   865  C CD  . PRO A 1 71  ? 9.689   4.426   -11.991 1.00 70.88  ?  80  PRO A CD  1 
ATOM   866  N N   . HIS A 1 72  ? 12.114  8.276   -10.469 1.00 75.46  ?  81  HIS A N   1 
ATOM   867  C CA  . HIS A 1 72  ? 12.380  9.303   -9.424  1.00 73.64  ?  81  HIS A CA  1 
ATOM   868  C C   . HIS A 1 72  ? 12.640  8.637   -8.063  1.00 71.73  ?  81  HIS A C   1 
ATOM   869  O O   . HIS A 1 72  ? 12.311  9.274   -7.042  1.00 71.16  ?  81  HIS A O   1 
ATOM   870  C CB  . HIS A 1 72  ? 11.209  10.298  -9.358  1.00 83.99  ?  81  HIS A CB  1 
ATOM   871  C CG  . HIS A 1 72  ? 10.707  10.741  -10.693 1.00 95.43  ?  81  HIS A CG  1 
ATOM   872  N ND1 . HIS A 1 72  ? 11.302  11.764  -11.405 1.00 103.06 ?  81  HIS A ND1 1 
ATOM   873  C CD2 . HIS A 1 72  ? 9.680   10.304  -11.454 1.00 102.05 ?  81  HIS A CD2 1 
ATOM   874  C CE1 . HIS A 1 72  ? 10.660  11.945  -12.542 1.00 109.10 ?  81  HIS A CE1 1 
ATOM   875  N NE2 . HIS A 1 72  ? 9.660   11.057  -12.597 1.00 106.58 ?  81  HIS A NE2 1 
ATOM   876  N N   . GLY A 1 73  ? 13.208  7.415   -8.049  1.00 69.88  ?  82  GLY A N   1 
ATOM   877  C CA  . GLY A 1 73  ? 13.487  6.603   -6.842  1.00 61.73  ?  82  GLY A CA  1 
ATOM   878  C C   . GLY A 1 73  ? 12.312  5.717   -6.417  1.00 61.40  ?  82  GLY A C   1 
ATOM   879  O O   . GLY A 1 73  ? 12.502  4.837   -5.561  1.00 57.12  ?  82  GLY A O   1 
ATOM   880  N N   . HIS A 1 74  ? 11.129  5.928   -7.000  1.00 53.69  ?  83  HIS A N   1 
ATOM   881  C CA  . HIS A 1 74  ? 9.859   5.253   -6.639  1.00 45.02  ?  83  HIS A CA  1 
ATOM   882  C C   . HIS A 1 74  ? 9.708   3.913   -7.379  1.00 47.18  ?  83  HIS A C   1 
ATOM   883  O O   . HIS A 1 74  ? 9.500   3.922   -8.609  1.00 43.97  ?  83  HIS A O   1 
ATOM   884  C CB  . HIS A 1 74  ? 8.694   6.198   -6.916  1.00 43.18  ?  83  HIS A CB  1 
ATOM   885  C CG  . HIS A 1 74  ? 8.658   7.365   -5.994  1.00 41.34  ?  83  HIS A CG  1 
ATOM   886  N ND1 . HIS A 1 74  ? 7.741   7.470   -4.966  1.00 41.16  ?  83  HIS A ND1 1 
ATOM   887  C CD2 . HIS A 1 74  ? 9.431   8.467   -5.934  1.00 48.51  ?  83  HIS A CD2 1 
ATOM   888  C CE1 . HIS A 1 74  ? 7.927   8.607   -4.326  1.00 52.55  ?  83  HIS A CE1 1 
ATOM   889  N NE2 . HIS A 1 74  ? 8.969   9.235   -4.900  1.00 51.98  ?  83  HIS A NE2 1 
ATOM   890  N N   . VAL A 1 75  ? 9.741   2.797   -6.649  1.00 42.91  ?  84  VAL A N   1 
ATOM   891  C CA  . VAL A 1 75  ? 9.480   1.439   -7.227  1.00 41.70  ?  84  VAL A CA  1 
ATOM   892  C C   . VAL A 1 75  ? 8.011   1.382   -7.659  1.00 37.58  ?  84  VAL A C   1 
ATOM   893  O O   . VAL A 1 75  ? 7.114   1.755   -6.880  1.00 34.17  ?  84  VAL A O   1 
ATOM   894  C CB  . VAL A 1 75  ? 9.823   0.322   -6.227  1.00 42.30  ?  84  VAL A CB  1 
ATOM   895  C CG1 . VAL A 1 75  ? 9.422   -1.050  -6.738  1.00 45.95  ?  84  VAL A CG1 1 
ATOM   896  C CG2 . VAL A 1 75  ? 11.300  0.345   -5.871  1.00 52.13  ?  84  VAL A CG2 1 
ATOM   897  N N   . MET A 1 76  ? 7.743   0.923   -8.882  1.00 33.06  ?  85  MET A N   1 
ATOM   898  C CA  . MET A 1 76  ? 6.352   0.751   -9.325  1.00 33.50  ?  85  MET A CA  1 
ATOM   899  C C   . MET A 1 76  ? 5.791   -0.482  -8.622  1.00 31.05  ?  85  MET A C   1 
ATOM   900  O O   . MET A 1 76  ? 6.433   -1.525  -8.615  1.00 32.18  ?  85  MET A O   1 
ATOM   901  C CB  . MET A 1 76  ? 6.276   0.607   -10.856 1.00 36.61  ?  85  MET A CB  1 
ATOM   902  C CG  . MET A 1 76  ? 6.723   1.894   -11.517 1.00 45.76  ?  85  MET A CG  1 
ATOM   903  S SD  . MET A 1 76  ? 6.339   1.961   -13.282 1.00 56.41  ?  85  MET A SD  1 
ATOM   904  C CE  . MET A 1 76  ? 4.624   1.478   -13.217 1.00 51.88  ?  85  MET A CE  1 
ATOM   905  N N   A VAL A 1 77  ? 4.600   -0.333  -8.035  0.29 29.75  ?  86  VAL A N   1 
ATOM   906  N N   B VAL A 1 77  ? 4.600   -0.333  -8.035  0.28 29.75  ?  86  VAL A N   1 
ATOM   907  N N   C VAL A 1 77  ? 4.609   -0.353  -8.027  0.22 31.35  ?  86  VAL A N   1 
ATOM   908  N N   D VAL A 1 77  ? 4.609   -0.353  -8.027  0.21 31.34  ?  86  VAL A N   1 
ATOM   909  C CA  A VAL A 1 77  ? 3.926   -1.377  -7.208  0.29 28.86  ?  86  VAL A CA  1 
ATOM   910  C CA  B VAL A 1 77  ? 3.927   -1.377  -7.207  0.28 28.86  ?  86  VAL A CA  1 
ATOM   911  C CA  C VAL A 1 77  ? 3.967   -1.462  -7.268  0.22 31.37  ?  86  VAL A CA  1 
ATOM   912  C CA  D VAL A 1 77  ? 3.967   -1.462  -7.268  0.21 31.34  ?  86  VAL A CA  1 
ATOM   913  C C   A VAL A 1 77  ? 2.447   -1.484  -7.594  0.29 29.38  ?  86  VAL A C   1 
ATOM   914  C C   B VAL A 1 77  ? 2.448   -1.483  -7.593  0.28 29.37  ?  86  VAL A C   1 
ATOM   915  C C   C VAL A 1 77  ? 2.470   -1.496  -7.580  0.22 30.85  ?  86  VAL A C   1 
ATOM   916  C C   D VAL A 1 77  ? 2.469   -1.496  -7.579  0.21 30.81  ?  86  VAL A C   1 
ATOM   917  O O   A VAL A 1 77  ? 1.859   -0.483  -8.072  0.29 30.31  ?  86  VAL A O   1 
ATOM   918  O O   B VAL A 1 77  ? 1.860   -0.483  -8.071  0.28 30.24  ?  86  VAL A O   1 
ATOM   919  O O   C VAL A 1 77  ? 1.911   -0.473  -8.033  0.22 31.33  ?  86  VAL A O   1 
ATOM   920  O O   D VAL A 1 77  ? 1.911   -0.473  -8.032  0.21 31.21  ?  86  VAL A O   1 
ATOM   921  C CB  A VAL A 1 77  ? 4.065   -1.094  -5.698  0.29 26.63  ?  86  VAL A CB  1 
ATOM   922  C CB  B VAL A 1 77  ? 4.065   -1.093  -5.698  0.28 26.67  ?  86  VAL A CB  1 
ATOM   923  C CB  C VAL A 1 77  ? 4.223   -1.343  -5.752  0.22 31.30  ?  86  VAL A CB  1 
ATOM   924  C CB  D VAL A 1 77  ? 4.223   -1.342  -5.752  0.21 31.29  ?  86  VAL A CB  1 
ATOM   925  C CG1 A VAL A 1 77  ? 5.520   -1.055  -5.271  0.29 24.47  ?  86  VAL A CG1 1 
ATOM   926  C CG1 B VAL A 1 77  ? 5.521   -1.055  -5.270  0.28 24.54  ?  86  VAL A CG1 1 
ATOM   927  C CG1 C VAL A 1 77  ? 5.681   -1.587  -5.403  0.22 30.76  ?  86  VAL A CG1 1 
ATOM   928  C CG1 D VAL A 1 77  ? 5.681   -1.589  -5.403  0.21 30.77  ?  86  VAL A CG1 1 
ATOM   929  C CG2 A VAL A 1 77  ? 3.350   0.186   -5.292  0.29 27.93  ?  86  VAL A CG2 1 
ATOM   930  C CG2 B VAL A 1 77  ? 3.350   0.186   -5.292  0.28 27.93  ?  86  VAL A CG2 1 
ATOM   931  C CG2 C VAL A 1 77  ? 3.761   -0.003  -5.204  0.22 32.01  ?  86  VAL A CG2 1 
ATOM   932  C CG2 D VAL A 1 77  ? 3.762   -0.003  -5.204  0.21 31.96  ?  86  VAL A CG2 1 
ATOM   933  N N   . GLU A 1 78  ? 1.864   -2.661  -7.350  1.00 29.28  ?  87  GLU A N   1 
ATOM   934  C CA  . GLU A 1 78  ? 0.403   -2.820  -7.372  1.00 30.10  ?  87  GLU A CA  1 
ATOM   935  C C   . GLU A 1 78  ? -0.039  -3.609  -6.139  1.00 27.60  ?  87  GLU A C   1 
ATOM   936  O O   . GLU A 1 78  ? 0.821   -4.231  -5.446  1.00 27.35  ?  87  GLU A O   1 
ATOM   937  C CB  . GLU A 1 78  ? -0.010  -3.498  -8.667  1.00 36.14  ?  87  GLU A CB  1 
ATOM   938  C CG  . GLU A 1 78  ? 0.616   -4.839  -8.859  1.00 38.29  ?  87  GLU A CG  1 
ATOM   939  C CD  . GLU A 1 78  ? 0.574   -5.174  -10.338 1.00 46.72  ?  87  GLU A CD  1 
ATOM   940  O OE1 . GLU A 1 78  ? -0.308  -4.606  -11.014 1.00 51.04  ?  87  GLU A OE1 1 
ATOM   941  O OE2 . GLU A 1 78  ? 1.418   -5.965  -10.799 1.00 40.43  ?  87  GLU A OE2 1 
ATOM   942  N N   A LEU A 1 79  ? -1.343  -3.567  -5.860  0.29 27.49  ?  88  LEU A N   1 
ATOM   943  N N   B LEU A 1 79  ? -1.343  -3.568  -5.860  0.28 27.52  ?  88  LEU A N   1 
ATOM   944  N N   C LEU A 1 79  ? -1.349  -3.625  -5.905  0.22 28.37  ?  88  LEU A N   1 
ATOM   945  N N   D LEU A 1 79  ? -1.349  -3.626  -5.905  0.21 28.41  ?  88  LEU A N   1 
ATOM   946  C CA  A LEU A 1 79  ? -1.957  -4.258  -4.692  0.29 28.76  ?  88  LEU A CA  1 
ATOM   947  C CA  B LEU A 1 79  ? -1.957  -4.258  -4.691  0.28 28.76  ?  88  LEU A CA  1 
ATOM   948  C CA  C LEU A 1 79  ? -1.975  -4.254  -4.715  0.22 29.80  ?  88  LEU A CA  1 
ATOM   949  C CA  D LEU A 1 79  ? -1.976  -4.254  -4.714  0.21 29.78  ?  88  LEU A CA  1 
ATOM   950  C C   A LEU A 1 79  ? -2.338  -5.692  -5.063  0.29 28.10  ?  88  LEU A C   1 
ATOM   951  C C   B LEU A 1 79  ? -2.339  -5.692  -5.063  0.28 28.11  ?  88  LEU A C   1 
ATOM   952  C C   C LEU A 1 79  ? -2.399  -5.689  -5.040  0.22 28.88  ?  88  LEU A C   1 
ATOM   953  C C   D LEU A 1 79  ? -2.400  -5.689  -5.040  0.21 28.88  ?  88  LEU A C   1 
ATOM   954  O O   A LEU A 1 79  ? -2.938  -5.896  -6.143  0.29 28.71  ?  88  LEU A O   1 
ATOM   955  O O   B LEU A 1 79  ? -2.939  -5.896  -6.142  0.28 28.68  ?  88  LEU A O   1 
ATOM   956  O O   C LEU A 1 79  ? -3.055  -5.895  -6.090  0.22 28.68  ?  88  LEU A O   1 
ATOM   957  O O   D LEU A 1 79  ? -3.058  -5.894  -6.088  0.21 28.62  ?  88  LEU A O   1 
ATOM   958  C CB  A LEU A 1 79  ? -3.194  -3.499  -4.212  0.29 28.20  ?  88  LEU A CB  1 
ATOM   959  C CB  B LEU A 1 79  ? -3.195  -3.499  -4.212  0.28 28.25  ?  88  LEU A CB  1 
ATOM   960  C CB  C LEU A 1 79  ? -3.164  -3.396  -4.280  0.22 30.39  ?  88  LEU A CB  1 
ATOM   961  C CB  D LEU A 1 79  ? -3.165  -3.395  -4.280  0.21 30.44  ?  88  LEU A CB  1 
ATOM   962  C CG  A LEU A 1 79  ? -2.990  -2.055  -3.759  0.29 30.78  ?  88  LEU A CG  1 
ATOM   963  C CG  B LEU A 1 79  ? -2.989  -2.054  -3.759  0.28 30.78  ?  88  LEU A CG  1 
ATOM   964  C CG  C LEU A 1 79  ? -2.850  -1.910  -4.099  0.22 33.57  ?  88  LEU A CG  1 
ATOM   965  C CG  D LEU A 1 79  ? -2.851  -1.909  -4.100  0.21 33.50  ?  88  LEU A CG  1 
ATOM   966  C CD1 A LEU A 1 79  ? -4.242  -1.548  -3.074  0.29 32.99  ?  88  LEU A CD1 1 
ATOM   967  C CD1 B LEU A 1 79  ? -4.241  -1.547  -3.075  0.28 32.94  ?  88  LEU A CD1 1 
ATOM   968  C CD1 C LEU A 1 79  ? -4.065  -1.149  -3.606  0.22 35.68  ?  88  LEU A CD1 1 
ATOM   969  C CD1 D LEU A 1 79  ? -4.065  -1.148  -3.606  0.21 35.52  ?  88  LEU A CD1 1 
ATOM   970  C CD2 A LEU A 1 79  ? -1.793  -1.901  -2.836  0.29 32.90  ?  88  LEU A CD2 1 
ATOM   971  C CD2 B LEU A 1 79  ? -1.792  -1.901  -2.838  0.28 32.85  ?  88  LEU A CD2 1 
ATOM   972  C CD2 C LEU A 1 79  ? -1.673  -1.704  -3.157  0.22 34.67  ?  88  LEU A CD2 1 
ATOM   973  C CD2 D LEU A 1 79  ? -1.673  -1.703  -3.158  0.21 34.55  ?  88  LEU A CD2 1 
ATOM   974  N N   . VAL A 1 80  ? -2.051  -6.633  -4.158  1.00 27.51  ?  89  VAL A N   1 
ATOM   975  C CA  . VAL A 1 80  ? -2.510  -8.053  -4.245  1.00 29.61  ?  89  VAL A CA  1 
ATOM   976  C C   . VAL A 1 80  ? -3.010  -8.440  -2.855  1.00 29.86  ?  89  VAL A C   1 
ATOM   977  O O   . VAL A 1 80  ? -2.286  -8.197  -1.877  1.00 29.05  ?  89  VAL A O   1 
ATOM   978  C CB  . VAL A 1 80  ? -1.375  -8.978  -4.691  1.00 32.87  ?  89  VAL A CB  1 
ATOM   979  C CG1 . VAL A 1 80  ? -1.749  -10.457 -4.567  1.00 33.53  ?  89  VAL A CG1 1 
ATOM   980  C CG2 . VAL A 1 80  ? -0.944  -8.630  -6.110  1.00 32.87  ?  89  VAL A CG2 1 
ATOM   981  N N   . ALA A 1 81  ? -4.211  -8.957  -2.748  1.00 28.45  ?  90  ALA A N   1 
ATOM   982  C CA  . ALA A 1 81  ? -4.767  -9.430  -1.452  1.00 28.42  ?  90  ALA A CA  1 
ATOM   983  C C   . ALA A 1 81  ? -4.532  -10.924 -1.285  1.00 30.58  ?  90  ALA A C   1 
ATOM   984  O O   . ALA A 1 81  ? -4.364  -11.669 -2.294  1.00 30.50  ?  90  ALA A O   1 
ATOM   985  C CB  . ALA A 1 81  ? -6.218  -9.056  -1.297  1.00 29.25  ?  90  ALA A CB  1 
ATOM   986  N N   . GLU A 1 82  ? -4.549  -11.387 -0.037  1.00 27.73  ?  91  GLU A N   1 
ATOM   987  C CA  . GLU A 1 82  ? -4.412  -12.821 0.261   1.00 27.33  ?  91  GLU A CA  1 
ATOM   988  C C   . GLU A 1 82  ? -5.368  -13.202 1.393   1.00 34.10  ?  91  GLU A C   1 
ATOM   989  O O   . GLU A 1 82  ? -5.445  -12.451 2.418   1.00 29.68  ?  91  GLU A O   1 
ATOM   990  C CB  . GLU A 1 82  ? -2.968  -13.150 0.619   1.00 27.20  ?  91  GLU A CB  1 
ATOM   991  C CG  . GLU A 1 82  ? -2.760  -14.616 0.994   1.00 27.41  ?  91  GLU A CG  1 
ATOM   992  C CD  . GLU A 1 82  ? -1.323  -14.955 1.372   1.00 30.87  ?  91  GLU A CD  1 
ATOM   993  O OE1 . GLU A 1 82  ? -0.399  -14.555 0.626   1.00 30.79  ?  91  GLU A OE1 1 
ATOM   994  O OE2 . GLU A 1 82  ? -1.119  -15.535 2.494   1.00 32.88  ?  91  GLU A OE2 1 
ATOM   995  N N   . LEU A 1 83  ? -6.074  -14.322 1.229   1.00 26.70  ?  92  LEU A N   1 
ATOM   996  C CA  . LEU A 1 83  ? -6.964  -14.880 2.273   1.00 27.22  ?  92  LEU A CA  1 
ATOM   997  C C   . LEU A 1 83  ? -6.846  -16.402 2.185   1.00 32.35  ?  92  LEU A C   1 
ATOM   998  O O   . LEU A 1 83  ? -7.095  -16.941 1.077   1.00 30.73  ?  92  LEU A O   1 
ATOM   999  C CB  . LEU A 1 83  ? -8.408  -14.447 2.035   1.00 30.79  ?  92  LEU A CB  1 
ATOM   1000 C CG  . LEU A 1 83  ? -9.429  -15.042 3.019   1.00 31.97  ?  92  LEU A CG  1 
ATOM   1001 C CD1 . LEU A 1 83  ? -9.041  -14.729 4.460   1.00 31.90  ?  92  LEU A CD1 1 
ATOM   1002 C CD2 . LEU A 1 83  ? -10.827 -14.555 2.702   1.00 31.80  ?  92  LEU A CD2 1 
ATOM   1003 N N   . GLU A 1 84  ? -6.464  -17.022 3.303   1.00 30.82  ?  93  GLU A N   1 
ATOM   1004 C CA  . GLU A 1 84  ? -6.366  -18.503 3.458   1.00 35.05  ?  93  GLU A CA  1 
ATOM   1005 C C   . GLU A 1 84  ? -5.540  -19.063 2.302   1.00 41.00  ?  93  GLU A C   1 
ATOM   1006 O O   . GLU A 1 84  ? -5.971  -20.105 1.704   1.00 36.74  ?  93  GLU A O   1 
ATOM   1007 C CB  . GLU A 1 84  ? -7.769  -19.094 3.598   1.00 44.58  ?  93  GLU A CB  1 
ATOM   1008 C CG  . GLU A 1 84  ? -8.429  -18.688 4.908   1.00 49.13  ?  93  GLU A CG  1 
ATOM   1009 C CD  . GLU A 1 84  ? -9.941  -18.791 4.969   1.00 61.45  ?  93  GLU A CD  1 
ATOM   1010 O OE1 . GLU A 1 84  ? -10.554 -19.194 3.960   1.00 66.31  ?  93  GLU A OE1 1 
ATOM   1011 O OE2 . GLU A 1 84  ? -10.499 -18.465 6.040   1.00 68.61  ?  93  GLU A OE2 1 
ATOM   1012 N N   . GLY A 1 85  ? -4.407  -18.410 2.001   1.00 32.15  ?  94  GLY A N   1 
ATOM   1013 C CA  . GLY A 1 85  ? -3.399  -18.931 1.062   1.00 33.06  ?  94  GLY A CA  1 
ATOM   1014 C C   . GLY A 1 85  ? -3.762  -18.737 -0.397  1.00 30.85  ?  94  GLY A C   1 
ATOM   1015 O O   . GLY A 1 85  ? -2.953  -19.179 -1.261  1.00 34.46  ?  94  GLY A O   1 
ATOM   1016 N N   . ILE A 1 86  ? -4.836  -18.011 -0.688  1.00 29.68  ?  95  ILE A N   1 
ATOM   1017 C CA  . ILE A 1 86  ? -5.214  -17.653 -2.087  1.00 31.75  ?  95  ILE A CA  1 
ATOM   1018 C C   . ILE A 1 86  ? -5.017  -16.147 -2.305  1.00 31.29  ?  95  ILE A C   1 
ATOM   1019 O O   . ILE A 1 86  ? -5.473  -15.369 -1.465  1.00 30.19  ?  95  ILE A O   1 
ATOM   1020 C CB  . ILE A 1 86  ? -6.618  -18.115 -2.442  1.00 34.84  ?  95  ILE A CB  1 
ATOM   1021 C CG1 . ILE A 1 86  ? -6.734  -19.632 -2.252  1.00 34.24  ?  95  ILE A CG1 1 
ATOM   1022 C CG2 . ILE A 1 86  ? -6.969  -17.687 -3.871  1.00 35.43  ?  95  ILE A CG2 1 
ATOM   1023 C CD1 . ILE A 1 86  ? -8.145  -20.130 -2.340  1.00 35.44  ?  95  ILE A CD1 1 
ATOM   1024 N N   . GLN A 1 87  ? -4.402  -15.800 -3.437  1.00 30.89  ?  96  GLN A N   1 
ATOM   1025 C CA  . GLN A 1 87  ? -4.007  -14.424 -3.811  1.00 29.98  ?  96  GLN A CA  1 
ATOM   1026 C C   . GLN A 1 87  ? -4.953  -13.960 -4.903  1.00 35.30  ?  96  GLN A C   1 
ATOM   1027 O O   . GLN A 1 87  ? -5.412  -14.777 -5.744  1.00 37.26  ?  96  GLN A O   1 
ATOM   1028 C CB  . GLN A 1 87  ? -2.543  -14.310 -4.199  1.00 32.99  ?  96  GLN A CB  1 
ATOM   1029 C CG  . GLN A 1 87  ? -1.660  -14.439 -2.963  1.00 32.11  ?  96  GLN A CG  1 
ATOM   1030 C CD  . GLN A 1 87  ? -0.253  -13.948 -3.121  1.00 37.80  ?  96  GLN A CD  1 
ATOM   1031 O OE1 . GLN A 1 87  ? 0.281   -13.792 -4.229  1.00 35.37  ?  96  GLN A OE1 1 
ATOM   1032 N NE2 . GLN A 1 87  ? 0.366   -13.681 -1.973  1.00 33.94  ?  96  GLN A NE2 1 
ATOM   1033 N N   . TYR A 1 88  ? -5.310  -12.704 -4.805  1.00 31.51  ?  97  TYR A N   1 
ATOM   1034 C CA  . TYR A 1 88  ? -6.244  -12.014 -5.719  1.00 35.43  ?  97  TYR A CA  1 
ATOM   1035 C C   . TYR A 1 88  ? -5.438  -10.881 -6.329  1.00 38.15  ?  97  TYR A C   1 
ATOM   1036 O O   . TYR A 1 88  ? -5.074  -9.891  -5.630  1.00 39.20  ?  97  TYR A O   1 
ATOM   1037 C CB  . TYR A 1 88  ? -7.507  -11.599 -4.976  1.00 33.20  ?  97  TYR A CB  1 
ATOM   1038 C CG  . TYR A 1 88  ? -8.196  -12.781 -4.356  1.00 36.39  ?  97  TYR A CG  1 
ATOM   1039 C CD1 . TYR A 1 88  ? -7.779  -13.293 -3.143  1.00 33.06  ?  97  TYR A CD1 1 
ATOM   1040 C CD2 . TYR A 1 88  ? -9.220  -13.450 -5.010  1.00 38.96  ?  97  TYR A CD2 1 
ATOM   1041 C CE1 . TYR A 1 88  ? -8.368  -14.408 -2.573  1.00 33.09  ?  97  TYR A CE1 1 
ATOM   1042 C CE2 . TYR A 1 88  ? -9.824  -14.563 -4.451  1.00 39.95  ?  97  TYR A CE2 1 
ATOM   1043 C CZ  . TYR A 1 88  ? -9.399  -15.052 -3.231  1.00 39.27  ?  97  TYR A CZ  1 
ATOM   1044 O OH  . TYR A 1 88  ? -9.991  -16.145 -2.669  1.00 42.45  ?  97  TYR A OH  1 
ATOM   1045 N N   . GLY A 1 89  ? -5.057  -11.129 -7.572  1.00 36.83  ?  98  GLY A N   1 
ATOM   1046 C CA  . GLY A 1 89  ? -3.977  -10.419 -8.249  1.00 39.48  ?  98  GLY A CA  1 
ATOM   1047 C C   . GLY A 1 89  ? -2.777  -11.307 -8.467  1.00 35.71  ?  98  GLY A C   1 
ATOM   1048 O O   . GLY A 1 89  ? -2.568  -12.329 -7.778  1.00 42.61  ?  98  GLY A O   1 
ATOM   1049 N N   . ARG A 1 90  ? -1.972  -10.873 -9.403  1.00 36.53  ?  99  ARG A N   1 
ATOM   1050 C CA  . ARG A 1 90  ? -0.744  -11.537 -9.846  1.00 37.98  ?  99  ARG A CA  1 
ATOM   1051 C C   . ARG A 1 90  ? 0.273   -10.416 -10.007 1.00 33.83  ?  99  ARG A C   1 
ATOM   1052 O O   . ARG A 1 90  ? -0.054  -9.458  -10.741 1.00 40.44  ?  99  ARG A O   1 
ATOM   1053 C CB  . ARG A 1 90  ? -1.175  -12.227 -11.140 1.00 42.63  ?  99  ARG A CB  1 
ATOM   1054 C CG  . ARG A 1 90  ? -0.055  -12.737 -11.996 1.00 38.39  ?  99  ARG A CG  1 
ATOM   1055 C CD  . ARG A 1 90  ? -0.620  -13.531 -13.170 1.00 31.06  ?  99  ARG A CD  1 
ATOM   1056 N NE  . ARG A 1 90  ? 0.428   -14.503 -13.218 1.00 33.04  ?  99  ARG A NE  1 
ATOM   1057 C CZ  . ARG A 1 90  ? 1.498   -14.476 -14.003 1.00 33.25  ?  99  ARG A CZ  1 
ATOM   1058 N NH1 . ARG A 1 90  ? 1.664   -13.515 -14.894 1.00 37.33  ?  99  ARG A NH1 1 
ATOM   1059 N NH2 . ARG A 1 90  ? 2.403   -15.434 -13.870 1.00 32.50  ?  99  ARG A NH2 1 
ATOM   1060 N N   . SER A 1 91  ? 1.414   -10.457 -9.331  1.00 35.18  ?  100 SER A N   1 
ATOM   1061 C CA  . SER A 1 91  ? 2.434   -9.381  -9.446  1.00 33.39  ?  100 SER A CA  1 
ATOM   1062 C C   . SER A 1 91  ? 3.816   -9.893  -9.037  1.00 36.74  ?  100 SER A C   1 
ATOM   1063 O O   . SER A 1 91  ? 3.985   -11.125 -8.893  1.00 37.35  ?  100 SER A O   1 
ATOM   1064 C CB  . SER A 1 91  ? 2.001   -8.143  -8.657  1.00 34.13  ?  100 SER A CB  1 
ATOM   1065 O OG  . SER A 1 91  ? 2.859   -7.045  -8.921  1.00 35.83  ?  100 SER A OG  1 
ATOM   1066 N N   . GLY A 1 92  ? 4.765   -8.978  -8.839  1.00 34.34  ?  101 GLY A N   1 
ATOM   1067 C CA  . GLY A 1 92  ? 6.167   -9.302  -8.533  1.00 35.69  ?  101 GLY A CA  1 
ATOM   1068 C C   . GLY A 1 92  ? 6.412   -9.487  -7.048  1.00 34.10  ?  101 GLY A C   1 
ATOM   1069 O O   . GLY A 1 92  ? 5.466   -9.810  -6.321  1.00 34.44  ?  101 GLY A O   1 
ATOM   1070 N N   . GLU A 1 93  ? 7.664   -9.282  -6.649  1.00 33.94  ?  102 GLU A N   1 
ATOM   1071 C CA  . GLU A 1 93  ? 8.177   -9.463  -5.275  1.00 41.41  ?  102 GLU A CA  1 
ATOM   1072 C C   . GLU A 1 93  ? 7.397   -8.552  -4.319  1.00 35.09  ?  102 GLU A C   1 
ATOM   1073 O O   . GLU A 1 93  ? 7.135   -7.373  -4.651  1.00 31.42  ?  102 GLU A O   1 
ATOM   1074 C CB  . GLU A 1 93  ? 9.673   -9.146  -5.262  1.00 44.08  ?  102 GLU A CB  1 
ATOM   1075 C CG  . GLU A 1 93  ? 10.391  -9.613  -4.014  1.00 55.46  ?  102 GLU A CG  1 
ATOM   1076 C CD  . GLU A 1 93  ? 11.804  -9.064  -3.897  1.00 66.41  ?  102 GLU A CD  1 
ATOM   1077 O OE1 . GLU A 1 93  ? 12.254  -8.363  -4.841  1.00 63.96  ?  102 GLU A OE1 1 
ATOM   1078 O OE2 . GLU A 1 93  ? 12.448  -9.325  -2.857  1.00 79.91  ?  102 GLU A OE2 1 
ATOM   1079 N N   . THR A 1 94  ? 7.101   -9.062  -3.128  1.00 36.80  ?  103 THR A N   1 
ATOM   1080 C CA  . THR A 1 94  ? 6.448   -8.298  -2.040  1.00 33.77  ?  103 THR A CA  1 
ATOM   1081 C C   . THR A 1 94  ? 7.412   -7.241  -1.496  1.00 34.46  ?  103 THR A C   1 
ATOM   1082 O O   . THR A 1 94  ? 8.559   -7.593  -1.139  1.00 36.43  ?  103 THR A O   1 
ATOM   1083 C CB  . THR A 1 94  ? 5.989   -9.255  -0.937  1.00 35.45  ?  103 THR A CB  1 
ATOM   1084 O OG1 . THR A 1 94  ? 4.969   -10.040 -1.546  1.00 35.23  ?  103 THR A OG1 1 
ATOM   1085 C CG2 . THR A 1 94  ? 5.459   -8.544  0.290   1.00 34.32  ?  103 THR A CG2 1 
ATOM   1086 N N   . LEU A 1 95  ? 6.987   -5.993  -1.398  1.00 30.81  ?  104 LEU A N   1 
ATOM   1087 C CA  . LEU A 1 95  ? 7.746   -4.933  -0.700  1.00 33.53  ?  104 LEU A CA  1 
ATOM   1088 C C   . LEU A 1 95  ? 7.275   -4.833  0.752   1.00 33.20  ?  104 LEU A C   1 
ATOM   1089 O O   . LEU A 1 95  ? 8.086   -4.370  1.603   1.00 35.17  ?  104 LEU A O   1 
ATOM   1090 C CB  . LEU A 1 95  ? 7.560   -3.603  -1.430  1.00 37.73  ?  104 LEU A CB  1 
ATOM   1091 C CG  . LEU A 1 95  ? 8.485   -3.378  -2.626  1.00 42.26  ?  104 LEU A CG  1 
ATOM   1092 C CD1 . LEU A 1 95  ? 8.036   -4.208  -3.803  1.00 44.90  ?  104 LEU A CD1 1 
ATOM   1093 C CD2 . LEU A 1 95  ? 8.519   -1.894  -2.989  1.00 48.52  ?  104 LEU A CD2 1 
ATOM   1094 N N   . GLY A 1 96  ? 6.053   -5.288  1.030   1.00 27.52  ?  105 GLY A N   1 
ATOM   1095 C CA  . GLY A 1 96  ? 5.528   -5.371  2.408   1.00 27.76  ?  105 GLY A CA  1 
ATOM   1096 C C   . GLY A 1 96  ? 4.027   -5.515  2.442   1.00 28.94  ?  105 GLY A C   1 
ATOM   1097 O O   . GLY A 1 96  ? 3.354   -5.616  1.384   1.00 27.11  ?  105 GLY A O   1 
ATOM   1098 N N   . VAL A 1 97  ? 3.482   -5.530  3.647   1.00 25.03  ?  106 VAL A N   1 
ATOM   1099 C CA  . VAL A 1 97  ? 2.037   -5.661  3.856   1.00 24.02  ?  106 VAL A CA  1 
ATOM   1100 C C   . VAL A 1 97  ? 1.532   -4.315  4.336   1.00 25.07  ?  106 VAL A C   1 
ATOM   1101 O O   . VAL A 1 97  ? 2.206   -3.682  5.139   1.00 24.57  ?  106 VAL A O   1 
ATOM   1102 C CB  . VAL A 1 97  ? 1.701   -6.806  4.820   1.00 26.90  ?  106 VAL A CB  1 
ATOM   1103 C CG1 . VAL A 1 97  ? 2.484   -6.720  6.105   1.00 29.86  ?  106 VAL A CG1 1 
ATOM   1104 C CG2 . VAL A 1 97  ? 0.199   -6.884  5.088   1.00 28.39  ?  106 VAL A CG2 1 
ATOM   1105 N N   . LEU A 1 98  ? 0.438   -3.863  3.755   1.00 21.53  ?  107 LEU A N   1 
ATOM   1106 C CA  . LEU A 1 98  ? -0.148  -2.558  4.090   1.00 23.00  ?  107 LEU A CA  1 
ATOM   1107 C C   . LEU A 1 98  ? -1.009  -2.724  5.324   1.00 23.25  ?  107 LEU A C   1 
ATOM   1108 O O   . LEU A 1 98  ? -1.713  -3.734  5.474   1.00 24.58  ?  107 LEU A O   1 
ATOM   1109 C CB  . LEU A 1 98  ? -0.952  -1.985  2.930   1.00 23.46  ?  107 LEU A CB  1 
ATOM   1110 C CG  . LEU A 1 98  ? -0.160  -1.738  1.650   1.00 26.70  ?  107 LEU A CG  1 
ATOM   1111 C CD1 . LEU A 1 98  ? -1.099  -1.142  0.633   1.00 27.49  ?  107 LEU A CD1 1 
ATOM   1112 C CD2 . LEU A 1 98  ? 1.033   -0.826  1.876   1.00 26.21  ?  107 LEU A CD2 1 
ATOM   1113 N N   . VAL A 1 99  ? -0.992  -1.682  6.162   1.00 22.37  ?  108 VAL A N   1 
ATOM   1114 C CA  . VAL A 1 99  ? -1.888  -1.603  7.338   1.00 20.69  ?  108 VAL A CA  1 
ATOM   1115 C C   . VAL A 1 99  ? -2.329  -0.159  7.460   1.00 21.76  ?  108 VAL A C   1 
ATOM   1116 O O   . VAL A 1 99  ? -1.630  0.739   7.022   1.00 21.71  ?  108 VAL A O   1 
ATOM   1117 C CB  . VAL A 1 99  ? -1.158  -2.071  8.626   1.00 20.15  ?  108 VAL A CB  1 
ATOM   1118 C CG1 . VAL A 1 99  ? -0.823  -3.558  8.598   1.00 21.54  ?  108 VAL A CG1 1 
ATOM   1119 C CG2 . VAL A 1 99  ? 0.076   -1.242  8.900   1.00 21.02  ?  108 VAL A CG2 1 
ATOM   1120 N N   . PRO A 1 100 ? -3.438  0.093   8.167   1.00 20.72  ?  109 PRO A N   1 
ATOM   1121 C CA  . PRO A 1 100 ? -3.743  1.445   8.591   1.00 21.59  ?  109 PRO A CA  1 
ATOM   1122 C C   . PRO A 1 100 ? -2.588  2.062   9.403   1.00 23.29  ?  109 PRO A C   1 
ATOM   1123 O O   . PRO A 1 100 ? -1.936  1.343   10.189  1.00 22.35  ?  109 PRO A O   1 
ATOM   1124 C CB  . PRO A 1 100 ? -4.957  1.253   9.481   1.00 21.98  ?  109 PRO A CB  1 
ATOM   1125 C CG  . PRO A 1 100 ? -5.598  -0.037  8.992   1.00 21.75  ?  109 PRO A CG  1 
ATOM   1126 C CD  . PRO A 1 100 ? -4.441  -0.887  8.614   1.00 22.47  ?  109 PRO A CD  1 
ATOM   1127 N N   . HIS A 1 101 ? -2.387  3.358   9.194   1.00 21.23  ?  110 HIS A N   1 
ATOM   1128 C CA  . HIS A 1 101 ? -1.461  4.183   10.002  1.00 22.36  ?  110 HIS A CA  1 
ATOM   1129 C C   . HIS A 1 101 ? -2.277  5.110   10.886  1.00 23.59  ?  110 HIS A C   1 
ATOM   1130 O O   . HIS A 1 101 ? -2.982  5.971   10.355  1.00 24.31  ?  110 HIS A O   1 
ATOM   1131 C CB  . HIS A 1 101 ? -0.519  4.934   9.081   1.00 21.71  ?  110 HIS A CB  1 
ATOM   1132 C CG  . HIS A 1 101 ? 0.528   5.669   9.841   1.00 24.03  ?  110 HIS A CG  1 
ATOM   1133 N ND1 . HIS A 1 101 ? 1.071   6.857   9.370   1.00 27.66  ?  110 HIS A ND1 1 
ATOM   1134 C CD2 . HIS A 1 101 ? 1.226   5.325   10.942  1.00 21.37  ?  110 HIS A CD2 1 
ATOM   1135 C CE1 . HIS A 1 101 ? 2.022   7.235   10.223  1.00 28.87  ?  110 HIS A CE1 1 
ATOM   1136 N NE2 . HIS A 1 101 ? 2.144   6.310   11.196  1.00 21.85  ?  110 HIS A NE2 1 
ATOM   1137 N N   . VAL A 1 102 ? -2.130  4.961   12.187  1.00 22.97  ?  111 VAL A N   1 
ATOM   1138 C CA  . VAL A 1 102 ? -2.892  5.794   13.144  1.00 24.86  ?  111 VAL A CA  1 
ATOM   1139 C C   . VAL A 1 102 ? -1.922  6.541   14.054  1.00 28.13  ?  111 VAL A C   1 
ATOM   1140 O O   . VAL A 1 102 ? -2.318  6.816   15.200  1.00 32.25  ?  111 VAL A O   1 
ATOM   1141 C CB  . VAL A 1 102 ? -3.945  4.952   13.906  1.00 24.47  ?  111 VAL A CB  1 
ATOM   1142 C CG1 . VAL A 1 102 ? -4.921  4.312   12.950  1.00 27.04  ?  111 VAL A CG1 1 
ATOM   1143 C CG2 . VAL A 1 102 ? -3.359  3.846   14.727  1.00 26.43  ?  111 VAL A CG2 1 
ATOM   1144 N N   . GLY A 1 103 ? -0.731  6.916   13.555  1.00 25.12  ?  112 GLY A N   1 
ATOM   1145 C CA  . GLY A 1 103 ? 0.225   7.715   14.353  1.00 26.55  ?  112 GLY A CA  1 
ATOM   1146 C C   . GLY A 1 103 ? 1.406   6.959   14.890  1.00 24.73  ?  112 GLY A C   1 
ATOM   1147 O O   . GLY A 1 103 ? 2.244   7.605   15.540  1.00 29.17  ?  112 GLY A O   1 
ATOM   1148 N N   . GLU A 1 104 ? 1.527   5.666   14.622  1.00 22.42  ?  113 GLU A N   1 
ATOM   1149 C CA  . GLU A 1 104 ? 2.760   4.906   14.950  1.00 24.04  ?  113 GLU A CA  1 
ATOM   1150 C C   . GLU A 1 104 ? 3.993   5.617   14.369  1.00 24.93  ?  113 GLU A C   1 
ATOM   1151 O O   . GLU A 1 104 ? 3.960   6.195   13.298  1.00 23.37  ?  113 GLU A O   1 
ATOM   1152 C CB  . GLU A 1 104 ? 2.683   3.480   14.441  1.00 23.49  ?  113 GLU A CB  1 
ATOM   1153 C CG  . GLU A 1 104 ? 1.501   2.734   15.051  1.00 21.38  ?  113 GLU A CG  1 
ATOM   1154 C CD  . GLU A 1 104 ? 0.257   2.712   14.192  1.00 22.88  ?  113 GLU A CD  1 
ATOM   1155 O OE1 . GLU A 1 104 ? 0.053   3.656   13.383  1.00 23.74  ?  113 GLU A OE1 1 
ATOM   1156 O OE2 . GLU A 1 104 ? -0.477  1.698   14.318  1.00 21.65  ?  113 GLU A OE2 1 
ATOM   1157 N N   . ILE A 1 105 ? 5.099   5.601   15.104  1.00 23.88  ?  114 ILE A N   1 
ATOM   1158 C CA  . ILE A 1 105 ? 6.368   6.205   14.625  1.00 23.33  ?  114 ILE A CA  1 
ATOM   1159 C C   . ILE A 1 105 ? 7.046   5.235   13.667  1.00 22.68  ?  114 ILE A C   1 
ATOM   1160 O O   . ILE A 1 105 ? 7.391   4.086   14.014  1.00 25.84  ?  114 ILE A O   1 
ATOM   1161 C CB  . ILE A 1 105 ? 7.265   6.595   15.830  1.00 25.52  ?  114 ILE A CB  1 
ATOM   1162 C CG1 . ILE A 1 105 ? 6.545   7.521   16.806  1.00 26.75  ?  114 ILE A CG1 1 
ATOM   1163 C CG2 . ILE A 1 105 ? 8.571   7.189   15.344  1.00 27.87  ?  114 ILE A CG2 1 
ATOM   1164 C CD1 . ILE A 1 105 ? 6.082   8.808   16.196  1.00 26.82  ?  114 ILE A CD1 1 
ATOM   1165 N N   . PRO A 1 106 ? 7.346   5.660   12.409  1.00 23.47  ?  115 PRO A N   1 
ATOM   1166 C CA  . PRO A 1 106 ? 8.022   4.790   11.474  1.00 23.10  ?  115 PRO A CA  1 
ATOM   1167 C C   . PRO A 1 106 ? 9.516   4.636   11.739  1.00 24.16  ?  115 PRO A C   1 
ATOM   1168 O O   . PRO A 1 106 ? 10.093  5.453   12.465  1.00 26.01  ?  115 PRO A O   1 
ATOM   1169 C CB  . PRO A 1 106 ? 7.784   5.435   10.113  1.00 25.49  ?  115 PRO A CB  1 
ATOM   1170 C CG  . PRO A 1 106 ? 7.666   6.882   10.435  1.00 25.47  ?  115 PRO A CG  1 
ATOM   1171 C CD  . PRO A 1 106 ? 7.002   6.939   11.796  1.00 23.97  ?  115 PRO A CD  1 
ATOM   1172 N N   . VAL A 1 107 ? 10.081  3.595   11.149  1.00 22.86  ?  116 VAL A N   1 
ATOM   1173 C CA  . VAL A 1 107 ? 11.546  3.352   11.175  1.00 24.08  ?  116 VAL A CA  1 
ATOM   1174 C C   . VAL A 1 107 ? 12.192  3.802   9.873   1.00 24.18  ?  116 VAL A C   1 
ATOM   1175 O O   . VAL A 1 107 ? 13.449  3.925   9.822   1.00 25.97  ?  116 VAL A O   1 
ATOM   1176 C CB  . VAL A 1 107 ? 11.836  1.879   11.463  1.00 26.03  ?  116 VAL A CB  1 
ATOM   1177 C CG1 . VAL A 1 107 ? 11.365  1.525   12.866  1.00 29.12  ?  116 VAL A CG1 1 
ATOM   1178 C CG2 . VAL A 1 107 ? 11.255  0.982   10.416  1.00 27.49  ?  116 VAL A CG2 1 
ATOM   1179 N N   . ALA A 1 108 ? 11.400  4.089   8.845   1.00 25.41  ?  117 ALA A N   1 
ATOM   1180 C CA  . ALA A 1 108 ? 11.902  4.432   7.499   1.00 25.30  ?  117 ALA A CA  1 
ATOM   1181 C C   . ALA A 1 108 ? 10.691  4.760   6.638   1.00 26.76  ?  117 ALA A C   1 
ATOM   1182 O O   . ALA A 1 108 ? 9.543   4.637   7.116   1.00 22.58  ?  117 ALA A O   1 
ATOM   1183 C CB  . ALA A 1 108 ? 12.686  3.303   6.895   1.00 30.17  ?  117 ALA A CB  1 
ATOM   1184 N N   . TYR A 1 109 ? 10.975  5.229   5.428   1.00 26.42  ?  118 TYR A N   1 
ATOM   1185 C CA  . TYR A 1 109 ? 9.957   5.484   4.386   1.00 29.56  ?  118 TYR A CA  1 
ATOM   1186 C C   . TYR A 1 109 ? 10.300  4.650   3.168   1.00 33.46  ?  118 TYR A C   1 
ATOM   1187 O O   . TYR A 1 109 ? 11.486  4.438   2.887   1.00 35.83  ?  118 TYR A O   1 
ATOM   1188 C CB  . TYR A 1 109 ? 9.871   6.985   4.108   1.00 27.24  ?  118 TYR A CB  1 
ATOM   1189 C CG  . TYR A 1 109 ? 9.210   7.758   5.203   1.00 27.83  ?  118 TYR A CG  1 
ATOM   1190 C CD1 . TYR A 1 109 ? 7.835   7.908   5.280   1.00 27.39  ?  118 TYR A CD1 1 
ATOM   1191 C CD2 . TYR A 1 109 ? 9.963   8.292   6.229   1.00 28.52  ?  118 TYR A CD2 1 
ATOM   1192 C CE1 . TYR A 1 109 ? 7.216   8.566   6.322   1.00 25.68  ?  118 TYR A CE1 1 
ATOM   1193 C CE2 . TYR A 1 109 ? 9.346   8.925   7.282   1.00 26.77  ?  118 TYR A CE2 1 
ATOM   1194 C CZ  . TYR A 1 109 ? 7.991   9.110   7.325   1.00 26.64  ?  118 TYR A CZ  1 
ATOM   1195 O OH  . TYR A 1 109 ? 7.397   9.742   8.375   1.00 32.36  ?  118 TYR A OH  1 
ATOM   1196 N N   . ARG A 1 110 ? 9.279   4.130   2.501   1.00 31.37  ?  119 ARG A N   1 
ATOM   1197 C CA  . ARG A 1 110 ? 9.429   3.366   1.234   1.00 33.61  ?  119 ARG A CA  1 
ATOM   1198 C C   . ARG A 1 110 ? 8.762   4.205   0.156   1.00 32.97  ?  119 ARG A C   1 
ATOM   1199 O O   . ARG A 1 110 ? 7.556   4.413   0.247   1.00 30.41  ?  119 ARG A O   1 
ATOM   1200 C CB  . ARG A 1 110 ? 8.807   1.977   1.372   1.00 38.24  ?  119 ARG A CB  1 
ATOM   1201 C CG  . ARG A 1 110 ? 9.204   0.993   0.287   1.00 45.13  ?  119 ARG A CG  1 
ATOM   1202 C CD  . ARG A 1 110 ? 10.659  0.603   0.451   1.00 48.53  ?  119 ARG A CD  1 
ATOM   1203 N NE  . ARG A 1 110 ? 11.180  0.222   -0.836  1.00 54.85  ?  119 ARG A NE  1 
ATOM   1204 C CZ  . ARG A 1 110 ? 11.489  -1.012  -1.204  1.00 57.47  ?  119 ARG A CZ  1 
ATOM   1205 N NH1 . ARG A 1 110 ? 11.383  -2.025  -0.360  1.00 57.18  ?  119 ARG A NH1 1 
ATOM   1206 N NH2 . ARG A 1 110 ? 11.916  -1.219  -2.436  1.00 61.60  ?  119 ARG A NH2 1 
ATOM   1207 N N   . LYS A 1 111 ? 9.547   4.674   -0.814  1.00 35.33  ?  120 LYS A N   1 
ATOM   1208 C CA  . LYS A 1 111 ? 9.051   5.499   -1.942  1.00 38.37  ?  120 LYS A CA  1 
ATOM   1209 C C   . LYS A 1 111 ? 8.523   4.514   -2.963  1.00 33.15  ?  120 LYS A C   1 
ATOM   1210 O O   . LYS A 1 111 ? 9.258   3.624   -3.397  1.00 37.72  ?  120 LYS A O   1 
ATOM   1211 C CB  . LYS A 1 111 ? 10.154  6.382   -2.534  1.00 39.68  ?  120 LYS A CB  1 
ATOM   1212 C CG  . LYS A 1 111 ? 10.664  7.471   -1.609  1.00 48.39  ?  120 LYS A CG  1 
ATOM   1213 C CD  . LYS A 1 111 ? 11.705  8.382   -2.236  1.00 53.50  ?  120 LYS A CD  1 
ATOM   1214 C CE  . LYS A 1 111 ? 13.021  7.674   -2.499  1.00 62.47  ?  120 LYS A CE  1 
ATOM   1215 N NZ  . LYS A 1 111 ? 13.910  8.481   -3.371  1.00 67.67  ?  120 LYS A NZ  1 
ATOM   1216 N N   A VAL A 1 112 ? 7.245   4.674   -3.322  0.29 30.33  ?  121 VAL A N   1 
ATOM   1217 N N   B VAL A 1 112 ? 7.244   4.674   -3.322  0.28 30.39  ?  121 VAL A N   1 
ATOM   1218 N N   C VAL A 1 112 ? 7.250   4.634   -3.328  0.22 33.48  ?  121 VAL A N   1 
ATOM   1219 N N   D VAL A 1 112 ? 7.250   4.634   -3.328  0.21 33.59  ?  121 VAL A N   1 
ATOM   1220 C CA  A VAL A 1 112 ? 6.547   3.803   -4.309  0.29 31.11  ?  121 VAL A CA  1 
ATOM   1221 C CA  B VAL A 1 112 ? 6.547   3.803   -4.309  0.28 31.11  ?  121 VAL A CA  1 
ATOM   1222 C CA  C VAL A 1 112 ? 6.644   3.721   -4.335  0.22 35.48  ?  121 VAL A CA  1 
ATOM   1223 C CA  D VAL A 1 112 ? 6.644   3.720   -4.335  0.21 35.48  ?  121 VAL A CA  1 
ATOM   1224 C C   A VAL A 1 112 ? 5.777   4.682   -5.296  0.29 30.75  ?  121 VAL A C   1 
ATOM   1225 C C   B VAL A 1 112 ? 5.775   4.681   -5.295  0.28 30.75  ?  121 VAL A C   1 
ATOM   1226 C C   C VAL A 1 112 ? 5.842   4.551   -5.336  0.22 36.06  ?  121 VAL A C   1 
ATOM   1227 C C   D VAL A 1 112 ? 5.840   4.549   -5.335  0.21 36.06  ?  121 VAL A C   1 
ATOM   1228 O O   A VAL A 1 112 ? 5.399   5.819   -4.947  0.29 29.61  ?  121 VAL A O   1 
ATOM   1229 O O   B VAL A 1 112 ? 5.396   5.818   -4.945  0.28 29.57  ?  121 VAL A O   1 
ATOM   1230 O O   C VAL A 1 112 ? 5.267   5.591   -4.947  0.22 33.99  ?  121 VAL A O   1 
ATOM   1231 O O   D VAL A 1 112 ? 5.261   5.586   -4.946  0.21 33.99  ?  121 VAL A O   1 
ATOM   1232 C CB  A VAL A 1 112 ? 5.622   2.773   -3.628  0.29 30.03  ?  121 VAL A CB  1 
ATOM   1233 C CB  B VAL A 1 112 ? 5.621   2.773   -3.627  0.28 30.06  ?  121 VAL A CB  1 
ATOM   1234 C CB  C VAL A 1 112 ? 5.798   2.612   -3.680  0.22 35.23  ?  121 VAL A CB  1 
ATOM   1235 C CB  D VAL A 1 112 ? 5.798   2.612   -3.679  0.21 35.25  ?  121 VAL A CB  1 
ATOM   1236 C CG1 A VAL A 1 112 ? 6.362   1.966   -2.574  0.29 30.74  ?  121 VAL A CG1 1 
ATOM   1237 C CG1 B VAL A 1 112 ? 6.362   1.965   -2.574  0.28 30.74  ?  121 VAL A CG1 1 
ATOM   1238 C CG1 C VAL A 1 112 ? 6.654   1.693   -2.820  0.22 36.43  ?  121 VAL A CG1 1 
ATOM   1239 C CG1 D VAL A 1 112 ? 6.654   1.692   -2.819  0.21 36.39  ?  121 VAL A CG1 1 
ATOM   1240 C CG2 A VAL A 1 112 ? 4.372   3.404   -3.026  0.29 30.83  ?  121 VAL A CG2 1 
ATOM   1241 C CG2 B VAL A 1 112 ? 4.373   3.404   -3.026  0.28 30.83  ?  121 VAL A CG2 1 
ATOM   1242 C CG2 C VAL A 1 112 ? 4.636   3.166   -2.873  0.22 35.51  ?  121 VAL A CG2 1 
ATOM   1243 C CG2 D VAL A 1 112 ? 4.636   3.166   -2.871  0.21 35.52  ?  121 VAL A CG2 1 
ATOM   1244 N N   A LEU A 1 113 ? 5.556   4.132   -6.488  0.29 30.50  ?  122 LEU A N   1 
ATOM   1245 N N   B LEU A 1 113 ? 5.556   4.132   -6.488  0.28 30.51  ?  122 LEU A N   1 
ATOM   1246 N N   C LEU A 1 113 ? 5.857   4.099   -6.586  0.22 37.48  ?  122 LEU A N   1 
ATOM   1247 N N   D LEU A 1 113 ? 5.855   4.098   -6.587  0.21 37.50  ?  122 LEU A N   1 
ATOM   1248 C CA  A LEU A 1 113 ? 4.665   4.677   -7.539  0.29 30.91  ?  122 LEU A CA  1 
ATOM   1249 C CA  B LEU A 1 113 ? 4.666   4.678   -7.539  0.28 30.92  ?  122 LEU A CA  1 
ATOM   1250 C CA  C LEU A 1 113 ? 4.980   4.585   -7.677  0.22 39.36  ?  122 LEU A CA  1 
ATOM   1251 C CA  D LEU A 1 113 ? 4.980   4.584   -7.678  0.21 39.35  ?  122 LEU A CA  1 
ATOM   1252 C C   A LEU A 1 113 ? 3.497   3.696   -7.652  0.29 30.34  ?  122 LEU A C   1 
ATOM   1253 C C   B LEU A 1 113 ? 3.497   3.696   -7.653  0.28 30.34  ?  122 LEU A C   1 
ATOM   1254 C C   C LEU A 1 113 ? 3.861   3.553   -7.828  0.22 38.25  ?  122 LEU A C   1 
ATOM   1255 C C   D LEU A 1 113 ? 3.861   3.553   -7.831  0.21 38.32  ?  122 LEU A C   1 
ATOM   1256 O O   A LEU A 1 113 ? 3.705   2.583   -8.175  0.29 26.19  ?  122 LEU A O   1 
ATOM   1257 O O   B LEU A 1 113 ? 3.705   2.585   -8.180  0.28 26.20  ?  122 LEU A O   1 
ATOM   1258 O O   C LEU A 1 113 ? 4.150   2.446   -8.308  0.22 34.13  ?  122 LEU A O   1 
ATOM   1259 O O   D LEU A 1 113 ? 4.148   2.447   -8.320  0.21 34.26  ?  122 LEU A O   1 
ATOM   1260 C CB  A LEU A 1 113 ? 5.493   4.799   -8.826  0.29 33.13  ?  122 LEU A CB  1 
ATOM   1261 C CB  B LEU A 1 113 ? 5.493   4.798   -8.827  0.28 33.12  ?  122 LEU A CB  1 
ATOM   1262 C CB  C LEU A 1 113 ? 5.830   4.722   -8.946  0.22 41.25  ?  122 LEU A CB  1 
ATOM   1263 C CB  D LEU A 1 113 ? 5.831   4.722   -8.947  0.21 41.22  ?  122 LEU A CB  1 
ATOM   1264 C CG  A LEU A 1 113 ? 4.905   5.611   -9.982  0.29 35.33  ?  122 LEU A CG  1 
ATOM   1265 C CG  B LEU A 1 113 ? 4.905   5.611   -9.982  0.28 35.29  ?  122 LEU A CG  1 
ATOM   1266 C CG  C LEU A 1 113 ? 5.116   5.238   -10.193 0.22 43.87  ?  122 LEU A CG  1 
ATOM   1267 C CG  D LEU A 1 113 ? 5.116   5.238   -10.194 0.21 43.77  ?  122 LEU A CG  1 
ATOM   1268 C CD1 A LEU A 1 113 ? 4.351   6.952   -9.523  0.29 36.62  ?  122 LEU A CD1 1 
ATOM   1269 C CD1 B LEU A 1 113 ? 4.351   6.951   -9.524  0.28 36.56  ?  122 LEU A CD1 1 
ATOM   1270 C CD1 C LEU A 1 113 ? 4.275   6.467   -9.885  0.22 44.17  ?  122 LEU A CD1 1 
ATOM   1271 C CD1 D LEU A 1 113 ? 4.275   6.467   -9.885  0.21 44.08  ?  122 LEU A CD1 1 
ATOM   1272 C CD2 A LEU A 1 113 ? 5.964   5.834   -11.058 0.29 36.86  ?  122 LEU A CD2 1 
ATOM   1273 C CD2 B LEU A 1 113 ? 5.963   5.833   -11.058 0.28 36.80  ?  122 LEU A CD2 1 
ATOM   1274 C CD2 C LEU A 1 113 ? 6.123   5.556   -11.290 0.22 44.76  ?  122 LEU A CD2 1 
ATOM   1275 C CD2 D LEU A 1 113 ? 6.123   5.555   -11.291 0.21 44.64  ?  122 LEU A CD2 1 
ATOM   1276 N N   A LEU A 1 114 ? 2.350   4.038   -7.061  0.29 30.04  ?  123 LEU A N   1 
ATOM   1277 N N   B LEU A 1 114 ? 2.351   4.038   -7.060  0.28 30.08  ?  123 LEU A N   1 
ATOM   1278 N N   C LEU A 1 114 ? 2.652   3.864   -7.353  0.22 39.91  ?  123 LEU A N   1 
ATOM   1279 N N   D LEU A 1 114 ? 2.653   3.862   -7.353  0.21 39.98  ?  123 LEU A N   1 
ATOM   1280 C CA  A LEU A 1 114 ? 1.215   3.093   -6.913  0.29 31.96  ?  123 LEU A CA  1 
ATOM   1281 C CA  B LEU A 1 114 ? 1.215   3.093   -6.913  0.28 32.00  ?  123 LEU A CA  1 
ATOM   1282 C CA  C LEU A 1 114 ? 1.558   2.862   -7.270  0.22 41.99  ?  123 LEU A CA  1 
ATOM   1283 C CA  D LEU A 1 114 ? 1.559   2.861   -7.271  0.21 42.07  ?  123 LEU A CA  1 
ATOM   1284 C C   A LEU A 1 114 ? 0.340   3.153   -8.162  0.29 33.86  ?  123 LEU A C   1 
ATOM   1285 C C   B LEU A 1 114 ? 0.340   3.153   -8.163  0.28 33.90  ?  123 LEU A C   1 
ATOM   1286 C C   C LEU A 1 114 ? 0.636   2.987   -8.485  0.22 44.66  ?  123 LEU A C   1 
ATOM   1287 C C   D LEU A 1 114 ? 0.638   2.986   -8.486  0.21 44.72  ?  123 LEU A C   1 
ATOM   1288 O O   A LEU A 1 114 ? -0.192  4.242   -8.460  0.29 33.19  ?  123 LEU A O   1 
ATOM   1289 O O   B LEU A 1 114 ? -0.190  4.243   -8.461  0.28 33.19  ?  123 LEU A O   1 
ATOM   1290 O O   C LEU A 1 114 ? 0.173   4.111   -8.755  0.22 42.75  ?  123 LEU A O   1 
ATOM   1291 O O   D LEU A 1 114 ? 0.176   4.111   -8.757  0.21 42.83  ?  123 LEU A O   1 
ATOM   1292 C CB  A LEU A 1 114 ? 0.381   3.431   -5.673  0.29 33.08  ?  123 LEU A CB  1 
ATOM   1293 C CB  B LEU A 1 114 ? 0.382   3.431   -5.675  0.28 33.09  ?  123 LEU A CB  1 
ATOM   1294 C CB  C LEU A 1 114 ? 0.765   3.053   -5.977  0.22 42.70  ?  123 LEU A CB  1 
ATOM   1295 C CB  D LEU A 1 114 ? 0.766   3.052   -5.977  0.21 42.73  ?  123 LEU A CB  1 
ATOM   1296 C CG  A LEU A 1 114 ? -0.972  2.719   -5.609  0.29 34.52  ?  123 LEU A CG  1 
ATOM   1297 C CG  B LEU A 1 114 ? -0.972  2.719   -5.609  0.28 34.50  ?  123 LEU A CG  1 
ATOM   1298 C CG  C LEU A 1 114 ? -0.475  2.166   -5.865  0.22 43.59  ?  123 LEU A CG  1 
ATOM   1299 C CG  D LEU A 1 114 ? -0.475  2.166   -5.865  0.21 43.57  ?  123 LEU A CG  1 
ATOM   1300 C CD1 A LEU A 1 114 ? -0.793  1.225   -5.365  0.29 34.33  ?  123 LEU A CD1 1 
ATOM   1301 C CD1 B LEU A 1 114 ? -0.793  1.226   -5.365  0.28 34.33  ?  123 LEU A CD1 1 
ATOM   1302 C CD1 C LEU A 1 114 ? -0.100  0.765   -5.409  0.22 43.17  ?  123 LEU A CD1 1 
ATOM   1303 C CD1 D LEU A 1 114 ? -0.101  0.765   -5.409  0.21 43.18  ?  123 LEU A CD1 1 
ATOM   1304 C CD2 A LEU A 1 114 ? -1.872  3.343   -4.553  0.29 35.15  ?  123 LEU A CD2 1 
ATOM   1305 C CD2 B LEU A 1 114 ? -1.872  3.343   -4.552  0.28 35.12  ?  123 LEU A CD2 1 
ATOM   1306 C CD2 C LEU A 1 114 ? -1.507  2.781   -4.936  0.22 44.41  ?  123 LEU A CD2 1 
ATOM   1307 C CD2 D LEU A 1 114 ? -1.506  2.782   -4.937  0.21 44.36  ?  123 LEU A CD2 1 
ATOM   1308 N N   A ARG A 1 115 ? 0.167   2.012   -8.830  0.29 35.92  ?  124 ARG A N   1 
ATOM   1309 N N   B ARG A 1 115 ? 0.168   2.012   -8.831  0.28 36.04  ?  124 ARG A N   1 
ATOM   1310 N N   C ARG A 1 115 ? 0.374   1.866   -9.169  0.22 48.77  ?  124 ARG A N   1 
ATOM   1311 N N   D ARG A 1 115 ? 0.374   1.865   -9.169  0.21 48.87  ?  124 ARG A N   1 
ATOM   1312 C CA  A ARG A 1 115 ? -0.818  1.857   -9.929  0.29 43.13  ?  124 ARG A CA  1 
ATOM   1313 C CA  B ARG A 1 115 ? -0.818  1.857   -9.929  0.28 43.19  ?  124 ARG A CA  1 
ATOM   1314 C CA  C ARG A 1 115 ? -0.756  1.742   -10.127 0.22 53.73  ?  124 ARG A CA  1 
ATOM   1315 C CA  D ARG A 1 115 ? -0.757  1.741   -10.126 0.21 53.80  ?  124 ARG A CA  1 
ATOM   1316 C C   A ARG A 1 115 ? -2.220  1.982   -9.317  0.29 48.49  ?  124 ARG A C   1 
ATOM   1317 C C   B ARG A 1 115 ? -2.219  1.983   -9.316  0.28 48.48  ?  124 ARG A C   1 
ATOM   1318 C C   C ARG A 1 115 ? -2.048  1.583   -9.320  0.22 56.85  ?  124 ARG A C   1 
ATOM   1319 C C   D ARG A 1 115 ? -2.049  1.583   -9.321  0.21 56.81  ?  124 ARG A C   1 
ATOM   1320 O O   A ARG A 1 115 ? -2.652  1.041   -8.611  0.29 52.53  ?  124 ARG A O   1 
ATOM   1321 O O   B ARG A 1 115 ? -2.649  1.044   -8.607  0.28 52.45  ?  124 ARG A O   1 
ATOM   1322 O O   C ARG A 1 115 ? -2.197  0.542   -8.642  0.22 56.74  ?  124 ARG A O   1 
ATOM   1323 O O   D ARG A 1 115 ? -2.200  0.540   -8.645  0.21 56.72  ?  124 ARG A O   1 
ATOM   1324 C CB  A ARG A 1 115 ? -0.603  0.533   -10.666 0.29 46.97  ?  124 ARG A CB  1 
ATOM   1325 C CB  B ARG A 1 115 ? -0.605  0.533   -10.665 0.28 47.00  ?  124 ARG A CB  1 
ATOM   1326 C CB  C ARG A 1 115 ? -0.632  0.544   -11.073 0.22 57.62  ?  124 ARG A CB  1 
ATOM   1327 C CB  D ARG A 1 115 ? -0.632  0.543   -11.074 0.21 57.63  ?  124 ARG A CB  1 
ATOM   1328 C CG  A ARG A 1 115 ? -1.471  0.366   -11.905 0.29 51.26  ?  124 ARG A CG  1 
ATOM   1329 C CG  B ARG A 1 115 ? -1.472  0.365   -11.905 0.28 51.26  ?  124 ARG A CG  1 
ATOM   1330 C CG  C ARG A 1 115 ? -1.884  0.340   -11.919 0.22 61.27  ?  124 ARG A CG  1 
ATOM   1331 C CG  D ARG A 1 115 ? -1.884  0.340   -11.919 0.21 61.24  ?  124 ARG A CG  1 
ATOM   1332 C CD  A ARG A 1 115 ? -1.171  -0.938  -12.622 0.29 56.65  ?  124 ARG A CD  1 
ATOM   1333 C CD  B ARG A 1 115 ? -1.172  -0.938  -12.623 0.28 56.59  ?  124 ARG A CD  1 
ATOM   1334 C CD  C ARG A 1 115 ? -1.843  -0.795  -12.925 0.22 65.60  ?  124 ARG A CD  1 
ATOM   1335 C CD  D ARG A 1 115 ? -1.842  -0.795  -12.925 0.21 65.49  ?  124 ARG A CD  1 
ATOM   1336 N NE  A ARG A 1 115 ? 0.194   -0.971  -13.137 0.29 61.38  ?  124 ARG A NE  1 
ATOM   1337 N NE  B ARG A 1 115 ? 0.195   -0.971  -13.139 0.28 61.26  ?  124 ARG A NE  1 
ATOM   1338 N NE  C ARG A 1 115 ? -0.625  -0.786  -13.727 0.22 69.93  ?  124 ARG A NE  1 
ATOM   1339 N NE  D ARG A 1 115 ? -0.625  -0.786  -13.726 0.21 69.72  ?  124 ARG A NE  1 
ATOM   1340 C CZ  A ARG A 1 115 ? 0.791   -2.035  -13.676 0.29 65.48  ?  124 ARG A CZ  1 
ATOM   1341 C CZ  B ARG A 1 115 ? 0.790   -2.036  -13.676 0.28 65.33  ?  124 ARG A CZ  1 
ATOM   1342 C CZ  C ARG A 1 115 ? 0.372   -1.669  -13.633 0.22 72.48  ?  124 ARG A CZ  1 
ATOM   1343 C CZ  D ARG A 1 115 ? 0.372   -1.669  -13.633 0.21 72.25  ?  124 ARG A CZ  1 
ATOM   1344 N NH1 A ARG A 1 115 ? 0.148   -3.191  -13.775 0.29 64.30  ?  124 ARG A NH1 1 
ATOM   1345 N NH1 B ARG A 1 115 ? 0.148   -3.190  -13.774 0.28 64.22  ?  124 ARG A NH1 1 
ATOM   1346 N NH1 C ARG A 1 115 ? 0.313   -2.675  -12.773 0.22 72.12  ?  124 ARG A NH1 1 
ATOM   1347 N NH1 D ARG A 1 115 ? 0.313   -2.675  -12.773 0.21 71.96  ?  124 ARG A NH1 1 
ATOM   1348 N NH2 A ARG A 1 115 ? 2.035   -1.936  -14.118 0.29 64.34  ?  124 ARG A NH2 1 
ATOM   1349 N NH2 B ARG A 1 115 ? 2.035   -1.936  -14.118 0.28 64.26  ?  124 ARG A NH2 1 
ATOM   1350 N NH2 C ARG A 1 115 ? 1.433   -1.545  -14.416 0.22 71.64  ?  124 ARG A NH2 1 
ATOM   1351 N NH2 D ARG A 1 115 ? 1.433   -1.545  -14.416 0.21 71.51  ?  124 ARG A NH2 1 
ATOM   1352 N N   A LYS A 1 116 ? -2.860  3.136   -9.534  0.29 53.03  ?  125 LYS A N   1 
ATOM   1353 N N   B LYS A 1 116 ? -2.860  3.136   -9.535  0.28 52.97  ?  125 LYS A N   1 
ATOM   1354 N N   C LYS A 1 116 ? -2.935  2.580   -9.396  0.22 59.08  ?  125 LYS A N   1 
ATOM   1355 N N   D LYS A 1 116 ? -2.934  2.580   -9.395  0.21 59.02  ?  125 LYS A N   1 
ATOM   1356 C CA  A LYS A 1 116 ? -4.212  3.501   -9.048  0.29 54.78  ?  125 LYS A CA  1 
ATOM   1357 C CA  B LYS A 1 116 ? -4.212  3.501   -9.049  0.28 54.72  ?  125 LYS A CA  1 
ATOM   1358 C CA  C LYS A 1 116 ? -4.282  2.571   -8.775  0.22 60.70  ?  125 LYS A CA  1 
ATOM   1359 C CA  D LYS A 1 116 ? -4.282  2.571   -8.776  0.21 60.63  ?  125 LYS A CA  1 
ATOM   1360 C C   A LYS A 1 116 ? -5.209  3.401   -10.211 0.29 57.94  ?  125 LYS A C   1 
ATOM   1361 C C   B LYS A 1 116 ? -5.210  3.405   -10.212 0.28 57.83  ?  125 LYS A C   1 
ATOM   1362 C C   C LYS A 1 116 ? -5.286  1.921   -9.740  0.22 60.01  ?  125 LYS A C   1 
ATOM   1363 C C   D LYS A 1 116 ? -5.285  1.924   -9.744  0.21 60.01  ?  125 LYS A C   1 
ATOM   1364 O O   A LYS A 1 116 ? -4.813  3.200   -11.379 0.29 56.51  ?  125 LYS A O   1 
ATOM   1365 O O   B LYS A 1 116 ? -4.811  3.197   -11.380 0.28 56.47  ?  125 LYS A O   1 
ATOM   1366 O O   C LYS A 1 116 ? -4.950  1.570   -10.877 0.22 62.46  ?  125 LYS A O   1 
ATOM   1367 O O   D LYS A 1 116 ? -4.949  1.575   -10.880 0.21 62.37  ?  125 LYS A O   1 
ATOM   1368 C CB  A LYS A 1 116 ? -4.191  4.892   -8.459  0.29 53.17  ?  125 LYS A CB  1 
ATOM   1369 C CB  B LYS A 1 116 ? -4.191  4.891   -8.458  0.28 53.18  ?  125 LYS A CB  1 
ATOM   1370 C CB  C LYS A 1 116 ? -4.687  3.979   -8.410  0.22 61.68  ?  125 LYS A CB  1 
ATOM   1371 C CB  D LYS A 1 116 ? -4.686  3.979   -8.409  0.21 61.58  ?  125 LYS A CB  1 
HETATM 1372 C C1  C RMN B 2 .   ? -5.253  8.133   -4.997  0.23 45.36  ?  201 RMN A C1  1 
HETATM 1373 C C1  D RMN B 2 .   ? -5.252  8.134   -5.000  0.21 45.37  ?  201 RMN A C1  1 
HETATM 1374 C C2  C RMN B 2 .   ? -6.287  7.294   -5.499  0.23 45.40  ?  201 RMN A C2  1 
HETATM 1375 C C2  D RMN B 2 .   ? -6.284  7.294   -5.503  0.21 45.41  ?  201 RMN A C2  1 
HETATM 1376 C C3  C RMN B 2 .   ? -6.284  5.910   -5.289  0.23 46.21  ?  201 RMN A C3  1 
HETATM 1377 C C3  D RMN B 2 .   ? -6.280  5.909   -5.294  0.21 46.18  ?  201 RMN A C3  1 
HETATM 1378 C C4  C RMN B 2 .   ? -5.240  5.304   -4.578  0.23 44.75  ?  201 RMN A C4  1 
HETATM 1379 C C4  D RMN B 2 .   ? -5.238  5.304   -4.582  0.21 44.80  ?  201 RMN A C4  1 
HETATM 1380 C C5  C RMN B 2 .   ? -4.214  6.111   -4.083  0.23 44.40  ?  201 RMN A C5  1 
HETATM 1381 C C5  D RMN B 2 .   ? -4.212  6.111   -4.086  0.21 44.45  ?  201 RMN A C5  1 
HETATM 1382 C C6  C RMN B 2 .   ? -4.224  7.491   -4.293  0.23 43.95  ?  201 RMN A C6  1 
HETATM 1383 C C6  D RMN B 2 .   ? -4.223  7.491   -4.296  0.21 44.03  ?  201 RMN A C6  1 
HETATM 1384 C C7  C RMN B 2 .   ? -5.248  9.650   -5.218  0.23 45.60  ?  201 RMN A C7  1 
HETATM 1385 C C7  D RMN B 2 .   ? -5.248  9.650   -5.221  0.21 45.61  ?  201 RMN A C7  1 
HETATM 1386 C C10 C RMN B 2 .   ? -6.541  10.271  -5.879  0.23 45.85  ?  201 RMN A C10 1 
HETATM 1387 C C10 D RMN B 2 .   ? -6.542  10.273  -5.881  0.21 45.85  ?  201 RMN A C10 1 
HETATM 1388 O O8  C RMN B 2 .   ? -4.187  9.918   -6.097  0.23 45.32  ?  201 RMN A O8  1 
HETATM 1389 O O8  D RMN B 2 .   ? -4.188  9.920   -6.103  0.21 45.36  ?  201 RMN A O8  1 
HETATM 1390 O O11 C RMN B 2 .   ? -7.300  10.977  -5.248  0.23 44.10  -1 201 RMN A O11 1 
HETATM 1391 O O11 D RMN B 2 .   ? -7.297  10.982  -5.250  0.21 44.20  -1 201 RMN A O11 1 
HETATM 1392 O O12 C RMN B 2 .   ? -6.692  9.942   -7.105  0.23 46.64  ?  201 RMN A O12 1 
HETATM 1393 O O12 D RMN B 2 .   ? -6.698  9.940   -7.105  0.21 46.63  ?  201 RMN A O12 1 
HETATM 1394 O O   . HOH C 3 .   ? -9.445  -16.904 -0.423  1.00 41.38  ?  301 HOH A O   1 
HETATM 1395 O O   . HOH C 3 .   ? 10.273  -5.874  -13.342 0.50 72.90  ?  302 HOH A O   1 
HETATM 1396 O O   . HOH C 3 .   ? 2.235   -8.701  17.849  1.00 47.94  ?  303 HOH A O   1 
HETATM 1397 O O   . HOH C 3 .   ? 4.929   9.899   8.214   0.50 40.12  ?  304 HOH A O   1 
HETATM 1398 O O   . HOH C 3 .   ? 9.830   -0.581  -10.474 1.00 47.56  ?  305 HOH A O   1 
HETATM 1399 O O   . HOH C 3 .   ? 0.666   -16.473 4.017   1.00 56.63  ?  306 HOH A O   1 
HETATM 1400 O O   . HOH C 3 .   ? -8.519  -6.418  10.097  1.00 35.47  ?  307 HOH A O   1 
HETATM 1401 O O   A HOH C 3 .   ? -5.472  1.030   -7.126  0.29 37.60  ?  308 HOH A O   1 
HETATM 1402 O O   B HOH C 3 .   ? -5.472  1.028   -7.131  0.28 37.64  ?  308 HOH A O   1 
HETATM 1403 O O   . HOH C 3 .   ? 9.034   -6.084  9.592   1.00 40.64  ?  309 HOH A O   1 
HETATM 1404 O O   . HOH C 3 .   ? 8.310   -5.461  11.832  1.00 36.18  ?  310 HOH A O   1 
HETATM 1405 O O   . HOH C 3 .   ? -14.184 -10.194 -1.185  1.00 41.40  ?  311 HOH A O   1 
HETATM 1406 O O   . HOH C 3 .   ? 4.178   9.909   3.868   1.00 62.36  ?  312 HOH A O   1 
HETATM 1407 O O   . HOH C 3 .   ? 9.957   -2.316  1.758   1.00 44.73  ?  313 HOH A O   1 
HETATM 1408 O O   . HOH C 3 .   ? -2.334  -15.395 13.544  1.00 45.79  ?  314 HOH A O   1 
HETATM 1409 O O   . HOH C 3 .   ? -2.632  -13.805 10.370  1.00 34.42  ?  315 HOH A O   1 
HETATM 1410 O O   . HOH C 3 .   ? 11.499  2.361   -3.088  1.00 50.26  ?  316 HOH A O   1 
HETATM 1411 O O   . HOH C 3 .   ? 2.059   -14.833 1.480   1.00 49.49  ?  317 HOH A O   1 
HETATM 1412 O O   . HOH C 3 .   ? 8.866   11.287  -15.085 1.00 52.34  ?  318 HOH A O   1 
HETATM 1413 O O   . HOH C 3 .   ? -0.225  -14.245 -6.773  1.00 37.51  ?  319 HOH A O   1 
HETATM 1414 O O   . HOH C 3 .   ? -5.520  12.335  6.466   1.00 46.59  ?  320 HOH A O   1 
HETATM 1415 O O   . HOH C 3 .   ? -13.584 -1.303  7.176   1.00 40.94  ?  321 HOH A O   1 
HETATM 1416 O O   . HOH C 3 .   ? -2.545  0.832   12.906  1.00 22.38  ?  322 HOH A O   1 
HETATM 1417 O O   . HOH C 3 .   ? -12.282 -3.663  -3.792  1.00 38.89  ?  323 HOH A O   1 
HETATM 1418 O O   C HOH C 3 .   ? 13.433  -5.819  7.349   0.23 38.56  ?  324 HOH A O   1 
HETATM 1419 O O   D HOH C 3 .   ? 13.442  -5.813  7.349   0.21 38.54  ?  324 HOH A O   1 
HETATM 1420 O O   . HOH C 3 .   ? 0.985   7.895   6.647   1.00 39.92  ?  325 HOH A O   1 
HETATM 1421 O O   . HOH C 3 .   ? -3.054  -6.043  5.296   1.00 22.18  ?  326 HOH A O   1 
HETATM 1422 O O   . HOH C 3 .   ? 8.531   -7.051  2.797   1.00 37.45  ?  327 HOH A O   1 
HETATM 1423 O O   . HOH C 3 .   ? 0.146   6.718   3.762   1.00 29.01  ?  328 HOH A O   1 
HETATM 1424 O O   . HOH C 3 .   ? -3.175  -16.646 3.902   1.00 36.97  ?  329 HOH A O   1 
HETATM 1425 O O   . HOH C 3 .   ? 8.507   -3.293  9.109   1.00 26.84  ?  330 HOH A O   1 
HETATM 1426 O O   . HOH C 3 .   ? -16.771 -6.361  11.093  1.00 37.92  ?  331 HOH A O   1 
HETATM 1427 O O   . HOH C 3 .   ? -5.882  -6.007  5.431   1.00 22.98  ?  332 HOH A O   1 
HETATM 1428 O O   . HOH C 3 .   ? -16.072 -7.137  4.107   1.00 35.30  ?  333 HOH A O   1 
HETATM 1429 O O   . HOH C 3 .   ? -2.958  -5.679  -8.881  1.00 55.69  ?  334 HOH A O   1 
HETATM 1430 O O   . HOH C 3 .   ? 6.685   1.423   14.108  1.00 28.01  ?  335 HOH A O   1 
HETATM 1431 O O   . HOH C 3 .   ? -13.412 7.008   -2.405  1.00 54.39  ?  336 HOH A O   1 
HETATM 1432 O O   . HOH C 3 .   ? 10.667  9.794   1.743   1.00 53.27  ?  337 HOH A O   1 
HETATM 1433 O O   . HOH C 3 .   ? -3.147  -7.367  7.650   1.00 23.34  ?  338 HOH A O   1 
HETATM 1434 O O   . HOH C 3 .   ? -0.185  7.427   1.070   1.00 36.02  ?  339 HOH A O   1 
HETATM 1435 O O   . HOH C 3 .   ? -17.421 -9.276  -6.154  1.00 50.67  ?  340 HOH A O   1 
HETATM 1436 O O   . HOH C 3 .   ? 5.573   -13.555 7.974   1.00 36.22  ?  341 HOH A O   1 
HETATM 1437 O O   . HOH C 3 .   ? 11.485  -2.642  8.772   1.00 35.76  ?  342 HOH A O   1 
HETATM 1438 O O   . HOH C 3 .   ? -0.120  -3.190  18.866  1.00 42.22  ?  343 HOH A O   1 
HETATM 1439 O O   . HOH C 3 .   ? 12.304  4.208   -0.796  1.00 42.85  ?  344 HOH A O   1 
HETATM 1440 O O   . HOH C 3 .   ? -15.387 -0.860  4.344   1.00 41.54  ?  345 HOH A O   1 
HETATM 1441 O O   . HOH C 3 .   ? 2.194   1.931   18.676  1.00 43.21  ?  346 HOH A O   1 
HETATM 1442 O O   . HOH C 3 .   ? 1.899   10.037  16.901  1.00 50.53  ?  347 HOH A O   1 
HETATM 1443 O O   . HOH C 3 .   ? 11.974  4.995   14.500  1.00 34.84  ?  348 HOH A O   1 
HETATM 1444 O O   . HOH C 3 .   ? -6.752  -13.069 10.635  1.00 44.97  ?  349 HOH A O   1 
HETATM 1445 O O   . HOH C 3 .   ? -7.642  -7.613  7.822   1.00 27.59  ?  350 HOH A O   1 
HETATM 1446 O O   . HOH C 3 .   ? 7.406   -11.875 -2.913  1.00 40.37  ?  351 HOH A O   1 
HETATM 1447 O O   . HOH C 3 .   ? 2.086   11.439  -8.054  1.00 44.28  ?  352 HOH A O   1 
HETATM 1448 O O   . HOH C 3 .   ? -11.253 4.583   4.920   1.00 48.18  ?  353 HOH A O   1 
HETATM 1449 O O   . HOH C 3 .   ? 9.624   3.291   15.602  1.00 41.89  ?  354 HOH A O   1 
HETATM 1450 O O   . HOH C 3 .   ? -13.070 -12.401 0.781   1.00 36.77  ?  355 HOH A O   1 
HETATM 1451 O O   . HOH C 3 .   ? 6.760   10.869  -2.186  1.00 48.27  ?  356 HOH A O   1 
HETATM 1452 O O   . HOH C 3 .   ? 13.758  5.870   5.018   1.00 42.57  ?  357 HOH A O   1 
HETATM 1453 O O   . HOH C 3 .   ? -5.716  5.404   9.612   1.00 51.80  ?  358 HOH A O   1 
HETATM 1454 O O   A HOH C 3 .   ? -2.820  -1.610  -7.466  0.29 26.28  ?  359 HOH A O   1 
HETATM 1455 O O   B HOH C 3 .   ? -2.819  -1.605  -7.456  0.28 26.12  ?  359 HOH A O   1 
HETATM 1456 O O   C HOH C 3 .   ? -2.664  -1.906  -7.539  0.22 24.85  ?  359 HOH A O   1 
HETATM 1457 O O   D HOH C 3 .   ? -2.652  -1.918  -7.535  0.21 24.47  ?  359 HOH A O   1 
HETATM 1458 O O   . HOH C 3 .   ? 2.422   -5.840  20.075  1.00 47.98  ?  360 HOH A O   1 
HETATM 1459 O O   . HOH C 3 .   ? -6.011  -4.668  15.181  1.00 35.25  ?  361 HOH A O   1 
HETATM 1460 O O   . HOH C 3 .   ? 5.194   3.747   17.387  1.00 34.67  ?  362 HOH A O   1 
HETATM 1461 O O   . HOH C 3 .   ? 3.458   -10.847 21.643  1.00 33.73  ?  363 HOH A O   1 
HETATM 1462 O O   . HOH C 3 .   ? 3.352   -11.592 19.345  1.00 48.35  ?  364 HOH A O   1 
HETATM 1463 O O   . HOH C 3 .   ? 3.555   10.572  0.160   1.00 51.23  ?  365 HOH A O   1 
HETATM 1464 O O   . HOH C 3 .   ? 4.218   -12.602 -6.325  1.00 46.44  ?  366 HOH A O   1 
HETATM 1465 O O   A HOH C 3 .   ? -7.907  -22.206 0.884   0.50 49.78  ?  367 HOH A O   1 
HETATM 1466 O O   B HOH C 3 .   ? -7.907  -22.206 0.884   0.50 49.78  ?  367 HOH A O   1 
HETATM 1467 O O   . HOH C 3 .   ? 0.633   -9.094  -13.616 1.00 53.58  ?  368 HOH A O   1 
HETATM 1468 O O   . HOH C 3 .   ? -3.721  -14.643 -9.333  1.00 61.40  ?  369 HOH A O   1 
HETATM 1469 O O   . HOH C 3 .   ? 8.120   -5.185  15.859  1.00 26.48  ?  370 HOH A O   1 
HETATM 1470 O O   . HOH C 3 .   ? 2.015   -13.187 -7.686  1.00 41.52  ?  371 HOH A O   1 
HETATM 1471 O O   . HOH C 3 .   ? 8.275   -5.063  -15.641 0.50 50.45  ?  372 HOH A O   1 
HETATM 1472 O O   . HOH C 3 .   ? -16.907 -10.850 -0.078  1.00 55.42  ?  373 HOH A O   1 
HETATM 1473 O O   A HOH C 3 .   ? -5.259  4.213   -4.408  0.29 54.82  ?  374 HOH A O   1 
HETATM 1474 O O   B HOH C 3 .   ? -5.261  4.217   -4.403  0.28 54.84  ?  374 HOH A O   1 
HETATM 1475 O O   . HOH C 3 .   ? -7.831  -4.509  14.443  1.00 46.82  ?  375 HOH A O   1 
HETATM 1476 O O   . HOH C 3 .   ? 1.735   8.884   4.255   1.00 49.01  ?  376 HOH A O   1 
HETATM 1477 O O   . HOH C 3 .   ? 5.620   -16.475 9.139   1.00 56.21  ?  377 HOH A O   1 
HETATM 1478 O O   . HOH C 3 .   ? -1.215  8.938   10.944  1.00 48.58  ?  378 HOH A O   1 
HETATM 1479 O O   . HOH C 3 .   ? 1.031   -17.592 0.055   1.00 44.05  ?  379 HOH A O   1 
HETATM 1480 O O   . HOH C 3 .   ? -14.408 -13.095 3.081   1.00 52.73  ?  380 HOH A O   1 
HETATM 1481 O O   . HOH C 3 .   ? -12.731 -14.274 -1.446  1.00 54.65  ?  381 HOH A O   1 
HETATM 1482 O O   . HOH C 3 .   ? -2.338  -4.386  19.579  1.00 57.16  ?  382 HOH A O   1 
# 
